data_1KDQ
# 
_entry.id   1KDQ 
# 
_audit_conform.dict_name       mmcif_pdbx.dic 
_audit_conform.dict_version    5.398 
_audit_conform.dict_location   http://mmcif.pdb.org/dictionaries/ascii/mmcif_pdbx.dic 
# 
loop_
_database_2.database_id 
_database_2.database_code 
_database_2.pdbx_database_accession 
_database_2.pdbx_DOI 
PDB   1KDQ         pdb_00001kdq 10.2210/pdb1kdq/pdb 
RCSB  RCSB014843   ?            ?                   
WWPDB D_1000014843 ?            ?                   
# 
loop_
_pdbx_audit_revision_history.ordinal 
_pdbx_audit_revision_history.data_content_type 
_pdbx_audit_revision_history.major_revision 
_pdbx_audit_revision_history.minor_revision 
_pdbx_audit_revision_history.revision_date 
1 'Structure model' 1 0 2003-06-10 
2 'Structure model' 1 1 2008-04-27 
3 'Structure model' 1 2 2011-07-13 
4 'Structure model' 1 3 2018-04-04 
5 'Structure model' 1 4 2021-10-27 
6 'Structure model' 1 5 2024-10-30 
# 
_pdbx_audit_revision_details.ordinal             1 
_pdbx_audit_revision_details.revision_ordinal    1 
_pdbx_audit_revision_details.data_content_type   'Structure model' 
_pdbx_audit_revision_details.provider            repository 
_pdbx_audit_revision_details.type                'Initial release' 
_pdbx_audit_revision_details.description         ? 
_pdbx_audit_revision_details.details             ? 
# 
loop_
_pdbx_audit_revision_group.ordinal 
_pdbx_audit_revision_group.revision_ordinal 
_pdbx_audit_revision_group.data_content_type 
_pdbx_audit_revision_group.group 
1 2 'Structure model' 'Version format compliance' 
2 3 'Structure model' 'Version format compliance' 
3 4 'Structure model' 'Data collection'           
4 5 'Structure model' 'Database references'       
5 5 'Structure model' 'Derived calculations'      
6 6 'Structure model' 'Data collection'           
7 6 'Structure model' 'Structure summary'         
# 
loop_
_pdbx_audit_revision_category.ordinal 
_pdbx_audit_revision_category.revision_ordinal 
_pdbx_audit_revision_category.data_content_type 
_pdbx_audit_revision_category.category 
1  4 'Structure model' diffrn_source             
2  5 'Structure model' database_2                
3  5 'Structure model' pdbx_struct_conn_angle    
4  5 'Structure model' struct_conn               
5  5 'Structure model' struct_ref_seq_dif        
6  5 'Structure model' struct_site               
7  6 'Structure model' chem_comp_atom            
8  6 'Structure model' chem_comp_bond            
9  6 'Structure model' pdbx_entry_details        
10 6 'Structure model' pdbx_modification_feature 
# 
loop_
_pdbx_audit_revision_item.ordinal 
_pdbx_audit_revision_item.revision_ordinal 
_pdbx_audit_revision_item.data_content_type 
_pdbx_audit_revision_item.item 
1  4 'Structure model' '_diffrn_source.type'                         
2  5 'Structure model' '_database_2.pdbx_DOI'                        
3  5 'Structure model' '_database_2.pdbx_database_accession'         
4  5 'Structure model' '_pdbx_struct_conn_angle.ptnr1_auth_comp_id'  
5  5 'Structure model' '_pdbx_struct_conn_angle.ptnr1_auth_seq_id'   
6  5 'Structure model' '_pdbx_struct_conn_angle.ptnr1_label_atom_id' 
7  5 'Structure model' '_pdbx_struct_conn_angle.ptnr1_label_comp_id' 
8  5 'Structure model' '_pdbx_struct_conn_angle.ptnr1_label_seq_id'  
9  5 'Structure model' '_pdbx_struct_conn_angle.ptnr3_auth_comp_id'  
10 5 'Structure model' '_pdbx_struct_conn_angle.ptnr3_auth_seq_id'   
11 5 'Structure model' '_pdbx_struct_conn_angle.ptnr3_label_atom_id' 
12 5 'Structure model' '_pdbx_struct_conn_angle.ptnr3_label_comp_id' 
13 5 'Structure model' '_pdbx_struct_conn_angle.ptnr3_label_seq_id'  
14 5 'Structure model' '_pdbx_struct_conn_angle.value'               
15 5 'Structure model' '_struct_conn.pdbx_dist_value'                
16 5 'Structure model' '_struct_conn.ptnr1_auth_comp_id'             
17 5 'Structure model' '_struct_conn.ptnr1_auth_seq_id'              
18 5 'Structure model' '_struct_conn.ptnr1_label_asym_id'            
19 5 'Structure model' '_struct_conn.ptnr1_label_atom_id'            
20 5 'Structure model' '_struct_conn.ptnr1_label_comp_id'            
21 5 'Structure model' '_struct_conn.ptnr1_label_seq_id'             
22 5 'Structure model' '_struct_conn.ptnr2_auth_comp_id'             
23 5 'Structure model' '_struct_conn.ptnr2_auth_seq_id'              
24 5 'Structure model' '_struct_conn.ptnr2_label_asym_id'            
25 5 'Structure model' '_struct_conn.ptnr2_label_atom_id'            
26 5 'Structure model' '_struct_conn.ptnr2_label_comp_id'            
27 5 'Structure model' '_struct_conn.ptnr2_label_seq_id'             
28 5 'Structure model' '_struct_ref_seq_dif.details'                 
29 5 'Structure model' '_struct_site.pdbx_auth_asym_id'              
30 5 'Structure model' '_struct_site.pdbx_auth_comp_id'              
31 5 'Structure model' '_struct_site.pdbx_auth_seq_id'               
# 
_pdbx_database_status.status_code                     REL 
_pdbx_database_status.entry_id                        1KDQ 
_pdbx_database_status.recvd_initial_deposition_date   2001-11-13 
_pdbx_database_status.deposit_site                    RCSB 
_pdbx_database_status.process_site                    RCSB 
_pdbx_database_status.status_code_sf                  REL 
_pdbx_database_status.SG_entry                        . 
_pdbx_database_status.pdb_format_compatible           Y 
_pdbx_database_status.status_code_mr                  ? 
_pdbx_database_status.status_code_cs                  ? 
_pdbx_database_status.methods_development_category    ? 
_pdbx_database_status.status_code_nmr_data            ? 
# 
loop_
_audit_author.name 
_audit_author.pdbx_ordinal 
'Szabo, E.'       1 
'Bocskei, Z.'     2 
'Naray-Szabo, G.' 3 
'Graf, L.'        4 
'Venekei, I.'     5 
# 
_citation.id                        primary 
_citation.title                     
;Three Dimensional Structures of S189D Chymotrypsin and D189S Trypsin Mutants: The Effect of Polarity at Site 189 on a Protease-specific Stabilization of 
         the Substrate-binding Site
;
_citation.journal_abbrev            J.Mol.Biol. 
_citation.journal_volume            331 
_citation.page_first                1121 
_citation.page_last                 1130 
_citation.year                      2003 
_citation.journal_id_ASTM           JMOBAK 
_citation.country                   UK 
_citation.journal_id_ISSN           0022-2836 
_citation.journal_id_CSD            0070 
_citation.book_publisher            ? 
_citation.pdbx_database_id_PubMed   12927546 
_citation.pdbx_database_id_DOI      '10.1016/S0022-2836(03)00849-0' 
# 
loop_
_citation_author.citation_id 
_citation_author.name 
_citation_author.ordinal 
_citation_author.identifier_ORCID 
primary 'Szabo, E.'       1 ? 
primary 'Venekei, I.'     2 ? 
primary 'Bocskei, Z.'     3 ? 
primary 'Naray-Szabo, G.' 4 ? 
primary 'Graf, L.'        5 ? 
# 
loop_
_entity.id 
_entity.type 
_entity.src_method 
_entity.pdbx_description 
_entity.formula_weight 
_entity.pdbx_number_of_molecules 
_entity.pdbx_ec 
_entity.pdbx_mutation 
_entity.pdbx_fragment 
_entity.details 
1 polymer     man 'CHYMOTRYPSIN B, B CHAIN' 14190.851 1  3.4.21.1 C122S ? ? 
2 polymer     man 'CHYMOTRYPSIN B, C CHAIN' 10267.728 1  3.4.21.1 S189D ? ? 
3 non-polymer syn 'CALCIUM ION'             40.078    1  ?        ?     ? ? 
4 water       nat water                     18.015    16 ?        ?     ? ? 
# 
loop_
_entity_poly.entity_id 
_entity_poly.type 
_entity_poly.nstd_linkage 
_entity_poly.nstd_monomer 
_entity_poly.pdbx_seq_one_letter_code 
_entity_poly.pdbx_seq_one_letter_code_can 
_entity_poly.pdbx_strand_id 
_entity_poly.pdbx_target_identifier 
1 'polypeptide(L)' no no 
;IVNGEDAIPGSWPWQVSLQDKTGFHFCGGSLISEDWVVTAAHCGVKTSDVVVAGEFDQGSDEENIQVLKIAQVFKNPKFN
MFTVRNDITLLKLATPAQFSETVSAVSLPNVDDDFPPGTVCATTGWGKTKY
;
;IVNGEDAIPGSWPWQVSLQDKTGFHFCGGSLISEDWVVTAAHCGVKTSDVVVAGEFDQGSDEENIQVLKIAQVFKNPKFN
MFTVRNDITLLKLATPAQFSETVSAVSLPNVDDDFPPGTVCATTGWGKTKY
;
A ? 
2 'polypeptide(L)' no no 
;NALKTPEKLQQAALPIVSEADCKKSWGSKITDVMTCAGASGVDSCMGDSGGPLVCQKDGVWTLAGIVSWGSGVCSTSTPA
VYSRVTALMPWVQQILEAN
;
;NALKTPEKLQQAALPIVSEADCKKSWGSKITDVMTCAGASGVDSCMGDSGGPLVCQKDGVWTLAGIVSWGSGVCSTSTPA
VYSRVTALMPWVQQILEAN
;
B ? 
# 
loop_
_pdbx_entity_nonpoly.entity_id 
_pdbx_entity_nonpoly.name 
_pdbx_entity_nonpoly.comp_id 
3 'CALCIUM ION' CA  
4 water         HOH 
# 
loop_
_entity_poly_seq.entity_id 
_entity_poly_seq.num 
_entity_poly_seq.mon_id 
_entity_poly_seq.hetero 
1 1   ILE n 
1 2   VAL n 
1 3   ASN n 
1 4   GLY n 
1 5   GLU n 
1 6   ASP n 
1 7   ALA n 
1 8   ILE n 
1 9   PRO n 
1 10  GLY n 
1 11  SER n 
1 12  TRP n 
1 13  PRO n 
1 14  TRP n 
1 15  GLN n 
1 16  VAL n 
1 17  SER n 
1 18  LEU n 
1 19  GLN n 
1 20  ASP n 
1 21  LYS n 
1 22  THR n 
1 23  GLY n 
1 24  PHE n 
1 25  HIS n 
1 26  PHE n 
1 27  CYS n 
1 28  GLY n 
1 29  GLY n 
1 30  SER n 
1 31  LEU n 
1 32  ILE n 
1 33  SER n 
1 34  GLU n 
1 35  ASP n 
1 36  TRP n 
1 37  VAL n 
1 38  VAL n 
1 39  THR n 
1 40  ALA n 
1 41  ALA n 
1 42  HIS n 
1 43  CYS n 
1 44  GLY n 
1 45  VAL n 
1 46  LYS n 
1 47  THR n 
1 48  SER n 
1 49  ASP n 
1 50  VAL n 
1 51  VAL n 
1 52  VAL n 
1 53  ALA n 
1 54  GLY n 
1 55  GLU n 
1 56  PHE n 
1 57  ASP n 
1 58  GLN n 
1 59  GLY n 
1 60  SER n 
1 61  ASP n 
1 62  GLU n 
1 63  GLU n 
1 64  ASN n 
1 65  ILE n 
1 66  GLN n 
1 67  VAL n 
1 68  LEU n 
1 69  LYS n 
1 70  ILE n 
1 71  ALA n 
1 72  GLN n 
1 73  VAL n 
1 74  PHE n 
1 75  LYS n 
1 76  ASN n 
1 77  PRO n 
1 78  LYS n 
1 79  PHE n 
1 80  ASN n 
1 81  MET n 
1 82  PHE n 
1 83  THR n 
1 84  VAL n 
1 85  ARG n 
1 86  ASN n 
1 87  ASP n 
1 88  ILE n 
1 89  THR n 
1 90  LEU n 
1 91  LEU n 
1 92  LYS n 
1 93  LEU n 
1 94  ALA n 
1 95  THR n 
1 96  PRO n 
1 97  ALA n 
1 98  GLN n 
1 99  PHE n 
1 100 SER n 
1 101 GLU n 
1 102 THR n 
1 103 VAL n 
1 104 SER n 
1 105 ALA n 
1 106 VAL n 
1 107 SER n 
1 108 LEU n 
1 109 PRO n 
1 110 ASN n 
1 111 VAL n 
1 112 ASP n 
1 113 ASP n 
1 114 ASP n 
1 115 PHE n 
1 116 PRO n 
1 117 PRO n 
1 118 GLY n 
1 119 THR n 
1 120 VAL n 
1 121 CYS n 
1 122 ALA n 
1 123 THR n 
1 124 THR n 
1 125 GLY n 
1 126 TRP n 
1 127 GLY n 
1 128 LYS n 
1 129 THR n 
1 130 LYS n 
1 131 TYR n 
2 1   ASN n 
2 2   ALA n 
2 3   LEU n 
2 4   LYS n 
2 5   THR n 
2 6   PRO n 
2 7   GLU n 
2 8   LYS n 
2 9   LEU n 
2 10  GLN n 
2 11  GLN n 
2 12  ALA n 
2 13  ALA n 
2 14  LEU n 
2 15  PRO n 
2 16  ILE n 
2 17  VAL n 
2 18  SER n 
2 19  GLU n 
2 20  ALA n 
2 21  ASP n 
2 22  CYS n 
2 23  LYS n 
2 24  LYS n 
2 25  SER n 
2 26  TRP n 
2 27  GLY n 
2 28  SER n 
2 29  LYS n 
2 30  ILE n 
2 31  THR n 
2 32  ASP n 
2 33  VAL n 
2 34  MET n 
2 35  THR n 
2 36  CYS n 
2 37  ALA n 
2 38  GLY n 
2 39  ALA n 
2 40  SER n 
2 41  GLY n 
2 42  VAL n 
2 43  ASP n 
2 44  SER n 
2 45  CYS n 
2 46  MET n 
2 47  GLY n 
2 48  ASP n 
2 49  SER n 
2 50  GLY n 
2 51  GLY n 
2 52  PRO n 
2 53  LEU n 
2 54  VAL n 
2 55  CYS n 
2 56  GLN n 
2 57  LYS n 
2 58  ASP n 
2 59  GLY n 
2 60  VAL n 
2 61  TRP n 
2 62  THR n 
2 63  LEU n 
2 64  ALA n 
2 65  GLY n 
2 66  ILE n 
2 67  VAL n 
2 68  SER n 
2 69  TRP n 
2 70  GLY n 
2 71  SER n 
2 72  GLY n 
2 73  VAL n 
2 74  CYS n 
2 75  SER n 
2 76  THR n 
2 77  SER n 
2 78  THR n 
2 79  PRO n 
2 80  ALA n 
2 81  VAL n 
2 82  TYR n 
2 83  SER n 
2 84  ARG n 
2 85  VAL n 
2 86  THR n 
2 87  ALA n 
2 88  LEU n 
2 89  MET n 
2 90  PRO n 
2 91  TRP n 
2 92  VAL n 
2 93  GLN n 
2 94  GLN n 
2 95  ILE n 
2 96  LEU n 
2 97  GLU n 
2 98  ALA n 
2 99  ASN n 
# 
loop_
_entity_src_gen.entity_id 
_entity_src_gen.pdbx_src_id 
_entity_src_gen.pdbx_alt_source_flag 
_entity_src_gen.pdbx_seq_type 
_entity_src_gen.pdbx_beg_seq_num 
_entity_src_gen.pdbx_end_seq_num 
_entity_src_gen.gene_src_common_name 
_entity_src_gen.gene_src_genus 
_entity_src_gen.pdbx_gene_src_gene 
_entity_src_gen.gene_src_species 
_entity_src_gen.gene_src_strain 
_entity_src_gen.gene_src_tissue 
_entity_src_gen.gene_src_tissue_fraction 
_entity_src_gen.gene_src_details 
_entity_src_gen.pdbx_gene_src_fragment 
_entity_src_gen.pdbx_gene_src_scientific_name 
_entity_src_gen.pdbx_gene_src_ncbi_taxonomy_id 
_entity_src_gen.pdbx_gene_src_variant 
_entity_src_gen.pdbx_gene_src_cell_line 
_entity_src_gen.pdbx_gene_src_atcc 
_entity_src_gen.pdbx_gene_src_organ 
_entity_src_gen.pdbx_gene_src_organelle 
_entity_src_gen.pdbx_gene_src_cell 
_entity_src_gen.pdbx_gene_src_cellular_location 
_entity_src_gen.host_org_common_name 
_entity_src_gen.pdbx_host_org_scientific_name 
_entity_src_gen.pdbx_host_org_ncbi_taxonomy_id 
_entity_src_gen.host_org_genus 
_entity_src_gen.pdbx_host_org_gene 
_entity_src_gen.pdbx_host_org_organ 
_entity_src_gen.host_org_species 
_entity_src_gen.pdbx_host_org_tissue 
_entity_src_gen.pdbx_host_org_tissue_fraction 
_entity_src_gen.pdbx_host_org_strain 
_entity_src_gen.pdbx_host_org_variant 
_entity_src_gen.pdbx_host_org_cell_line 
_entity_src_gen.pdbx_host_org_atcc 
_entity_src_gen.pdbx_host_org_culture_collection 
_entity_src_gen.pdbx_host_org_cell 
_entity_src_gen.pdbx_host_org_organelle 
_entity_src_gen.pdbx_host_org_cellular_location 
_entity_src_gen.pdbx_host_org_vector_type 
_entity_src_gen.pdbx_host_org_vector 
_entity_src_gen.host_org_details 
_entity_src_gen.expression_system_id 
_entity_src_gen.plasmid_name 
_entity_src_gen.plasmid_details 
_entity_src_gen.pdbx_description 
1 1 sample ? ? ? 'Norway rat' Rattus ? ? ? ? ? ? ? 'Rattus norvegicus' 10116 ? ? ? ? ? ? ? 
;baker's yeast
;
'Saccharomyces cerevisiae' 4932 Saccharomyces ? ? ? ? ? GRF182 ? ? ? ? ? ? ? PLASMID ? ? ? pMP51 ? ? 
2 1 sample ? ? ? 'Norway rat' Rattus ? ? ? ? ? ? ? 'Rattus norvegicus' 10116 ? ? ? ? ? ? ? 
;baker's yeast
;
'Saccharomyces cerevisiae' 4932 Saccharomyces ? ? ? ? ? GRF182 ? ? ? ? ? ? ? PLASMID ? ? ? pMP51 ? ? 
# 
loop_
_chem_comp.id 
_chem_comp.type 
_chem_comp.mon_nstd_flag 
_chem_comp.name 
_chem_comp.pdbx_synonyms 
_chem_comp.formula 
_chem_comp.formula_weight 
ALA 'L-peptide linking' y ALANINE         ? 'C3 H7 N O2'     89.093  
ARG 'L-peptide linking' y ARGININE        ? 'C6 H15 N4 O2 1' 175.209 
ASN 'L-peptide linking' y ASPARAGINE      ? 'C4 H8 N2 O3'    132.118 
ASP 'L-peptide linking' y 'ASPARTIC ACID' ? 'C4 H7 N O4'     133.103 
CA  non-polymer         . 'CALCIUM ION'   ? 'Ca 2'           40.078  
CYS 'L-peptide linking' y CYSTEINE        ? 'C3 H7 N O2 S'   121.158 
GLN 'L-peptide linking' y GLUTAMINE       ? 'C5 H10 N2 O3'   146.144 
GLU 'L-peptide linking' y 'GLUTAMIC ACID' ? 'C5 H9 N O4'     147.129 
GLY 'peptide linking'   y GLYCINE         ? 'C2 H5 N O2'     75.067  
HIS 'L-peptide linking' y HISTIDINE       ? 'C6 H10 N3 O2 1' 156.162 
HOH non-polymer         . WATER           ? 'H2 O'           18.015  
ILE 'L-peptide linking' y ISOLEUCINE      ? 'C6 H13 N O2'    131.173 
LEU 'L-peptide linking' y LEUCINE         ? 'C6 H13 N O2'    131.173 
LYS 'L-peptide linking' y LYSINE          ? 'C6 H15 N2 O2 1' 147.195 
MET 'L-peptide linking' y METHIONINE      ? 'C5 H11 N O2 S'  149.211 
PHE 'L-peptide linking' y PHENYLALANINE   ? 'C9 H11 N O2'    165.189 
PRO 'L-peptide linking' y PROLINE         ? 'C5 H9 N O2'     115.130 
SER 'L-peptide linking' y SERINE          ? 'C3 H7 N O3'     105.093 
THR 'L-peptide linking' y THREONINE       ? 'C4 H9 N O3'     119.119 
TRP 'L-peptide linking' y TRYPTOPHAN      ? 'C11 H12 N2 O2'  204.225 
TYR 'L-peptide linking' y TYROSINE        ? 'C9 H11 N O3'    181.189 
VAL 'L-peptide linking' y VALINE          ? 'C5 H11 N O2'    117.146 
# 
loop_
_pdbx_poly_seq_scheme.asym_id 
_pdbx_poly_seq_scheme.entity_id 
_pdbx_poly_seq_scheme.seq_id 
_pdbx_poly_seq_scheme.mon_id 
_pdbx_poly_seq_scheme.ndb_seq_num 
_pdbx_poly_seq_scheme.pdb_seq_num 
_pdbx_poly_seq_scheme.auth_seq_num 
_pdbx_poly_seq_scheme.pdb_mon_id 
_pdbx_poly_seq_scheme.auth_mon_id 
_pdbx_poly_seq_scheme.pdb_strand_id 
_pdbx_poly_seq_scheme.pdb_ins_code 
_pdbx_poly_seq_scheme.hetero 
A 1 1   ILE 1   16  ?   ?   ?   A . n 
A 1 2   VAL 2   17  17  VAL VAL A . n 
A 1 3   ASN 3   18  18  ASN ASN A . n 
A 1 4   GLY 4   19  19  GLY GLY A . n 
A 1 5   GLU 5   20  20  GLU GLU A . n 
A 1 6   ASP 6   21  21  ASP ASP A . n 
A 1 7   ALA 7   22  22  ALA ALA A . n 
A 1 8   ILE 8   23  23  ILE ILE A . n 
A 1 9   PRO 9   24  24  PRO PRO A . n 
A 1 10  GLY 10  25  25  GLY GLY A . n 
A 1 11  SER 11  26  26  SER SER A . n 
A 1 12  TRP 12  27  27  TRP TRP A . n 
A 1 13  PRO 13  28  28  PRO PRO A . n 
A 1 14  TRP 14  29  29  TRP TRP A . n 
A 1 15  GLN 15  30  30  GLN GLN A . n 
A 1 16  VAL 16  31  31  VAL VAL A . n 
A 1 17  SER 17  32  32  SER SER A . n 
A 1 18  LEU 18  33  33  LEU LEU A . n 
A 1 19  GLN 19  34  34  GLN GLN A . n 
A 1 20  ASP 20  35  35  ASP ASP A . n 
A 1 21  LYS 21  36  36  LYS LYS A . n 
A 1 22  THR 22  37  37  THR THR A . n 
A 1 23  GLY 23  38  38  GLY GLY A . n 
A 1 24  PHE 24  39  39  PHE PHE A . n 
A 1 25  HIS 25  40  40  HIS HIS A . n 
A 1 26  PHE 26  41  41  PHE PHE A . n 
A 1 27  CYS 27  42  42  CYS CYS A . n 
A 1 28  GLY 28  43  43  GLY GLY A . n 
A 1 29  GLY 29  44  44  GLY GLY A . n 
A 1 30  SER 30  45  45  SER SER A . n 
A 1 31  LEU 31  46  46  LEU LEU A . n 
A 1 32  ILE 32  47  47  ILE ILE A . n 
A 1 33  SER 33  48  48  SER SER A . n 
A 1 34  GLU 34  49  49  GLU GLU A . n 
A 1 35  ASP 35  50  50  ASP ASP A . n 
A 1 36  TRP 36  51  51  TRP TRP A . n 
A 1 37  VAL 37  52  52  VAL VAL A . n 
A 1 38  VAL 38  53  53  VAL VAL A . n 
A 1 39  THR 39  54  54  THR THR A . n 
A 1 40  ALA 40  55  55  ALA ALA A . n 
A 1 41  ALA 41  56  56  ALA ALA A . n 
A 1 42  HIS 42  57  57  HIS HIS A . n 
A 1 43  CYS 43  58  58  CYS CYS A . n 
A 1 44  GLY 44  59  59  GLY GLY A . n 
A 1 45  VAL 45  60  60  VAL VAL A . n 
A 1 46  LYS 46  61  61  LYS LYS A . n 
A 1 47  THR 47  62  62  THR THR A . n 
A 1 48  SER 48  63  63  SER SER A . n 
A 1 49  ASP 49  64  64  ASP ASP A . n 
A 1 50  VAL 50  65  65  VAL VAL A . n 
A 1 51  VAL 51  66  66  VAL VAL A . n 
A 1 52  VAL 52  67  67  VAL VAL A . n 
A 1 53  ALA 53  68  68  ALA ALA A . n 
A 1 54  GLY 54  69  69  GLY GLY A . n 
A 1 55  GLU 55  70  70  GLU GLU A . n 
A 1 56  PHE 56  71  71  PHE PHE A . n 
A 1 57  ASP 57  72  72  ASP ASP A . n 
A 1 58  GLN 58  73  73  GLN GLN A . n 
A 1 59  GLY 59  74  74  GLY GLY A . n 
A 1 60  SER 60  75  75  SER SER A . n 
A 1 61  ASP 61  76  76  ASP ASP A . n 
A 1 62  GLU 62  77  77  GLU GLU A . n 
A 1 63  GLU 63  78  78  GLU GLU A . n 
A 1 64  ASN 64  79  79  ASN ASN A . n 
A 1 65  ILE 65  80  80  ILE ILE A . n 
A 1 66  GLN 66  81  81  GLN GLN A . n 
A 1 67  VAL 67  82  82  VAL VAL A . n 
A 1 68  LEU 68  83  83  LEU LEU A . n 
A 1 69  LYS 69  84  84  LYS LYS A . n 
A 1 70  ILE 70  85  85  ILE ILE A . n 
A 1 71  ALA 71  86  86  ALA ALA A . n 
A 1 72  GLN 72  87  87  GLN GLN A . n 
A 1 73  VAL 73  88  88  VAL VAL A . n 
A 1 74  PHE 74  89  89  PHE PHE A . n 
A 1 75  LYS 75  90  90  LYS LYS A . n 
A 1 76  ASN 76  91  91  ASN ASN A . n 
A 1 77  PRO 77  92  92  PRO PRO A . n 
A 1 78  LYS 78  93  93  LYS LYS A . n 
A 1 79  PHE 79  94  94  PHE PHE A . n 
A 1 80  ASN 80  95  95  ASN ASN A . n 
A 1 81  MET 81  96  96  MET MET A . n 
A 1 82  PHE 82  97  97  PHE PHE A . n 
A 1 83  THR 83  98  98  THR THR A . n 
A 1 84  VAL 84  99  99  VAL VAL A . n 
A 1 85  ARG 85  100 100 ARG ARG A . n 
A 1 86  ASN 86  101 101 ASN ASN A . n 
A 1 87  ASP 87  102 102 ASP ASP A . n 
A 1 88  ILE 88  103 103 ILE ILE A . n 
A 1 89  THR 89  104 104 THR THR A . n 
A 1 90  LEU 90  105 105 LEU LEU A . n 
A 1 91  LEU 91  106 106 LEU LEU A . n 
A 1 92  LYS 92  107 107 LYS LYS A . n 
A 1 93  LEU 93  108 108 LEU LEU A . n 
A 1 94  ALA 94  109 109 ALA ALA A . n 
A 1 95  THR 95  110 110 THR THR A . n 
A 1 96  PRO 96  111 111 PRO PRO A . n 
A 1 97  ALA 97  112 112 ALA ALA A . n 
A 1 98  GLN 98  113 113 GLN GLN A . n 
A 1 99  PHE 99  114 114 PHE PHE A . n 
A 1 100 SER 100 115 115 SER SER A . n 
A 1 101 GLU 101 116 116 GLU GLU A . n 
A 1 102 THR 102 117 117 THR THR A . n 
A 1 103 VAL 103 118 118 VAL VAL A . n 
A 1 104 SER 104 119 119 SER SER A . n 
A 1 105 ALA 105 120 120 ALA ALA A . n 
A 1 106 VAL 106 121 121 VAL VAL A . n 
A 1 107 SER 107 122 122 SER SER A . n 
A 1 108 LEU 108 123 123 LEU LEU A . n 
A 1 109 PRO 109 124 124 PRO PRO A . n 
A 1 110 ASN 110 125 125 ASN ASN A . n 
A 1 111 VAL 111 126 126 VAL VAL A . n 
A 1 112 ASP 112 127 127 ASP ASP A . n 
A 1 113 ASP 113 128 128 ASP ASP A . n 
A 1 114 ASP 114 129 129 ASP ASP A . n 
A 1 115 PHE 115 130 130 PHE PHE A . n 
A 1 116 PRO 116 131 131 PRO PRO A . n 
A 1 117 PRO 117 132 132 PRO PRO A . n 
A 1 118 GLY 118 133 133 GLY GLY A . n 
A 1 119 THR 119 134 134 THR THR A . n 
A 1 120 VAL 120 135 135 VAL VAL A . n 
A 1 121 CYS 121 136 136 CYS CYS A . n 
A 1 122 ALA 122 137 137 ALA ALA A . n 
A 1 123 THR 123 138 138 THR THR A . n 
A 1 124 THR 124 139 139 THR THR A . n 
A 1 125 GLY 125 140 140 GLY GLY A . n 
A 1 126 TRP 126 141 141 TRP TRP A . n 
A 1 127 GLY 127 142 142 GLY GLY A . n 
A 1 128 LYS 128 143 143 LYS LYS A . n 
A 1 129 THR 129 144 144 THR THR A . n 
A 1 130 LYS 130 145 145 LYS LYS A . n 
A 1 131 TYR 131 146 146 TYR TYR A . n 
B 2 1   ASN 1   147 ?   ?   ?   B . n 
B 2 2   ALA 2   148 ?   ?   ?   B . n 
B 2 3   LEU 3   149 ?   ?   ?   B . n 
B 2 4   LYS 4   150 ?   ?   ?   B . n 
B 2 5   THR 5   151 151 THR THR B . n 
B 2 6   PRO 6   152 152 PRO PRO B . n 
B 2 7   GLU 7   153 153 GLU GLU B . n 
B 2 8   LYS 8   154 154 LYS LYS B . n 
B 2 9   LEU 9   155 155 LEU LEU B . n 
B 2 10  GLN 10  156 156 GLN GLN B . n 
B 2 11  GLN 11  157 157 GLN GLN B . n 
B 2 12  ALA 12  158 158 ALA ALA B . n 
B 2 13  ALA 13  159 159 ALA ALA B . n 
B 2 14  LEU 14  160 160 LEU LEU B . n 
B 2 15  PRO 15  161 161 PRO PRO B . n 
B 2 16  ILE 16  162 162 ILE ILE B . n 
B 2 17  VAL 17  163 163 VAL VAL B . n 
B 2 18  SER 18  164 164 SER SER B . n 
B 2 19  GLU 19  165 165 GLU GLU B . n 
B 2 20  ALA 20  166 166 ALA ALA B . n 
B 2 21  ASP 21  167 167 ASP ASP B . n 
B 2 22  CYS 22  168 168 CYS CYS B . n 
B 2 23  LYS 23  169 169 LYS LYS B . n 
B 2 24  LYS 24  170 170 LYS LYS B . n 
B 2 25  SER 25  171 171 SER SER B . n 
B 2 26  TRP 26  172 172 TRP TRP B . n 
B 2 27  GLY 27  173 173 GLY GLY B . n 
B 2 28  SER 28  174 174 SER SER B . n 
B 2 29  LYS 29  175 175 LYS LYS B . n 
B 2 30  ILE 30  176 176 ILE ILE B . n 
B 2 31  THR 31  177 177 THR THR B . n 
B 2 32  ASP 32  178 178 ASP ASP B . n 
B 2 33  VAL 33  179 179 VAL VAL B . n 
B 2 34  MET 34  180 180 MET MET B . n 
B 2 35  THR 35  181 181 THR THR B . n 
B 2 36  CYS 36  182 182 CYS CYS B . n 
B 2 37  ALA 37  183 183 ALA ALA B . n 
B 2 38  GLY 38  184 184 GLY GLY B . n 
B 2 39  ALA 39  185 185 ALA ALA B . n 
B 2 40  SER 40  186 186 SER SER B . n 
B 2 41  GLY 41  187 187 GLY GLY B . n 
B 2 42  VAL 42  188 188 VAL VAL B . n 
B 2 43  ASP 43  189 189 ASP ASP B . n 
B 2 44  SER 44  190 190 SER SER B . n 
B 2 45  CYS 45  191 191 CYS CYS B . n 
B 2 46  MET 46  192 192 MET MET B . n 
B 2 47  GLY 47  193 193 GLY GLY B . n 
B 2 48  ASP 48  194 194 ASP ASP B . n 
B 2 49  SER 49  195 195 SER SER B . n 
B 2 50  GLY 50  196 196 GLY GLY B . n 
B 2 51  GLY 51  197 197 GLY GLY B . n 
B 2 52  PRO 52  198 198 PRO PRO B . n 
B 2 53  LEU 53  199 199 LEU LEU B . n 
B 2 54  VAL 54  200 200 VAL VAL B . n 
B 2 55  CYS 55  201 201 CYS CYS B . n 
B 2 56  GLN 56  202 202 GLN GLN B . n 
B 2 57  LYS 57  203 203 LYS LYS B . n 
B 2 58  ASP 58  204 204 ASP ASP B . n 
B 2 59  GLY 59  205 205 GLY GLY B . n 
B 2 60  VAL 60  206 206 VAL VAL B . n 
B 2 61  TRP 61  207 207 TRP TRP B . n 
B 2 62  THR 62  208 208 THR THR B . n 
B 2 63  LEU 63  209 209 LEU LEU B . n 
B 2 64  ALA 64  210 210 ALA ALA B . n 
B 2 65  GLY 65  211 211 GLY GLY B . n 
B 2 66  ILE 66  212 212 ILE ILE B . n 
B 2 67  VAL 67  213 213 VAL VAL B . n 
B 2 68  SER 68  214 214 SER SER B . n 
B 2 69  TRP 69  215 215 TRP TRP B . n 
B 2 70  GLY 70  216 216 GLY GLY B . n 
B 2 71  SER 71  217 217 SER SER B . n 
B 2 72  GLY 72  218 218 GLY GLY B . n 
B 2 73  VAL 73  219 219 VAL VAL B . n 
B 2 74  CYS 74  220 220 CYS CYS B . n 
B 2 75  SER 75  221 221 SER SER B . n 
B 2 76  THR 76  222 222 THR THR B . n 
B 2 77  SER 77  223 223 SER SER B . n 
B 2 78  THR 78  224 224 THR THR B . n 
B 2 79  PRO 79  225 225 PRO PRO B . n 
B 2 80  ALA 80  226 226 ALA ALA B . n 
B 2 81  VAL 81  227 227 VAL VAL B . n 
B 2 82  TYR 82  228 228 TYR TYR B . n 
B 2 83  SER 83  229 229 SER SER B . n 
B 2 84  ARG 84  230 230 ARG ARG B . n 
B 2 85  VAL 85  231 231 VAL VAL B . n 
B 2 86  THR 86  232 232 THR THR B . n 
B 2 87  ALA 87  233 233 ALA ALA B . n 
B 2 88  LEU 88  234 234 LEU LEU B . n 
B 2 89  MET 89  235 235 MET MET B . n 
B 2 90  PRO 90  236 236 PRO PRO B . n 
B 2 91  TRP 91  237 237 TRP TRP B . n 
B 2 92  VAL 92  238 238 VAL VAL B . n 
B 2 93  GLN 93  239 239 GLN GLN B . n 
B 2 94  GLN 94  240 240 GLN GLN B . n 
B 2 95  ILE 95  241 241 ILE ILE B . n 
B 2 96  LEU 96  242 242 LEU LEU B . n 
B 2 97  GLU 97  243 243 GLU GLU B . n 
B 2 98  ALA 98  244 244 ALA ALA B . n 
B 2 99  ASN 99  245 245 ASN ASN B . n 
# 
loop_
_pdbx_nonpoly_scheme.asym_id 
_pdbx_nonpoly_scheme.entity_id 
_pdbx_nonpoly_scheme.mon_id 
_pdbx_nonpoly_scheme.ndb_seq_num 
_pdbx_nonpoly_scheme.pdb_seq_num 
_pdbx_nonpoly_scheme.auth_seq_num 
_pdbx_nonpoly_scheme.pdb_mon_id 
_pdbx_nonpoly_scheme.auth_mon_id 
_pdbx_nonpoly_scheme.pdb_strand_id 
_pdbx_nonpoly_scheme.pdb_ins_code 
C 3 CA  1  246 246 CA  CA  A . 
D 4 HOH 1  302 302 HOH HOH A . 
D 4 HOH 2  303 303 HOH HOH A . 
D 4 HOH 3  304 304 HOH HOH A . 
D 4 HOH 4  306 306 HOH HOH A . 
D 4 HOH 5  308 308 HOH HOH A . 
D 4 HOH 6  309 309 HOH HOH A . 
D 4 HOH 7  310 310 HOH HOH A . 
D 4 HOH 8  311 311 HOH HOH A . 
D 4 HOH 9  312 312 HOH HOH A . 
D 4 HOH 10 314 314 HOH HOH A . 
D 4 HOH 11 316 316 HOH HOH A . 
E 4 HOH 1  301 301 HOH HOH B . 
E 4 HOH 2  305 305 HOH HOH B . 
E 4 HOH 3  307 307 HOH HOH B . 
E 4 HOH 4  313 313 HOH HOH B . 
E 4 HOH 5  315 315 HOH HOH B . 
# 
loop_
_pdbx_unobs_or_zero_occ_atoms.id 
_pdbx_unobs_or_zero_occ_atoms.PDB_model_num 
_pdbx_unobs_or_zero_occ_atoms.polymer_flag 
_pdbx_unobs_or_zero_occ_atoms.occupancy_flag 
_pdbx_unobs_or_zero_occ_atoms.auth_asym_id 
_pdbx_unobs_or_zero_occ_atoms.auth_comp_id 
_pdbx_unobs_or_zero_occ_atoms.auth_seq_id 
_pdbx_unobs_or_zero_occ_atoms.PDB_ins_code 
_pdbx_unobs_or_zero_occ_atoms.auth_atom_id 
_pdbx_unobs_or_zero_occ_atoms.label_alt_id 
_pdbx_unobs_or_zero_occ_atoms.label_asym_id 
_pdbx_unobs_or_zero_occ_atoms.label_comp_id 
_pdbx_unobs_or_zero_occ_atoms.label_seq_id 
_pdbx_unobs_or_zero_occ_atoms.label_atom_id 
1  1 Y 1 A TYR 146 ? CG  ? A TYR 131 CG  
2  1 Y 1 A TYR 146 ? CD1 ? A TYR 131 CD1 
3  1 Y 1 A TYR 146 ? CD2 ? A TYR 131 CD2 
4  1 Y 1 A TYR 146 ? CE1 ? A TYR 131 CE1 
5  1 Y 1 A TYR 146 ? CE2 ? A TYR 131 CE2 
6  1 Y 1 A TYR 146 ? CZ  ? A TYR 131 CZ  
7  1 Y 1 A TYR 146 ? OH  ? A TYR 131 OH  
8  1 Y 1 B GLU 153 ? CG  ? B GLU 7   CG  
9  1 Y 1 B GLU 153 ? CD  ? B GLU 7   CD  
10 1 Y 1 B GLU 153 ? OE1 ? B GLU 7   OE1 
11 1 Y 1 B GLU 153 ? OE2 ? B GLU 7   OE2 
# 
loop_
_software.name 
_software.classification 
_software.version 
_software.citation_id 
_software.pdbx_ordinal 
MOSFLM 'data reduction' .         ? 1 
SCALA  'data scaling'   .         ? 2 
AMoRE  phasing          .         ? 3 
X-PLOR refinement       3.851     ? 4 
CCP4   'data scaling'   '(SCALA)' ? 5 
# 
_cell.entry_id           1KDQ 
_cell.length_a           74.589 
_cell.length_b           76.707 
_cell.length_c           83.478 
_cell.angle_alpha        90.00 
_cell.angle_beta         90.00 
_cell.angle_gamma        90.00 
_cell.Z_PDB              8 
_cell.pdbx_unique_axis   ? 
# 
_symmetry.entry_id                         1KDQ 
_symmetry.space_group_name_H-M             'C 2 2 21' 
_symmetry.pdbx_full_space_group_name_H-M   ? 
_symmetry.cell_setting                     ? 
_symmetry.Int_Tables_number                20 
# 
_exptl.entry_id          1KDQ 
_exptl.method            'X-RAY DIFFRACTION' 
_exptl.crystals_number   1 
# 
_exptl_crystal.id                    1 
_exptl_crystal.density_meas          ? 
_exptl_crystal.density_percent_sol   36.9 
_exptl_crystal.density_Matthews      2.44 
_exptl_crystal.description           ? 
# 
_exptl_crystal_grow.crystal_id      1 
_exptl_crystal_grow.method          'VAPOR DIFFUSION, HANGING DROP' 
_exptl_crystal_grow.pH              7.0 
_exptl_crystal_grow.temp            298.0 
_exptl_crystal_grow.temp_details    ? 
_exptl_crystal_grow.pdbx_details    
'PEG MME 2000, calcium chloride, ammonium sulphate, Hepes, pH 7.0, VAPOR DIFFUSION, HANGING DROP, temperature 298.0K' 
_exptl_crystal_grow.pdbx_pH_range   ? 
# 
_diffrn.id                     1 
_diffrn.ambient_temp           298.0 
_diffrn.ambient_temp_details   ? 
_diffrn.crystal_id             1 
# 
_diffrn_detector.diffrn_id              1 
_diffrn_detector.detector               'IMAGE PLATE' 
_diffrn_detector.type                   'RIGAKU RAXIS IIC' 
_diffrn_detector.pdbx_collection_date   1998-03-31 
_diffrn_detector.details                'NORMAL FOCUS' 
# 
_diffrn_radiation.diffrn_id                        1 
_diffrn_radiation.wavelength_id                    1 
_diffrn_radiation.monochromator                    GRAPHITE 
_diffrn_radiation.pdbx_monochromatic_or_laue_m_l   M 
_diffrn_radiation.pdbx_diffrn_protocol             'SINGLE WAVELENGTH' 
_diffrn_radiation.pdbx_scattering_type             x-ray 
# 
_diffrn_radiation_wavelength.id           1 
_diffrn_radiation_wavelength.wavelength   1.5418 
_diffrn_radiation_wavelength.wt           1.0 
# 
_diffrn_source.diffrn_id                   1 
_diffrn_source.source                      'ROTATING ANODE' 
_diffrn_source.type                        'RIGAKU RU200' 
_diffrn_source.pdbx_wavelength             1.5418 
_diffrn_source.pdbx_synchrotron_site       ? 
_diffrn_source.pdbx_synchrotron_beamline   ? 
_diffrn_source.pdbx_wavelength_list        ? 
# 
_reflns.entry_id                     1KDQ 
_reflns.observed_criterion_sigma_I   0.0 
_reflns.observed_criterion_sigma_F   0.0 
_reflns.d_resolution_low             32.903 
_reflns.d_resolution_high            2.550 
_reflns.number_obs                   7974 
_reflns.number_all                   7974 
_reflns.percent_possible_obs         98.9 
_reflns.pdbx_Rmerge_I_obs            0.129 
_reflns.pdbx_Rsym_value              ? 
_reflns.pdbx_netI_over_sigmaI        5.1 
_reflns.B_iso_Wilson_estimate        47.996 
_reflns.pdbx_redundancy              2.6 
_reflns.R_free_details               ? 
_reflns.limit_h_max                  ? 
_reflns.limit_h_min                  ? 
_reflns.limit_k_max                  ? 
_reflns.limit_k_min                  ? 
_reflns.limit_l_max                  ? 
_reflns.limit_l_min                  ? 
_reflns.observed_criterion_F_max     ? 
_reflns.observed_criterion_F_min     ? 
_reflns.pdbx_diffrn_id               1 
_reflns.pdbx_ordinal                 1 
# 
_reflns_shell.d_res_high             2.55 
_reflns_shell.d_res_low              2.69 
_reflns_shell.percent_possible_obs   ? 
_reflns_shell.percent_possible_all   97.3 
_reflns_shell.Rmerge_I_obs           0.517 
_reflns_shell.meanI_over_sigI_obs    1.4 
_reflns_shell.pdbx_Rsym_value        ? 
_reflns_shell.pdbx_redundancy        2.3 
_reflns_shell.number_unique_all      ? 
_reflns_shell.pdbx_diffrn_id         ? 
_reflns_shell.pdbx_ordinal           1 
# 
_refine.entry_id                                 1KDQ 
_refine.ls_number_reflns_obs                     7965 
_refine.ls_number_reflns_all                     7965 
_refine.pdbx_ls_sigma_I                          0 
_refine.pdbx_ls_sigma_F                          0 
_refine.pdbx_data_cutoff_high_absF               10000000 
_refine.pdbx_data_cutoff_low_absF                0.001 
_refine.ls_d_res_low                             32.969 
_refine.ls_d_res_high                            2.55 
_refine.ls_percent_reflns_obs                    98.6 
_refine.ls_R_factor_obs                          0.221 
_refine.ls_R_factor_all                          0.221 
_refine.ls_R_factor_R_work                       0.221 
_refine.ls_R_factor_R_free                       0.277 
_refine.ls_R_factor_R_free_error                 ? 
_refine.ls_R_factor_R_free_error_details         ? 
_refine.ls_percent_reflns_R_free                 4.6 
_refine.ls_number_reflns_R_free                  367 
_refine.ls_number_parameters                     ? 
_refine.ls_number_restraints                     ? 
_refine.occupancy_min                            ? 
_refine.occupancy_max                            ? 
_refine.B_iso_mean                               35.91 
_refine.aniso_B[1][1]                            ? 
_refine.aniso_B[2][2]                            ? 
_refine.aniso_B[3][3]                            ? 
_refine.aniso_B[1][2]                            ? 
_refine.aniso_B[1][3]                            ? 
_refine.aniso_B[2][3]                            ? 
_refine.solvent_model_details                    ? 
_refine.solvent_model_param_ksol                 ? 
_refine.solvent_model_param_bsol                 ? 
_refine.pdbx_ls_cross_valid_method               THROUGHOUT 
_refine.details                                  'Used torsion angle SA procedure.' 
_refine.pdbx_starting_model                      ? 
_refine.pdbx_method_to_determine_struct          ? 
_refine.pdbx_isotropic_thermal_model             ? 
_refine.pdbx_stereochemistry_target_values       'Engh & Huber' 
_refine.pdbx_stereochem_target_val_spec_case     ? 
_refine.pdbx_R_Free_selection_details            RANDOM 
_refine.pdbx_overall_ESU_R_Free                  ? 
_refine.overall_SU_B                             ? 
_refine.ls_redundancy_reflns_obs                 ? 
_refine.B_iso_min                                ? 
_refine.B_iso_max                                ? 
_refine.overall_SU_ML                            ? 
_refine.pdbx_overall_ESU_R                       ? 
_refine.pdbx_data_cutoff_high_rms_absF           ? 
_refine.correlation_coeff_Fo_to_Fc               ? 
_refine.overall_SU_R_Cruickshank_DPI             ? 
_refine.overall_SU_R_free                        ? 
_refine.correlation_coeff_Fo_to_Fc_free          ? 
_refine.pdbx_solvent_vdw_probe_radii             ? 
_refine.pdbx_solvent_ion_probe_radii             ? 
_refine.pdbx_solvent_shrinkage_radii             ? 
_refine.pdbx_refine_id                           'X-RAY DIFFRACTION' 
_refine.pdbx_diffrn_id                           1 
_refine.pdbx_TLS_residual_ADP_flag               ? 
_refine.pdbx_overall_phase_error                 ? 
_refine.pdbx_overall_SU_R_free_Cruickshank_DPI   ? 
_refine.pdbx_overall_SU_R_Blow_DPI               ? 
_refine.pdbx_overall_SU_R_free_Blow_DPI          ? 
# 
_refine_analyze.entry_id                        1KDQ 
_refine_analyze.Luzzati_coordinate_error_obs    0.3136 
_refine_analyze.Luzzati_sigma_a_obs             0.2770 
_refine_analyze.Luzzati_d_res_low_obs           5.0 
_refine_analyze.Luzzati_coordinate_error_free   0.4331 
_refine_analyze.Luzzati_sigma_a_free            0.4855 
_refine_analyze.Luzzati_d_res_low_free          ? 
_refine_analyze.number_disordered_residues      ? 
_refine_analyze.occupancy_sum_hydrogen          ? 
_refine_analyze.occupancy_sum_non_hydrogen      ? 
_refine_analyze.pdbx_Luzzati_d_res_high_obs     ? 
_refine_analyze.pdbx_refine_id                  'X-RAY DIFFRACTION' 
# 
_refine_hist.pdbx_refine_id                   'X-RAY DIFFRACTION' 
_refine_hist.cycle_id                         LAST 
_refine_hist.pdbx_number_atoms_protein        1663 
_refine_hist.pdbx_number_atoms_nucleic_acid   0 
_refine_hist.pdbx_number_atoms_ligand         1 
_refine_hist.number_atoms_solvent             16 
_refine_hist.number_atoms_total               1680 
_refine_hist.d_res_high                       2.55 
_refine_hist.d_res_low                        32.969 
# 
loop_
_refine_ls_restr.type 
_refine_ls_restr.dev_ideal 
_refine_ls_restr.dev_ideal_target 
_refine_ls_restr.weight 
_refine_ls_restr.number 
_refine_ls_restr.pdbx_refine_id 
_refine_ls_restr.pdbx_restraint_function 
x_angle_deg        1.206  ? ? ? 'X-RAY DIFFRACTION' ? 
x_bond_d           0.023  ? ? ? 'X-RAY DIFFRACTION' ? 
x_dihedral_angle_d 29.984 ? ? ? 'X-RAY DIFFRACTION' ? 
x_improper_angle_d 0.678  ? ? ? 'X-RAY DIFFRACTION' ? 
# 
_refine_ls_shell.R_factor_R_free                  0.3899 
_refine_ls_shell.R_factor_R_free_error            ? 
_refine_ls_shell.R_factor_R_work                  0.2567 
_refine_ls_shell.d_res_high                       2.55 
_refine_ls_shell.d_res_low                        2.67 
_refine_ls_shell.pdbx_total_number_of_bins_used   8 
_refine_ls_shell.number_reflns_R_free             56 
_refine_ls_shell.number_reflns_R_work             902 
_refine_ls_shell.percent_reflns_R_free            5.9 
_refine_ls_shell.percent_reflns_obs               97.06 
_refine_ls_shell.redundancy_reflns_obs            ? 
_refine_ls_shell.number_reflns_all                ? 
_refine_ls_shell.number_reflns_obs                ? 
_refine_ls_shell.pdbx_refine_id                   'X-RAY DIFFRACTION' 
_refine_ls_shell.R_factor_all                     ? 
# 
_struct.entry_id                  1KDQ 
_struct.title                     'Crystal Structure Analysis of the Mutant S189D Rat Chymotrypsin' 
_struct.pdbx_model_details        ? 
_struct.pdbx_CASP_flag            ? 
_struct.pdbx_model_type_details   ? 
# 
_struct_keywords.entry_id        1KDQ 
_struct_keywords.pdbx_keywords   HYDROLASE 
_struct_keywords.text            'BETA BARREL, HYDROLASE' 
# 
loop_
_struct_asym.id 
_struct_asym.pdbx_blank_PDB_chainid_flag 
_struct_asym.pdbx_modified 
_struct_asym.entity_id 
_struct_asym.details 
A N N 1 ? 
B N N 2 ? 
C N N 3 ? 
D N N 4 ? 
E N N 4 ? 
# 
loop_
_struct_ref.id 
_struct_ref.db_code 
_struct_ref.db_name 
_struct_ref.entity_id 
_struct_ref.pdbx_db_accession 
_struct_ref.pdbx_align_begin 
_struct_ref.pdbx_seq_one_letter_code 
_struct_ref.pdbx_db_isoform 
1 CTRB1_RAT UNP 1 P07338 34  
;IVNGEDAIPGSWPWQVSLQDKTGFHFCGGSLISEDWVVTAAHCGVKTSDVVVAGEFDQGSDEENIQVLKIAQVFKNPKFN
MFTVRNDITLLKLATPAQFSETVSAVCLPNVDDDFPPGTVCATTGWGKTKY
;
? 
2 CTRB1_RAT UNP 2 P07338 165 
;NALKTPEKLQQAALPIVSEADCKKSWGSKITDVMTCAGASGVSSCMGDSGGPLVCQKDGVWTLAGIVSWGSGVCSTSTPA
VYSRVTALMPWVQQILEAN
;
? 
# 
loop_
_struct_ref_seq.align_id 
_struct_ref_seq.ref_id 
_struct_ref_seq.pdbx_PDB_id_code 
_struct_ref_seq.pdbx_strand_id 
_struct_ref_seq.seq_align_beg 
_struct_ref_seq.pdbx_seq_align_beg_ins_code 
_struct_ref_seq.seq_align_end 
_struct_ref_seq.pdbx_seq_align_end_ins_code 
_struct_ref_seq.pdbx_db_accession 
_struct_ref_seq.db_align_beg 
_struct_ref_seq.pdbx_db_align_beg_ins_code 
_struct_ref_seq.db_align_end 
_struct_ref_seq.pdbx_db_align_end_ins_code 
_struct_ref_seq.pdbx_auth_seq_align_beg 
_struct_ref_seq.pdbx_auth_seq_align_end 
1 1 1KDQ A 1 ? 131 ? P07338 34  ? 164 ? 16  146 
2 2 1KDQ B 1 ? 99  ? P07338 165 ? 263 ? 147 245 
# 
loop_
_struct_ref_seq_dif.align_id 
_struct_ref_seq_dif.pdbx_pdb_id_code 
_struct_ref_seq_dif.mon_id 
_struct_ref_seq_dif.pdbx_pdb_strand_id 
_struct_ref_seq_dif.seq_num 
_struct_ref_seq_dif.pdbx_pdb_ins_code 
_struct_ref_seq_dif.pdbx_seq_db_name 
_struct_ref_seq_dif.pdbx_seq_db_accession_code 
_struct_ref_seq_dif.db_mon_id 
_struct_ref_seq_dif.pdbx_seq_db_seq_num 
_struct_ref_seq_dif.details 
_struct_ref_seq_dif.pdbx_auth_seq_num 
_struct_ref_seq_dif.pdbx_ordinal 
1 1KDQ SER A 107 ? UNP P07338 CYS 140 'engineered mutation' 122 1 
2 1KDQ ASP B 43  ? UNP P07338 SER 207 'engineered mutation' 189 2 
# 
_pdbx_struct_assembly.id                   1 
_pdbx_struct_assembly.details              author_and_software_defined_assembly 
_pdbx_struct_assembly.method_details       PISA 
_pdbx_struct_assembly.oligomeric_details   dimeric 
_pdbx_struct_assembly.oligomeric_count     2 
# 
loop_
_pdbx_struct_assembly_prop.biol_id 
_pdbx_struct_assembly_prop.type 
_pdbx_struct_assembly_prop.value 
_pdbx_struct_assembly_prop.details 
1 'ABSA (A^2)' 5360  ? 
1 MORE         -51   ? 
1 'SSA (A^2)'  10200 ? 
# 
_pdbx_struct_assembly_gen.assembly_id       1 
_pdbx_struct_assembly_gen.oper_expression   1 
_pdbx_struct_assembly_gen.asym_id_list      A,B,C,D,E 
# 
_pdbx_struct_oper_list.id                   1 
_pdbx_struct_oper_list.type                 'identity operation' 
_pdbx_struct_oper_list.name                 1_555 
_pdbx_struct_oper_list.symmetry_operation   x,y,z 
_pdbx_struct_oper_list.matrix[1][1]         1.0000000000 
_pdbx_struct_oper_list.matrix[1][2]         0.0000000000 
_pdbx_struct_oper_list.matrix[1][3]         0.0000000000 
_pdbx_struct_oper_list.vector[1]            0.0000000000 
_pdbx_struct_oper_list.matrix[2][1]         0.0000000000 
_pdbx_struct_oper_list.matrix[2][2]         1.0000000000 
_pdbx_struct_oper_list.matrix[2][3]         0.0000000000 
_pdbx_struct_oper_list.vector[2]            0.0000000000 
_pdbx_struct_oper_list.matrix[3][1]         0.0000000000 
_pdbx_struct_oper_list.matrix[3][2]         0.0000000000 
_pdbx_struct_oper_list.matrix[3][3]         1.0000000000 
_pdbx_struct_oper_list.vector[3]            0.0000000000 
# 
_struct_biol.id                    1 
_struct_biol.pdbx_parent_biol_id   ? 
_struct_biol.details               ? 
# 
loop_
_struct_conf.conf_type_id 
_struct_conf.id 
_struct_conf.pdbx_PDB_helix_id 
_struct_conf.beg_label_comp_id 
_struct_conf.beg_label_asym_id 
_struct_conf.beg_label_seq_id 
_struct_conf.pdbx_beg_PDB_ins_code 
_struct_conf.end_label_comp_id 
_struct_conf.end_label_asym_id 
_struct_conf.end_label_seq_id 
_struct_conf.pdbx_end_PDB_ins_code 
_struct_conf.beg_auth_comp_id 
_struct_conf.beg_auth_asym_id 
_struct_conf.beg_auth_seq_id 
_struct_conf.end_auth_comp_id 
_struct_conf.end_auth_asym_id 
_struct_conf.end_auth_seq_id 
_struct_conf.pdbx_PDB_helix_class 
_struct_conf.details 
_struct_conf.pdbx_PDB_helix_length 
HELX_P HELX_P1 1 SER B 18 ? GLY B 27 ? SER B 164 GLY B 173 1 ? 10 
HELX_P HELX_P2 2 LEU B 88 ? GLU B 97 ? LEU B 234 GLU B 243 1 ? 10 
# 
_struct_conf_type.id          HELX_P 
_struct_conf_type.criteria    ? 
_struct_conf_type.reference   ? 
# 
loop_
_struct_conn.id 
_struct_conn.conn_type_id 
_struct_conn.pdbx_leaving_atom_flag 
_struct_conn.pdbx_PDB_id 
_struct_conn.ptnr1_label_asym_id 
_struct_conn.ptnr1_label_comp_id 
_struct_conn.ptnr1_label_seq_id 
_struct_conn.ptnr1_label_atom_id 
_struct_conn.pdbx_ptnr1_label_alt_id 
_struct_conn.pdbx_ptnr1_PDB_ins_code 
_struct_conn.pdbx_ptnr1_standard_comp_id 
_struct_conn.ptnr1_symmetry 
_struct_conn.ptnr2_label_asym_id 
_struct_conn.ptnr2_label_comp_id 
_struct_conn.ptnr2_label_seq_id 
_struct_conn.ptnr2_label_atom_id 
_struct_conn.pdbx_ptnr2_label_alt_id 
_struct_conn.pdbx_ptnr2_PDB_ins_code 
_struct_conn.ptnr1_auth_asym_id 
_struct_conn.ptnr1_auth_comp_id 
_struct_conn.ptnr1_auth_seq_id 
_struct_conn.ptnr2_auth_asym_id 
_struct_conn.ptnr2_auth_comp_id 
_struct_conn.ptnr2_auth_seq_id 
_struct_conn.ptnr2_symmetry 
_struct_conn.pdbx_ptnr3_label_atom_id 
_struct_conn.pdbx_ptnr3_label_seq_id 
_struct_conn.pdbx_ptnr3_label_comp_id 
_struct_conn.pdbx_ptnr3_label_asym_id 
_struct_conn.pdbx_ptnr3_label_alt_id 
_struct_conn.pdbx_ptnr3_PDB_ins_code 
_struct_conn.details 
_struct_conn.pdbx_dist_value 
_struct_conn.pdbx_value_order 
_struct_conn.pdbx_role 
disulf1 disulf ? ? A CYS 27  SG  ? ? ? 1_555 A CYS 43 SG ? ? A CYS 42  A CYS 58  1_555 ? ? ? ? ? ? ? 2.024 ? ? 
disulf2 disulf ? ? A CYS 121 SG  ? ? ? 1_555 B CYS 55 SG ? ? A CYS 136 B CYS 201 1_555 ? ? ? ? ? ? ? 2.034 ? ? 
disulf3 disulf ? ? B CYS 22  SG  ? ? ? 1_555 B CYS 36 SG ? ? B CYS 168 B CYS 182 1_555 ? ? ? ? ? ? ? 2.023 ? ? 
disulf4 disulf ? ? B CYS 45  SG  ? ? ? 1_555 B CYS 74 SG ? ? B CYS 191 B CYS 220 1_555 ? ? ? ? ? ? ? 2.022 ? ? 
metalc1 metalc ? ? A GLU 55  OE1 ? ? ? 1_555 C CA  .  CA ? ? A GLU 70  A CA  246 1_555 ? ? ? ? ? ? ? 2.327 ? ? 
metalc2 metalc ? ? A GLU 55  OE2 ? ? ? 1_555 C CA  .  CA ? ? A GLU 70  A CA  246 1_555 ? ? ? ? ? ? ? 2.901 ? ? 
metalc3 metalc ? ? A ASP 57  O   ? ? ? 1_555 C CA  .  CA ? ? A ASP 72  A CA  246 1_555 ? ? ? ? ? ? ? 2.779 ? ? 
metalc4 metalc ? ? A SER 60  O   ? ? ? 1_555 C CA  .  CA ? ? A SER 75  A CA  246 1_555 ? ? ? ? ? ? ? 2.633 ? ? 
metalc5 metalc ? ? A ASP 61  O   ? ? ? 1_555 C CA  .  CA ? ? A ASP 76  A CA  246 1_555 ? ? ? ? ? ? ? 2.817 ? ? 
metalc6 metalc ? ? A GLU 63  OE2 ? ? ? 1_555 C CA  .  CA ? ? A GLU 78  A CA  246 1_555 ? ? ? ? ? ? ? 2.280 ? ? 
metalc7 metalc ? ? C CA  .   CA  ? ? ? 1_555 D HOH .  O  ? ? A CA  246 A HOH 316 1_555 ? ? ? ? ? ? ? 2.958 ? ? 
# 
loop_
_struct_conn_type.id 
_struct_conn_type.criteria 
_struct_conn_type.reference 
disulf ? ? 
metalc ? ? 
# 
loop_
_pdbx_struct_conn_angle.id 
_pdbx_struct_conn_angle.ptnr1_label_atom_id 
_pdbx_struct_conn_angle.ptnr1_label_alt_id 
_pdbx_struct_conn_angle.ptnr1_label_asym_id 
_pdbx_struct_conn_angle.ptnr1_label_comp_id 
_pdbx_struct_conn_angle.ptnr1_label_seq_id 
_pdbx_struct_conn_angle.ptnr1_auth_atom_id 
_pdbx_struct_conn_angle.ptnr1_auth_asym_id 
_pdbx_struct_conn_angle.ptnr1_auth_comp_id 
_pdbx_struct_conn_angle.ptnr1_auth_seq_id 
_pdbx_struct_conn_angle.ptnr1_PDB_ins_code 
_pdbx_struct_conn_angle.ptnr1_symmetry 
_pdbx_struct_conn_angle.ptnr2_label_atom_id 
_pdbx_struct_conn_angle.ptnr2_label_alt_id 
_pdbx_struct_conn_angle.ptnr2_label_asym_id 
_pdbx_struct_conn_angle.ptnr2_label_comp_id 
_pdbx_struct_conn_angle.ptnr2_label_seq_id 
_pdbx_struct_conn_angle.ptnr2_auth_atom_id 
_pdbx_struct_conn_angle.ptnr2_auth_asym_id 
_pdbx_struct_conn_angle.ptnr2_auth_comp_id 
_pdbx_struct_conn_angle.ptnr2_auth_seq_id 
_pdbx_struct_conn_angle.ptnr2_PDB_ins_code 
_pdbx_struct_conn_angle.ptnr2_symmetry 
_pdbx_struct_conn_angle.ptnr3_label_atom_id 
_pdbx_struct_conn_angle.ptnr3_label_alt_id 
_pdbx_struct_conn_angle.ptnr3_label_asym_id 
_pdbx_struct_conn_angle.ptnr3_label_comp_id 
_pdbx_struct_conn_angle.ptnr3_label_seq_id 
_pdbx_struct_conn_angle.ptnr3_auth_atom_id 
_pdbx_struct_conn_angle.ptnr3_auth_asym_id 
_pdbx_struct_conn_angle.ptnr3_auth_comp_id 
_pdbx_struct_conn_angle.ptnr3_auth_seq_id 
_pdbx_struct_conn_angle.ptnr3_PDB_ins_code 
_pdbx_struct_conn_angle.ptnr3_symmetry 
_pdbx_struct_conn_angle.value 
_pdbx_struct_conn_angle.value_esd 
1  OE1 ? A GLU 55 ? A GLU 70 ? 1_555 CA ? C CA . ? A CA 246 ? 1_555 OE2 ? A GLU 55 ? A GLU 70  ? 1_555 48.2  ? 
2  OE1 ? A GLU 55 ? A GLU 70 ? 1_555 CA ? C CA . ? A CA 246 ? 1_555 O   ? A ASP 57 ? A ASP 72  ? 1_555 78.8  ? 
3  OE2 ? A GLU 55 ? A GLU 70 ? 1_555 CA ? C CA . ? A CA 246 ? 1_555 O   ? A ASP 57 ? A ASP 72  ? 1_555 81.1  ? 
4  OE1 ? A GLU 55 ? A GLU 70 ? 1_555 CA ? C CA . ? A CA 246 ? 1_555 O   ? A SER 60 ? A SER 75  ? 1_555 148.3 ? 
5  OE2 ? A GLU 55 ? A GLU 70 ? 1_555 CA ? C CA . ? A CA 246 ? 1_555 O   ? A SER 60 ? A SER 75  ? 1_555 146.0 ? 
6  O   ? A ASP 57 ? A ASP 72 ? 1_555 CA ? C CA . ? A CA 246 ? 1_555 O   ? A SER 60 ? A SER 75  ? 1_555 78.0  ? 
7  OE1 ? A GLU 55 ? A GLU 70 ? 1_555 CA ? C CA . ? A CA 246 ? 1_555 O   ? A ASP 61 ? A ASP 76  ? 1_555 114.5 ? 
8  OE2 ? A GLU 55 ? A GLU 70 ? 1_555 CA ? C CA . ? A CA 246 ? 1_555 O   ? A ASP 61 ? A ASP 76  ? 1_555 160.6 ? 
9  O   ? A ASP 57 ? A ASP 72 ? 1_555 CA ? C CA . ? A CA 246 ? 1_555 O   ? A ASP 61 ? A ASP 76  ? 1_555 105.8 ? 
10 O   ? A SER 60 ? A SER 75 ? 1_555 CA ? C CA . ? A CA 246 ? 1_555 O   ? A ASP 61 ? A ASP 76  ? 1_555 52.9  ? 
11 OE1 ? A GLU 55 ? A GLU 70 ? 1_555 CA ? C CA . ? A CA 246 ? 1_555 OE2 ? A GLU 63 ? A GLU 78  ? 1_555 59.2  ? 
12 OE2 ? A GLU 55 ? A GLU 70 ? 1_555 CA ? C CA . ? A CA 246 ? 1_555 OE2 ? A GLU 63 ? A GLU 78  ? 1_555 106.8 ? 
13 O   ? A ASP 57 ? A ASP 72 ? 1_555 CA ? C CA . ? A CA 246 ? 1_555 OE2 ? A GLU 63 ? A GLU 78  ? 1_555 77.7  ? 
14 O   ? A SER 60 ? A SER 75 ? 1_555 CA ? C CA . ? A CA 246 ? 1_555 OE2 ? A GLU 63 ? A GLU 78  ? 1_555 94.7  ? 
15 O   ? A ASP 61 ? A ASP 76 ? 1_555 CA ? C CA . ? A CA 246 ? 1_555 OE2 ? A GLU 63 ? A GLU 78  ? 1_555 58.7  ? 
16 OE1 ? A GLU 55 ? A GLU 70 ? 1_555 CA ? C CA . ? A CA 246 ? 1_555 O   ? D HOH .  ? A HOH 316 ? 1_555 108.3 ? 
17 OE2 ? A GLU 55 ? A GLU 70 ? 1_555 CA ? C CA . ? A CA 246 ? 1_555 O   ? D HOH .  ? A HOH 316 ? 1_555 91.4  ? 
18 O   ? A ASP 57 ? A ASP 72 ? 1_555 CA ? C CA . ? A CA 246 ? 1_555 O   ? D HOH .  ? A HOH 316 ? 1_555 161.9 ? 
19 O   ? A SER 60 ? A SER 75 ? 1_555 CA ? C CA . ? A CA 246 ? 1_555 O   ? D HOH .  ? A HOH 316 ? 1_555 100.3 ? 
20 O   ? A ASP 61 ? A ASP 76 ? 1_555 CA ? C CA . ? A CA 246 ? 1_555 O   ? D HOH .  ? A HOH 316 ? 1_555 86.6  ? 
21 OE2 ? A GLU 63 ? A GLU 78 ? 1_555 CA ? C CA . ? A CA 246 ? 1_555 O   ? D HOH .  ? A HOH 316 ? 1_555 120.4 ? 
# 
loop_
_pdbx_modification_feature.ordinal 
_pdbx_modification_feature.label_comp_id 
_pdbx_modification_feature.label_asym_id 
_pdbx_modification_feature.label_seq_id 
_pdbx_modification_feature.label_alt_id 
_pdbx_modification_feature.modified_residue_label_comp_id 
_pdbx_modification_feature.modified_residue_label_asym_id 
_pdbx_modification_feature.modified_residue_label_seq_id 
_pdbx_modification_feature.modified_residue_label_alt_id 
_pdbx_modification_feature.auth_comp_id 
_pdbx_modification_feature.auth_asym_id 
_pdbx_modification_feature.auth_seq_id 
_pdbx_modification_feature.PDB_ins_code 
_pdbx_modification_feature.symmetry 
_pdbx_modification_feature.modified_residue_auth_comp_id 
_pdbx_modification_feature.modified_residue_auth_asym_id 
_pdbx_modification_feature.modified_residue_auth_seq_id 
_pdbx_modification_feature.modified_residue_PDB_ins_code 
_pdbx_modification_feature.modified_residue_symmetry 
_pdbx_modification_feature.comp_id_linking_atom 
_pdbx_modification_feature.modified_residue_id_linking_atom 
_pdbx_modification_feature.modified_residue_id 
_pdbx_modification_feature.ref_pcm_id 
_pdbx_modification_feature.ref_comp_id 
_pdbx_modification_feature.type 
_pdbx_modification_feature.category 
1 CYS A 27  ? CYS A 43 ? CYS A 42  ? 1_555 CYS A 58  ? 1_555 SG SG . . . None 'Disulfide bridge' 
2 CYS A 121 ? CYS B 55 ? CYS A 136 ? 1_555 CYS B 201 ? 1_555 SG SG . . . None 'Disulfide bridge' 
3 CYS B 22  ? CYS B 36 ? CYS B 168 ? 1_555 CYS B 182 ? 1_555 SG SG . . . None 'Disulfide bridge' 
4 CYS B 45  ? CYS B 74 ? CYS B 191 ? 1_555 CYS B 220 ? 1_555 SG SG . . . None 'Disulfide bridge' 
# 
loop_
_struct_sheet.id 
_struct_sheet.type 
_struct_sheet.number_strands 
_struct_sheet.details 
A ? 7 ? 
B ? 7 ? 
# 
loop_
_struct_sheet_order.sheet_id 
_struct_sheet_order.range_id_1 
_struct_sheet_order.range_id_2 
_struct_sheet_order.offset 
_struct_sheet_order.sense 
A 1 2 ? anti-parallel 
A 2 3 ? anti-parallel 
A 3 4 ? anti-parallel 
A 4 5 ? anti-parallel 
A 5 6 ? anti-parallel 
A 6 7 ? anti-parallel 
B 1 2 ? anti-parallel 
B 2 3 ? anti-parallel 
B 3 4 ? anti-parallel 
B 4 5 ? anti-parallel 
B 5 6 ? anti-parallel 
B 6 7 ? anti-parallel 
# 
loop_
_struct_sheet_range.sheet_id 
_struct_sheet_range.id 
_struct_sheet_range.beg_label_comp_id 
_struct_sheet_range.beg_label_asym_id 
_struct_sheet_range.beg_label_seq_id 
_struct_sheet_range.pdbx_beg_PDB_ins_code 
_struct_sheet_range.end_label_comp_id 
_struct_sheet_range.end_label_asym_id 
_struct_sheet_range.end_label_seq_id 
_struct_sheet_range.pdbx_end_PDB_ins_code 
_struct_sheet_range.beg_auth_comp_id 
_struct_sheet_range.beg_auth_asym_id 
_struct_sheet_range.beg_auth_seq_id 
_struct_sheet_range.end_auth_comp_id 
_struct_sheet_range.end_auth_asym_id 
_struct_sheet_range.end_auth_seq_id 
A 1 GLU A 5   ? ASP A 6   ? GLU A 20  ASP A 21  
A 2 GLN B 10  ? PRO B 15  ? GLN B 156 PRO B 161 
A 3 VAL A 120 ? GLY A 125 ? VAL A 135 GLY A 140 
A 4 PRO B 52  ? LYS B 57  ? PRO B 198 LYS B 203 
A 5 VAL B 60  ? VAL B 67  ? VAL B 206 VAL B 213 
A 6 ALA B 80  ? ARG B 84  ? ALA B 226 ARG B 230 
A 7 MET B 34  ? ALA B 37  ? MET B 180 ALA B 183 
B 1 GLN A 15  ? GLN A 19  ? GLN A 30  GLN A 34  
B 2 HIS A 25  ? LEU A 31  ? HIS A 40  LEU A 46  
B 3 TRP A 36  ? THR A 39  ? TRP A 51  THR A 54  
B 4 THR A 89  ? LEU A 93  ? THR A 104 LEU A 108 
B 5 GLN A 66  ? LYS A 75  ? GLN A 81  LYS A 90  
B 6 VAL A 50  ? ALA A 53  ? VAL A 65  ALA A 68  
B 7 GLN A 15  ? GLN A 19  ? GLN A 30  GLN A 34  
# 
loop_
_pdbx_struct_sheet_hbond.sheet_id 
_pdbx_struct_sheet_hbond.range_id_1 
_pdbx_struct_sheet_hbond.range_id_2 
_pdbx_struct_sheet_hbond.range_1_label_atom_id 
_pdbx_struct_sheet_hbond.range_1_label_comp_id 
_pdbx_struct_sheet_hbond.range_1_label_asym_id 
_pdbx_struct_sheet_hbond.range_1_label_seq_id 
_pdbx_struct_sheet_hbond.range_1_PDB_ins_code 
_pdbx_struct_sheet_hbond.range_1_auth_atom_id 
_pdbx_struct_sheet_hbond.range_1_auth_comp_id 
_pdbx_struct_sheet_hbond.range_1_auth_asym_id 
_pdbx_struct_sheet_hbond.range_1_auth_seq_id 
_pdbx_struct_sheet_hbond.range_2_label_atom_id 
_pdbx_struct_sheet_hbond.range_2_label_comp_id 
_pdbx_struct_sheet_hbond.range_2_label_asym_id 
_pdbx_struct_sheet_hbond.range_2_label_seq_id 
_pdbx_struct_sheet_hbond.range_2_PDB_ins_code 
_pdbx_struct_sheet_hbond.range_2_auth_atom_id 
_pdbx_struct_sheet_hbond.range_2_auth_comp_id 
_pdbx_struct_sheet_hbond.range_2_auth_asym_id 
_pdbx_struct_sheet_hbond.range_2_auth_seq_id 
A 1 2 N GLU A 5   ? N GLU A 20  O GLN B 11  ? O GLN B 157 
A 2 3 O LEU B 14  ? O LEU B 160 N CYS A 121 ? N CYS A 136 
A 3 4 N ALA A 122 ? N ALA A 137 O VAL B 54  ? O VAL B 200 
A 4 5 N CYS B 55  ? N CYS B 201 O THR B 62  ? O THR B 208 
A 5 6 N ILE B 66  ? N ILE B 212 O SER B 83  ? O SER B 229 
A 6 7 O TYR B 82  ? O TYR B 228 N THR B 35  ? N THR B 181 
B 1 2 N LEU A 18  ? N LEU A 33  O PHE A 26  ? O PHE A 41  
B 2 3 N SER A 30  ? N SER A 45  O VAL A 38  ? O VAL A 53  
B 3 4 N VAL A 37  ? N VAL A 52  O LEU A 91  ? O LEU A 106 
B 4 5 O LEU A 90  ? O LEU A 105 N PHE A 74  ? N PHE A 89  
B 5 6 O LEU A 68  ? O LEU A 83  N VAL A 51  ? N VAL A 66  
B 6 7 O VAL A 52  ? O VAL A 67  N SER A 17  ? N SER A 32  
# 
_struct_site.id                   AC1 
_struct_site.pdbx_evidence_code   Software 
_struct_site.pdbx_auth_asym_id    A 
_struct_site.pdbx_auth_comp_id    CA 
_struct_site.pdbx_auth_seq_id     246 
_struct_site.pdbx_auth_ins_code   ? 
_struct_site.pdbx_num_residues    6 
_struct_site.details              'BINDING SITE FOR RESIDUE CA A 246' 
# 
loop_
_struct_site_gen.id 
_struct_site_gen.site_id 
_struct_site_gen.pdbx_num_res 
_struct_site_gen.label_comp_id 
_struct_site_gen.label_asym_id 
_struct_site_gen.label_seq_id 
_struct_site_gen.pdbx_auth_ins_code 
_struct_site_gen.auth_comp_id 
_struct_site_gen.auth_asym_id 
_struct_site_gen.auth_seq_id 
_struct_site_gen.label_atom_id 
_struct_site_gen.label_alt_id 
_struct_site_gen.symmetry 
_struct_site_gen.details 
1 AC1 6 GLU A 55 ? GLU A 70  . ? 1_555 ? 
2 AC1 6 ASP A 57 ? ASP A 72  . ? 1_555 ? 
3 AC1 6 SER A 60 ? SER A 75  . ? 1_555 ? 
4 AC1 6 ASP A 61 ? ASP A 76  . ? 1_555 ? 
5 AC1 6 GLU A 63 ? GLU A 78  . ? 1_555 ? 
6 AC1 6 HOH D .  ? HOH A 316 . ? 1_555 ? 
# 
_pdbx_entry_details.entry_id                   1KDQ 
_pdbx_entry_details.compound_details           ? 
_pdbx_entry_details.source_details             ? 
_pdbx_entry_details.nonpolymer_details         ? 
_pdbx_entry_details.sequence_details           ? 
_pdbx_entry_details.has_ligand_of_interest     ? 
_pdbx_entry_details.has_protein_modification   Y 
# 
loop_
_pdbx_validate_torsion.id 
_pdbx_validate_torsion.PDB_model_num 
_pdbx_validate_torsion.auth_comp_id 
_pdbx_validate_torsion.auth_asym_id 
_pdbx_validate_torsion.auth_seq_id 
_pdbx_validate_torsion.PDB_ins_code 
_pdbx_validate_torsion.label_alt_id 
_pdbx_validate_torsion.phi 
_pdbx_validate_torsion.psi 
1  1 LYS A 36  ? ? -54.29  -5.87   
2  1 CYS A 42  ? ? 178.90  161.45  
3  1 THR A 54  ? ? -160.69 -161.11 
4  1 HIS A 57  ? ? -59.30  -2.70   
5  1 PHE A 71  ? ? -137.69 -45.02  
6  1 SER A 75  ? ? -127.03 -97.67  
7  1 ASP A 76  ? ? 34.21   86.63   
8  1 GLU A 77  ? ? -65.76  54.03   
9  1 ASN A 79  ? ? -67.10  98.69   
10 1 VAL A 99  ? ? 32.55   71.58   
11 1 ASN A 101 ? ? 39.54   48.41   
12 1 SER A 115 ? ? -167.55 -162.88 
13 1 VAL A 126 ? ? -49.97  -18.58  
14 1 PRO A 131 ? ? -46.43  153.23  
15 1 SER B 164 ? ? -39.57  159.87  
16 1 THR B 177 ? ? -122.68 -168.49 
17 1 ASP B 189 ? ? -146.48 43.88   
18 1 SER B 190 ? ? -176.25 140.82  
19 1 LEU B 209 ? ? -65.24  98.74   
20 1 SER B 214 ? ? -92.52  -111.50 
21 1 VAL B 219 ? ? -104.81 -60.80  
# 
loop_
_pdbx_unobs_or_zero_occ_residues.id 
_pdbx_unobs_or_zero_occ_residues.PDB_model_num 
_pdbx_unobs_or_zero_occ_residues.polymer_flag 
_pdbx_unobs_or_zero_occ_residues.occupancy_flag 
_pdbx_unobs_or_zero_occ_residues.auth_asym_id 
_pdbx_unobs_or_zero_occ_residues.auth_comp_id 
_pdbx_unobs_or_zero_occ_residues.auth_seq_id 
_pdbx_unobs_or_zero_occ_residues.PDB_ins_code 
_pdbx_unobs_or_zero_occ_residues.label_asym_id 
_pdbx_unobs_or_zero_occ_residues.label_comp_id 
_pdbx_unobs_or_zero_occ_residues.label_seq_id 
1 1 Y 1 A ILE 16  ? A ILE 1 
2 1 Y 1 B ASN 147 ? B ASN 1 
3 1 Y 1 B ALA 148 ? B ALA 2 
4 1 Y 1 B LEU 149 ? B LEU 3 
5 1 Y 1 B LYS 150 ? B LYS 4 
# 
loop_
_chem_comp_atom.comp_id 
_chem_comp_atom.atom_id 
_chem_comp_atom.type_symbol 
_chem_comp_atom.pdbx_aromatic_flag 
_chem_comp_atom.pdbx_stereo_config 
_chem_comp_atom.pdbx_ordinal 
ALA N    N  N N 1   
ALA CA   C  N S 2   
ALA C    C  N N 3   
ALA O    O  N N 4   
ALA CB   C  N N 5   
ALA OXT  O  N N 6   
ALA H    H  N N 7   
ALA H2   H  N N 8   
ALA HA   H  N N 9   
ALA HB1  H  N N 10  
ALA HB2  H  N N 11  
ALA HB3  H  N N 12  
ALA HXT  H  N N 13  
ARG N    N  N N 14  
ARG CA   C  N S 15  
ARG C    C  N N 16  
ARG O    O  N N 17  
ARG CB   C  N N 18  
ARG CG   C  N N 19  
ARG CD   C  N N 20  
ARG NE   N  N N 21  
ARG CZ   C  N N 22  
ARG NH1  N  N N 23  
ARG NH2  N  N N 24  
ARG OXT  O  N N 25  
ARG H    H  N N 26  
ARG H2   H  N N 27  
ARG HA   H  N N 28  
ARG HB2  H  N N 29  
ARG HB3  H  N N 30  
ARG HG2  H  N N 31  
ARG HG3  H  N N 32  
ARG HD2  H  N N 33  
ARG HD3  H  N N 34  
ARG HE   H  N N 35  
ARG HH11 H  N N 36  
ARG HH12 H  N N 37  
ARG HH21 H  N N 38  
ARG HH22 H  N N 39  
ARG HXT  H  N N 40  
ASN N    N  N N 41  
ASN CA   C  N S 42  
ASN C    C  N N 43  
ASN O    O  N N 44  
ASN CB   C  N N 45  
ASN CG   C  N N 46  
ASN OD1  O  N N 47  
ASN ND2  N  N N 48  
ASN OXT  O  N N 49  
ASN H    H  N N 50  
ASN H2   H  N N 51  
ASN HA   H  N N 52  
ASN HB2  H  N N 53  
ASN HB3  H  N N 54  
ASN HD21 H  N N 55  
ASN HD22 H  N N 56  
ASN HXT  H  N N 57  
ASP N    N  N N 58  
ASP CA   C  N S 59  
ASP C    C  N N 60  
ASP O    O  N N 61  
ASP CB   C  N N 62  
ASP CG   C  N N 63  
ASP OD1  O  N N 64  
ASP OD2  O  N N 65  
ASP OXT  O  N N 66  
ASP H    H  N N 67  
ASP H2   H  N N 68  
ASP HA   H  N N 69  
ASP HB2  H  N N 70  
ASP HB3  H  N N 71  
ASP HD2  H  N N 72  
ASP HXT  H  N N 73  
CA  CA   CA N N 74  
CYS N    N  N N 75  
CYS CA   C  N R 76  
CYS C    C  N N 77  
CYS O    O  N N 78  
CYS CB   C  N N 79  
CYS SG   S  N N 80  
CYS OXT  O  N N 81  
CYS H    H  N N 82  
CYS H2   H  N N 83  
CYS HA   H  N N 84  
CYS HB2  H  N N 85  
CYS HB3  H  N N 86  
CYS HG   H  N N 87  
CYS HXT  H  N N 88  
GLN N    N  N N 89  
GLN CA   C  N S 90  
GLN C    C  N N 91  
GLN O    O  N N 92  
GLN CB   C  N N 93  
GLN CG   C  N N 94  
GLN CD   C  N N 95  
GLN OE1  O  N N 96  
GLN NE2  N  N N 97  
GLN OXT  O  N N 98  
GLN H    H  N N 99  
GLN H2   H  N N 100 
GLN HA   H  N N 101 
GLN HB2  H  N N 102 
GLN HB3  H  N N 103 
GLN HG2  H  N N 104 
GLN HG3  H  N N 105 
GLN HE21 H  N N 106 
GLN HE22 H  N N 107 
GLN HXT  H  N N 108 
GLU N    N  N N 109 
GLU CA   C  N S 110 
GLU C    C  N N 111 
GLU O    O  N N 112 
GLU CB   C  N N 113 
GLU CG   C  N N 114 
GLU CD   C  N N 115 
GLU OE1  O  N N 116 
GLU OE2  O  N N 117 
GLU OXT  O  N N 118 
GLU H    H  N N 119 
GLU H2   H  N N 120 
GLU HA   H  N N 121 
GLU HB2  H  N N 122 
GLU HB3  H  N N 123 
GLU HG2  H  N N 124 
GLU HG3  H  N N 125 
GLU HE2  H  N N 126 
GLU HXT  H  N N 127 
GLY N    N  N N 128 
GLY CA   C  N N 129 
GLY C    C  N N 130 
GLY O    O  N N 131 
GLY OXT  O  N N 132 
GLY H    H  N N 133 
GLY H2   H  N N 134 
GLY HA2  H  N N 135 
GLY HA3  H  N N 136 
GLY HXT  H  N N 137 
HIS N    N  N N 138 
HIS CA   C  N S 139 
HIS C    C  N N 140 
HIS O    O  N N 141 
HIS CB   C  N N 142 
HIS CG   C  Y N 143 
HIS ND1  N  Y N 144 
HIS CD2  C  Y N 145 
HIS CE1  C  Y N 146 
HIS NE2  N  Y N 147 
HIS OXT  O  N N 148 
HIS H    H  N N 149 
HIS H2   H  N N 150 
HIS HA   H  N N 151 
HIS HB2  H  N N 152 
HIS HB3  H  N N 153 
HIS HD1  H  N N 154 
HIS HD2  H  N N 155 
HIS HE1  H  N N 156 
HIS HE2  H  N N 157 
HIS HXT  H  N N 158 
HOH O    O  N N 159 
HOH H1   H  N N 160 
HOH H2   H  N N 161 
ILE N    N  N N 162 
ILE CA   C  N S 163 
ILE C    C  N N 164 
ILE O    O  N N 165 
ILE CB   C  N S 166 
ILE CG1  C  N N 167 
ILE CG2  C  N N 168 
ILE CD1  C  N N 169 
ILE OXT  O  N N 170 
ILE H    H  N N 171 
ILE H2   H  N N 172 
ILE HA   H  N N 173 
ILE HB   H  N N 174 
ILE HG12 H  N N 175 
ILE HG13 H  N N 176 
ILE HG21 H  N N 177 
ILE HG22 H  N N 178 
ILE HG23 H  N N 179 
ILE HD11 H  N N 180 
ILE HD12 H  N N 181 
ILE HD13 H  N N 182 
ILE HXT  H  N N 183 
LEU N    N  N N 184 
LEU CA   C  N S 185 
LEU C    C  N N 186 
LEU O    O  N N 187 
LEU CB   C  N N 188 
LEU CG   C  N N 189 
LEU CD1  C  N N 190 
LEU CD2  C  N N 191 
LEU OXT  O  N N 192 
LEU H    H  N N 193 
LEU H2   H  N N 194 
LEU HA   H  N N 195 
LEU HB2  H  N N 196 
LEU HB3  H  N N 197 
LEU HG   H  N N 198 
LEU HD11 H  N N 199 
LEU HD12 H  N N 200 
LEU HD13 H  N N 201 
LEU HD21 H  N N 202 
LEU HD22 H  N N 203 
LEU HD23 H  N N 204 
LEU HXT  H  N N 205 
LYS N    N  N N 206 
LYS CA   C  N S 207 
LYS C    C  N N 208 
LYS O    O  N N 209 
LYS CB   C  N N 210 
LYS CG   C  N N 211 
LYS CD   C  N N 212 
LYS CE   C  N N 213 
LYS NZ   N  N N 214 
LYS OXT  O  N N 215 
LYS H    H  N N 216 
LYS H2   H  N N 217 
LYS HA   H  N N 218 
LYS HB2  H  N N 219 
LYS HB3  H  N N 220 
LYS HG2  H  N N 221 
LYS HG3  H  N N 222 
LYS HD2  H  N N 223 
LYS HD3  H  N N 224 
LYS HE2  H  N N 225 
LYS HE3  H  N N 226 
LYS HZ1  H  N N 227 
LYS HZ2  H  N N 228 
LYS HZ3  H  N N 229 
LYS HXT  H  N N 230 
MET N    N  N N 231 
MET CA   C  N S 232 
MET C    C  N N 233 
MET O    O  N N 234 
MET CB   C  N N 235 
MET CG   C  N N 236 
MET SD   S  N N 237 
MET CE   C  N N 238 
MET OXT  O  N N 239 
MET H    H  N N 240 
MET H2   H  N N 241 
MET HA   H  N N 242 
MET HB2  H  N N 243 
MET HB3  H  N N 244 
MET HG2  H  N N 245 
MET HG3  H  N N 246 
MET HE1  H  N N 247 
MET HE2  H  N N 248 
MET HE3  H  N N 249 
MET HXT  H  N N 250 
PHE N    N  N N 251 
PHE CA   C  N S 252 
PHE C    C  N N 253 
PHE O    O  N N 254 
PHE CB   C  N N 255 
PHE CG   C  Y N 256 
PHE CD1  C  Y N 257 
PHE CD2  C  Y N 258 
PHE CE1  C  Y N 259 
PHE CE2  C  Y N 260 
PHE CZ   C  Y N 261 
PHE OXT  O  N N 262 
PHE H    H  N N 263 
PHE H2   H  N N 264 
PHE HA   H  N N 265 
PHE HB2  H  N N 266 
PHE HB3  H  N N 267 
PHE HD1  H  N N 268 
PHE HD2  H  N N 269 
PHE HE1  H  N N 270 
PHE HE2  H  N N 271 
PHE HZ   H  N N 272 
PHE HXT  H  N N 273 
PRO N    N  N N 274 
PRO CA   C  N S 275 
PRO C    C  N N 276 
PRO O    O  N N 277 
PRO CB   C  N N 278 
PRO CG   C  N N 279 
PRO CD   C  N N 280 
PRO OXT  O  N N 281 
PRO H    H  N N 282 
PRO HA   H  N N 283 
PRO HB2  H  N N 284 
PRO HB3  H  N N 285 
PRO HG2  H  N N 286 
PRO HG3  H  N N 287 
PRO HD2  H  N N 288 
PRO HD3  H  N N 289 
PRO HXT  H  N N 290 
SER N    N  N N 291 
SER CA   C  N S 292 
SER C    C  N N 293 
SER O    O  N N 294 
SER CB   C  N N 295 
SER OG   O  N N 296 
SER OXT  O  N N 297 
SER H    H  N N 298 
SER H2   H  N N 299 
SER HA   H  N N 300 
SER HB2  H  N N 301 
SER HB3  H  N N 302 
SER HG   H  N N 303 
SER HXT  H  N N 304 
THR N    N  N N 305 
THR CA   C  N S 306 
THR C    C  N N 307 
THR O    O  N N 308 
THR CB   C  N R 309 
THR OG1  O  N N 310 
THR CG2  C  N N 311 
THR OXT  O  N N 312 
THR H    H  N N 313 
THR H2   H  N N 314 
THR HA   H  N N 315 
THR HB   H  N N 316 
THR HG1  H  N N 317 
THR HG21 H  N N 318 
THR HG22 H  N N 319 
THR HG23 H  N N 320 
THR HXT  H  N N 321 
TRP N    N  N N 322 
TRP CA   C  N S 323 
TRP C    C  N N 324 
TRP O    O  N N 325 
TRP CB   C  N N 326 
TRP CG   C  Y N 327 
TRP CD1  C  Y N 328 
TRP CD2  C  Y N 329 
TRP NE1  N  Y N 330 
TRP CE2  C  Y N 331 
TRP CE3  C  Y N 332 
TRP CZ2  C  Y N 333 
TRP CZ3  C  Y N 334 
TRP CH2  C  Y N 335 
TRP OXT  O  N N 336 
TRP H    H  N N 337 
TRP H2   H  N N 338 
TRP HA   H  N N 339 
TRP HB2  H  N N 340 
TRP HB3  H  N N 341 
TRP HD1  H  N N 342 
TRP HE1  H  N N 343 
TRP HE3  H  N N 344 
TRP HZ2  H  N N 345 
TRP HZ3  H  N N 346 
TRP HH2  H  N N 347 
TRP HXT  H  N N 348 
TYR N    N  N N 349 
TYR CA   C  N S 350 
TYR C    C  N N 351 
TYR O    O  N N 352 
TYR CB   C  N N 353 
TYR CG   C  Y N 354 
TYR CD1  C  Y N 355 
TYR CD2  C  Y N 356 
TYR CE1  C  Y N 357 
TYR CE2  C  Y N 358 
TYR CZ   C  Y N 359 
TYR OH   O  N N 360 
TYR OXT  O  N N 361 
TYR H    H  N N 362 
TYR H2   H  N N 363 
TYR HA   H  N N 364 
TYR HB2  H  N N 365 
TYR HB3  H  N N 366 
TYR HD1  H  N N 367 
TYR HD2  H  N N 368 
TYR HE1  H  N N 369 
TYR HE2  H  N N 370 
TYR HH   H  N N 371 
TYR HXT  H  N N 372 
VAL N    N  N N 373 
VAL CA   C  N S 374 
VAL C    C  N N 375 
VAL O    O  N N 376 
VAL CB   C  N N 377 
VAL CG1  C  N N 378 
VAL CG2  C  N N 379 
VAL OXT  O  N N 380 
VAL H    H  N N 381 
VAL H2   H  N N 382 
VAL HA   H  N N 383 
VAL HB   H  N N 384 
VAL HG11 H  N N 385 
VAL HG12 H  N N 386 
VAL HG13 H  N N 387 
VAL HG21 H  N N 388 
VAL HG22 H  N N 389 
VAL HG23 H  N N 390 
VAL HXT  H  N N 391 
# 
loop_
_chem_comp_bond.comp_id 
_chem_comp_bond.atom_id_1 
_chem_comp_bond.atom_id_2 
_chem_comp_bond.value_order 
_chem_comp_bond.pdbx_aromatic_flag 
_chem_comp_bond.pdbx_stereo_config 
_chem_comp_bond.pdbx_ordinal 
ALA N   CA   sing N N 1   
ALA N   H    sing N N 2   
ALA N   H2   sing N N 3   
ALA CA  C    sing N N 4   
ALA CA  CB   sing N N 5   
ALA CA  HA   sing N N 6   
ALA C   O    doub N N 7   
ALA C   OXT  sing N N 8   
ALA CB  HB1  sing N N 9   
ALA CB  HB2  sing N N 10  
ALA CB  HB3  sing N N 11  
ALA OXT HXT  sing N N 12  
ARG N   CA   sing N N 13  
ARG N   H    sing N N 14  
ARG N   H2   sing N N 15  
ARG CA  C    sing N N 16  
ARG CA  CB   sing N N 17  
ARG CA  HA   sing N N 18  
ARG C   O    doub N N 19  
ARG C   OXT  sing N N 20  
ARG CB  CG   sing N N 21  
ARG CB  HB2  sing N N 22  
ARG CB  HB3  sing N N 23  
ARG CG  CD   sing N N 24  
ARG CG  HG2  sing N N 25  
ARG CG  HG3  sing N N 26  
ARG CD  NE   sing N N 27  
ARG CD  HD2  sing N N 28  
ARG CD  HD3  sing N N 29  
ARG NE  CZ   sing N N 30  
ARG NE  HE   sing N N 31  
ARG CZ  NH1  sing N N 32  
ARG CZ  NH2  doub N N 33  
ARG NH1 HH11 sing N N 34  
ARG NH1 HH12 sing N N 35  
ARG NH2 HH21 sing N N 36  
ARG NH2 HH22 sing N N 37  
ARG OXT HXT  sing N N 38  
ASN N   CA   sing N N 39  
ASN N   H    sing N N 40  
ASN N   H2   sing N N 41  
ASN CA  C    sing N N 42  
ASN CA  CB   sing N N 43  
ASN CA  HA   sing N N 44  
ASN C   O    doub N N 45  
ASN C   OXT  sing N N 46  
ASN CB  CG   sing N N 47  
ASN CB  HB2  sing N N 48  
ASN CB  HB3  sing N N 49  
ASN CG  OD1  doub N N 50  
ASN CG  ND2  sing N N 51  
ASN ND2 HD21 sing N N 52  
ASN ND2 HD22 sing N N 53  
ASN OXT HXT  sing N N 54  
ASP N   CA   sing N N 55  
ASP N   H    sing N N 56  
ASP N   H2   sing N N 57  
ASP CA  C    sing N N 58  
ASP CA  CB   sing N N 59  
ASP CA  HA   sing N N 60  
ASP C   O    doub N N 61  
ASP C   OXT  sing N N 62  
ASP CB  CG   sing N N 63  
ASP CB  HB2  sing N N 64  
ASP CB  HB3  sing N N 65  
ASP CG  OD1  doub N N 66  
ASP CG  OD2  sing N N 67  
ASP OD2 HD2  sing N N 68  
ASP OXT HXT  sing N N 69  
CYS N   CA   sing N N 70  
CYS N   H    sing N N 71  
CYS N   H2   sing N N 72  
CYS CA  C    sing N N 73  
CYS CA  CB   sing N N 74  
CYS CA  HA   sing N N 75  
CYS C   O    doub N N 76  
CYS C   OXT  sing N N 77  
CYS CB  SG   sing N N 78  
CYS CB  HB2  sing N N 79  
CYS CB  HB3  sing N N 80  
CYS SG  HG   sing N N 81  
CYS OXT HXT  sing N N 82  
GLN N   CA   sing N N 83  
GLN N   H    sing N N 84  
GLN N   H2   sing N N 85  
GLN CA  C    sing N N 86  
GLN CA  CB   sing N N 87  
GLN CA  HA   sing N N 88  
GLN C   O    doub N N 89  
GLN C   OXT  sing N N 90  
GLN CB  CG   sing N N 91  
GLN CB  HB2  sing N N 92  
GLN CB  HB3  sing N N 93  
GLN CG  CD   sing N N 94  
GLN CG  HG2  sing N N 95  
GLN CG  HG3  sing N N 96  
GLN CD  OE1  doub N N 97  
GLN CD  NE2  sing N N 98  
GLN NE2 HE21 sing N N 99  
GLN NE2 HE22 sing N N 100 
GLN OXT HXT  sing N N 101 
GLU N   CA   sing N N 102 
GLU N   H    sing N N 103 
GLU N   H2   sing N N 104 
GLU CA  C    sing N N 105 
GLU CA  CB   sing N N 106 
GLU CA  HA   sing N N 107 
GLU C   O    doub N N 108 
GLU C   OXT  sing N N 109 
GLU CB  CG   sing N N 110 
GLU CB  HB2  sing N N 111 
GLU CB  HB3  sing N N 112 
GLU CG  CD   sing N N 113 
GLU CG  HG2  sing N N 114 
GLU CG  HG3  sing N N 115 
GLU CD  OE1  doub N N 116 
GLU CD  OE2  sing N N 117 
GLU OE2 HE2  sing N N 118 
GLU OXT HXT  sing N N 119 
GLY N   CA   sing N N 120 
GLY N   H    sing N N 121 
GLY N   H2   sing N N 122 
GLY CA  C    sing N N 123 
GLY CA  HA2  sing N N 124 
GLY CA  HA3  sing N N 125 
GLY C   O    doub N N 126 
GLY C   OXT  sing N N 127 
GLY OXT HXT  sing N N 128 
HIS N   CA   sing N N 129 
HIS N   H    sing N N 130 
HIS N   H2   sing N N 131 
HIS CA  C    sing N N 132 
HIS CA  CB   sing N N 133 
HIS CA  HA   sing N N 134 
HIS C   O    doub N N 135 
HIS C   OXT  sing N N 136 
HIS CB  CG   sing N N 137 
HIS CB  HB2  sing N N 138 
HIS CB  HB3  sing N N 139 
HIS CG  ND1  sing Y N 140 
HIS CG  CD2  doub Y N 141 
HIS ND1 CE1  doub Y N 142 
HIS ND1 HD1  sing N N 143 
HIS CD2 NE2  sing Y N 144 
HIS CD2 HD2  sing N N 145 
HIS CE1 NE2  sing Y N 146 
HIS CE1 HE1  sing N N 147 
HIS NE2 HE2  sing N N 148 
HIS OXT HXT  sing N N 149 
HOH O   H1   sing N N 150 
HOH O   H2   sing N N 151 
ILE N   CA   sing N N 152 
ILE N   H    sing N N 153 
ILE N   H2   sing N N 154 
ILE CA  C    sing N N 155 
ILE CA  CB   sing N N 156 
ILE CA  HA   sing N N 157 
ILE C   O    doub N N 158 
ILE C   OXT  sing N N 159 
ILE CB  CG1  sing N N 160 
ILE CB  CG2  sing N N 161 
ILE CB  HB   sing N N 162 
ILE CG1 CD1  sing N N 163 
ILE CG1 HG12 sing N N 164 
ILE CG1 HG13 sing N N 165 
ILE CG2 HG21 sing N N 166 
ILE CG2 HG22 sing N N 167 
ILE CG2 HG23 sing N N 168 
ILE CD1 HD11 sing N N 169 
ILE CD1 HD12 sing N N 170 
ILE CD1 HD13 sing N N 171 
ILE OXT HXT  sing N N 172 
LEU N   CA   sing N N 173 
LEU N   H    sing N N 174 
LEU N   H2   sing N N 175 
LEU CA  C    sing N N 176 
LEU CA  CB   sing N N 177 
LEU CA  HA   sing N N 178 
LEU C   O    doub N N 179 
LEU C   OXT  sing N N 180 
LEU CB  CG   sing N N 181 
LEU CB  HB2  sing N N 182 
LEU CB  HB3  sing N N 183 
LEU CG  CD1  sing N N 184 
LEU CG  CD2  sing N N 185 
LEU CG  HG   sing N N 186 
LEU CD1 HD11 sing N N 187 
LEU CD1 HD12 sing N N 188 
LEU CD1 HD13 sing N N 189 
LEU CD2 HD21 sing N N 190 
LEU CD2 HD22 sing N N 191 
LEU CD2 HD23 sing N N 192 
LEU OXT HXT  sing N N 193 
LYS N   CA   sing N N 194 
LYS N   H    sing N N 195 
LYS N   H2   sing N N 196 
LYS CA  C    sing N N 197 
LYS CA  CB   sing N N 198 
LYS CA  HA   sing N N 199 
LYS C   O    doub N N 200 
LYS C   OXT  sing N N 201 
LYS CB  CG   sing N N 202 
LYS CB  HB2  sing N N 203 
LYS CB  HB3  sing N N 204 
LYS CG  CD   sing N N 205 
LYS CG  HG2  sing N N 206 
LYS CG  HG3  sing N N 207 
LYS CD  CE   sing N N 208 
LYS CD  HD2  sing N N 209 
LYS CD  HD3  sing N N 210 
LYS CE  NZ   sing N N 211 
LYS CE  HE2  sing N N 212 
LYS CE  HE3  sing N N 213 
LYS NZ  HZ1  sing N N 214 
LYS NZ  HZ2  sing N N 215 
LYS NZ  HZ3  sing N N 216 
LYS OXT HXT  sing N N 217 
MET N   CA   sing N N 218 
MET N   H    sing N N 219 
MET N   H2   sing N N 220 
MET CA  C    sing N N 221 
MET CA  CB   sing N N 222 
MET CA  HA   sing N N 223 
MET C   O    doub N N 224 
MET C   OXT  sing N N 225 
MET CB  CG   sing N N 226 
MET CB  HB2  sing N N 227 
MET CB  HB3  sing N N 228 
MET CG  SD   sing N N 229 
MET CG  HG2  sing N N 230 
MET CG  HG3  sing N N 231 
MET SD  CE   sing N N 232 
MET CE  HE1  sing N N 233 
MET CE  HE2  sing N N 234 
MET CE  HE3  sing N N 235 
MET OXT HXT  sing N N 236 
PHE N   CA   sing N N 237 
PHE N   H    sing N N 238 
PHE N   H2   sing N N 239 
PHE CA  C    sing N N 240 
PHE CA  CB   sing N N 241 
PHE CA  HA   sing N N 242 
PHE C   O    doub N N 243 
PHE C   OXT  sing N N 244 
PHE CB  CG   sing N N 245 
PHE CB  HB2  sing N N 246 
PHE CB  HB3  sing N N 247 
PHE CG  CD1  doub Y N 248 
PHE CG  CD2  sing Y N 249 
PHE CD1 CE1  sing Y N 250 
PHE CD1 HD1  sing N N 251 
PHE CD2 CE2  doub Y N 252 
PHE CD2 HD2  sing N N 253 
PHE CE1 CZ   doub Y N 254 
PHE CE1 HE1  sing N N 255 
PHE CE2 CZ   sing Y N 256 
PHE CE2 HE2  sing N N 257 
PHE CZ  HZ   sing N N 258 
PHE OXT HXT  sing N N 259 
PRO N   CA   sing N N 260 
PRO N   CD   sing N N 261 
PRO N   H    sing N N 262 
PRO CA  C    sing N N 263 
PRO CA  CB   sing N N 264 
PRO CA  HA   sing N N 265 
PRO C   O    doub N N 266 
PRO C   OXT  sing N N 267 
PRO CB  CG   sing N N 268 
PRO CB  HB2  sing N N 269 
PRO CB  HB3  sing N N 270 
PRO CG  CD   sing N N 271 
PRO CG  HG2  sing N N 272 
PRO CG  HG3  sing N N 273 
PRO CD  HD2  sing N N 274 
PRO CD  HD3  sing N N 275 
PRO OXT HXT  sing N N 276 
SER N   CA   sing N N 277 
SER N   H    sing N N 278 
SER N   H2   sing N N 279 
SER CA  C    sing N N 280 
SER CA  CB   sing N N 281 
SER CA  HA   sing N N 282 
SER C   O    doub N N 283 
SER C   OXT  sing N N 284 
SER CB  OG   sing N N 285 
SER CB  HB2  sing N N 286 
SER CB  HB3  sing N N 287 
SER OG  HG   sing N N 288 
SER OXT HXT  sing N N 289 
THR N   CA   sing N N 290 
THR N   H    sing N N 291 
THR N   H2   sing N N 292 
THR CA  C    sing N N 293 
THR CA  CB   sing N N 294 
THR CA  HA   sing N N 295 
THR C   O    doub N N 296 
THR C   OXT  sing N N 297 
THR CB  OG1  sing N N 298 
THR CB  CG2  sing N N 299 
THR CB  HB   sing N N 300 
THR OG1 HG1  sing N N 301 
THR CG2 HG21 sing N N 302 
THR CG2 HG22 sing N N 303 
THR CG2 HG23 sing N N 304 
THR OXT HXT  sing N N 305 
TRP N   CA   sing N N 306 
TRP N   H    sing N N 307 
TRP N   H2   sing N N 308 
TRP CA  C    sing N N 309 
TRP CA  CB   sing N N 310 
TRP CA  HA   sing N N 311 
TRP C   O    doub N N 312 
TRP C   OXT  sing N N 313 
TRP CB  CG   sing N N 314 
TRP CB  HB2  sing N N 315 
TRP CB  HB3  sing N N 316 
TRP CG  CD1  doub Y N 317 
TRP CG  CD2  sing Y N 318 
TRP CD1 NE1  sing Y N 319 
TRP CD1 HD1  sing N N 320 
TRP CD2 CE2  doub Y N 321 
TRP CD2 CE3  sing Y N 322 
TRP NE1 CE2  sing Y N 323 
TRP NE1 HE1  sing N N 324 
TRP CE2 CZ2  sing Y N 325 
TRP CE3 CZ3  doub Y N 326 
TRP CE3 HE3  sing N N 327 
TRP CZ2 CH2  doub Y N 328 
TRP CZ2 HZ2  sing N N 329 
TRP CZ3 CH2  sing Y N 330 
TRP CZ3 HZ3  sing N N 331 
TRP CH2 HH2  sing N N 332 
TRP OXT HXT  sing N N 333 
TYR N   CA   sing N N 334 
TYR N   H    sing N N 335 
TYR N   H2   sing N N 336 
TYR CA  C    sing N N 337 
TYR CA  CB   sing N N 338 
TYR CA  HA   sing N N 339 
TYR C   O    doub N N 340 
TYR C   OXT  sing N N 341 
TYR CB  CG   sing N N 342 
TYR CB  HB2  sing N N 343 
TYR CB  HB3  sing N N 344 
TYR CG  CD1  doub Y N 345 
TYR CG  CD2  sing Y N 346 
TYR CD1 CE1  sing Y N 347 
TYR CD1 HD1  sing N N 348 
TYR CD2 CE2  doub Y N 349 
TYR CD2 HD2  sing N N 350 
TYR CE1 CZ   doub Y N 351 
TYR CE1 HE1  sing N N 352 
TYR CE2 CZ   sing Y N 353 
TYR CE2 HE2  sing N N 354 
TYR CZ  OH   sing N N 355 
TYR OH  HH   sing N N 356 
TYR OXT HXT  sing N N 357 
VAL N   CA   sing N N 358 
VAL N   H    sing N N 359 
VAL N   H2   sing N N 360 
VAL CA  C    sing N N 361 
VAL CA  CB   sing N N 362 
VAL CA  HA   sing N N 363 
VAL C   O    doub N N 364 
VAL C   OXT  sing N N 365 
VAL CB  CG1  sing N N 366 
VAL CB  CG2  sing N N 367 
VAL CB  HB   sing N N 368 
VAL CG1 HG11 sing N N 369 
VAL CG1 HG12 sing N N 370 
VAL CG1 HG13 sing N N 371 
VAL CG2 HG21 sing N N 372 
VAL CG2 HG22 sing N N 373 
VAL CG2 HG23 sing N N 374 
VAL OXT HXT  sing N N 375 
# 
_atom_sites.entry_id                    1KDQ 
_atom_sites.fract_transf_matrix[1][1]   -0.00501038 
_atom_sites.fract_transf_matrix[1][2]   -0.00489310 
_atom_sites.fract_transf_matrix[1][3]   0.01143247 
_atom_sites.fract_transf_matrix[2][1]   -0.00949346 
_atom_sites.fract_transf_matrix[2][2]   0.00892875 
_atom_sites.fract_transf_matrix[2][3]   -0.00033909 
_atom_sites.fract_transf_matrix[3][1]   -0.00688216 
_atom_sites.fract_transf_matrix[3][2]   -0.00755477 
_atom_sites.fract_transf_matrix[3][3]   -0.00624962 
_atom_sites.fract_transf_vector[1]      0.279740 
_atom_sites.fract_transf_vector[2]      0.298182 
_atom_sites.fract_transf_vector[3]      0.174530 
# 
loop_
_atom_type.symbol 
C  
CA 
N  
O  
S  
# 
loop_
_atom_site.group_PDB 
_atom_site.id 
_atom_site.type_symbol 
_atom_site.label_atom_id 
_atom_site.label_alt_id 
_atom_site.label_comp_id 
_atom_site.label_asym_id 
_atom_site.label_entity_id 
_atom_site.label_seq_id 
_atom_site.pdbx_PDB_ins_code 
_atom_site.Cartn_x 
_atom_site.Cartn_y 
_atom_site.Cartn_z 
_atom_site.occupancy 
_atom_site.B_iso_or_equiv 
_atom_site.pdbx_formal_charge 
_atom_site.auth_seq_id 
_atom_site.auth_comp_id 
_atom_site.auth_asym_id 
_atom_site.auth_atom_id 
_atom_site.pdbx_PDB_model_num 
ATOM   1    N  N   . VAL A 1 2   ? 0.478   -19.932 -10.027 1.00 40.04 ? 17  VAL A N   1 
ATOM   2    C  CA  . VAL A 1 2   ? 1.133   -19.320 -8.833  1.00 40.04 ? 17  VAL A CA  1 
ATOM   3    C  C   . VAL A 1 2   ? 0.702   -17.865 -8.670  1.00 40.04 ? 17  VAL A C   1 
ATOM   4    O  O   . VAL A 1 2   ? 1.068   -17.012 -9.479  1.00 40.04 ? 17  VAL A O   1 
ATOM   5    C  CB  . VAL A 1 2   ? 2.679   -19.358 -8.957  1.00 40.04 ? 17  VAL A CB  1 
ATOM   6    C  CG1 . VAL A 1 2   ? 3.295   -19.842 -7.642  1.00 24.63 ? 17  VAL A CG1 1 
ATOM   7    C  CG2 . VAL A 1 2   ? 3.089   -20.258 -10.115 1.00 24.63 ? 17  VAL A CG2 1 
ATOM   8    N  N   . ASN A 1 3   ? -0.074  -17.586 -7.628  1.00 44.21 ? 18  ASN A N   1 
ATOM   9    C  CA  . ASN A 1 3   ? -0.553  -16.231 -7.365  1.00 44.21 ? 18  ASN A CA  1 
ATOM   10   C  C   . ASN A 1 3   ? 0.493   -15.406 -6.612  1.00 44.21 ? 18  ASN A C   1 
ATOM   11   O  O   . ASN A 1 3   ? 0.575   -14.185 -6.783  1.00 44.21 ? 18  ASN A O   1 
ATOM   12   C  CB  . ASN A 1 3   ? -1.846  -16.277 -6.548  1.00 44.21 ? 18  ASN A CB  1 
ATOM   13   C  CG  . ASN A 1 3   ? -2.950  -17.047 -7.249  1.00 35.81 ? 18  ASN A CG  1 
ATOM   14   O  OD1 . ASN A 1 3   ? -2.993  -17.118 -8.471  1.00 35.81 ? 18  ASN A OD1 1 
ATOM   15   N  ND2 . ASN A 1 3   ? -3.852  -17.622 -6.470  1.00 35.81 ? 18  ASN A ND2 1 
ATOM   16   N  N   . GLY A 1 4   ? 1.291   -16.083 -5.789  1.00 54.49 ? 19  GLY A N   1 
ATOM   17   C  CA  . GLY A 1 4   ? 2.316   -15.405 -5.019  1.00 54.49 ? 19  GLY A CA  1 
ATOM   18   C  C   . GLY A 1 4   ? 3.016   -16.331 -4.049  1.00 54.49 ? 19  GLY A C   1 
ATOM   19   O  O   . GLY A 1 4   ? 2.598   -17.473 -3.863  1.00 54.49 ? 19  GLY A O   1 
ATOM   20   N  N   . GLU A 1 5   ? 4.077   -15.841 -3.415  1.00 28.19 ? 20  GLU A N   1 
ATOM   21   C  CA  . GLU A 1 5   ? 4.840   -16.661 -2.475  1.00 28.19 ? 20  GLU A CA  1 
ATOM   22   C  C   . GLU A 1 5   ? 5.248   -15.907 -1.206  1.00 28.19 ? 20  GLU A C   1 
ATOM   23   O  O   . GLU A 1 5   ? 5.150   -14.683 -1.135  1.00 28.19 ? 20  GLU A O   1 
ATOM   24   C  CB  . GLU A 1 5   ? 6.094   -17.199 -3.171  1.00 28.19 ? 20  GLU A CB  1 
ATOM   25   C  CG  . GLU A 1 5   ? 7.278   -16.259 -3.080  1.00 34.97 ? 20  GLU A CG  1 
ATOM   26   C  CD  . GLU A 1 5   ? 8.206   -16.353 -4.275  1.00 34.97 ? 20  GLU A CD  1 
ATOM   27   O  OE1 . GLU A 1 5   ? 8.307   -17.448 -4.861  1.00 34.97 ? 20  GLU A OE1 1 
ATOM   28   O  OE2 . GLU A 1 5   ? 8.836   -15.334 -4.626  1.00 34.97 ? 20  GLU A OE2 1 
ATOM   29   N  N   . ASP A 1 6   ? 5.714   -16.657 -0.211  1.00 40.19 ? 21  ASP A N   1 
ATOM   30   C  CA  . ASP A 1 6   ? 6.159   -16.084 1.054   1.00 40.19 ? 21  ASP A CA  1 
ATOM   31   C  C   . ASP A 1 6   ? 7.366   -15.183 0.831   1.00 40.19 ? 21  ASP A C   1 
ATOM   32   O  O   . ASP A 1 6   ? 8.241   -15.485 0.014   1.00 40.19 ? 21  ASP A O   1 
ATOM   33   C  CB  . ASP A 1 6   ? 6.533   -17.194 2.034   1.00 40.19 ? 21  ASP A CB  1 
ATOM   34   C  CG  . ASP A 1 6   ? 5.342   -17.701 2.808   1.00 39.55 ? 21  ASP A CG  1 
ATOM   35   O  OD1 . ASP A 1 6   ? 4.220   -17.241 2.523   1.00 39.55 ? 21  ASP A OD1 1 
ATOM   36   O  OD2 . ASP A 1 6   ? 5.518   -18.556 3.697   1.00 39.55 ? 21  ASP A OD2 1 
ATOM   37   N  N   . ALA A 1 7   ? 7.418   -14.075 1.557   1.00 37.56 ? 22  ALA A N   1 
ATOM   38   C  CA  . ALA A 1 7   ? 8.530   -13.151 1.411   1.00 37.56 ? 22  ALA A CA  1 
ATOM   39   C  C   . ALA A 1 7   ? 9.601   -13.447 2.456   1.00 37.56 ? 22  ALA A C   1 
ATOM   40   O  O   . ALA A 1 7   ? 9.302   -13.917 3.562   1.00 37.56 ? 22  ALA A O   1 
ATOM   41   C  CB  . ALA A 1 7   ? 8.054   -11.729 1.632   1.00 37.56 ? 22  ALA A CB  1 
ATOM   42   N  N   . ILE A 1 8   ? 10.836  -13.170 2.078   1.00 34.28 ? 23  ILE A N   1 
ATOM   43   C  CA  . ILE A 1 8   ? 11.971  -13.325 2.993   1.00 34.28 ? 23  ILE A CA  1 
ATOM   44   C  C   . ILE A 1 8   ? 11.857  -12.223 4.035   1.00 34.28 ? 23  ILE A C   1 
ATOM   45   O  O   . ILE A 1 8   ? 11.725  -11.038 3.699   1.00 34.28 ? 23  ILE A O   1 
ATOM   46   C  CB  . ILE A 1 8   ? 13.295  -13.210 2.239   1.00 34.28 ? 23  ILE A CB  1 
ATOM   47   C  CG1 . ILE A 1 8   ? 13.601  -14.436 1.377   1.00 13.88 ? 23  ILE A CG1 1 
ATOM   48   C  CG2 . ILE A 1 8   ? 14.501  -13.051 3.171   1.00 13.88 ? 23  ILE A CG2 1 
ATOM   49   C  CD1 . ILE A 1 8   ? 14.128  -14.072 -0.012  1.00 13.88 ? 23  ILE A CD1 1 
ATOM   50   N  N   . PRO A 1 9   ? 11.902  -12.527 5.328   1.00 31.06 ? 24  PRO A N   1 
ATOM   51   C  CA  . PRO A 1 9   ? 11.715  -11.505 6.333   1.00 31.06 ? 24  PRO A CA  1 
ATOM   52   C  C   . PRO A 1 9   ? 12.727  -10.372 6.172   1.00 31.06 ? 24  PRO A C   1 
ATOM   53   O  O   . PRO A 1 9   ? 13.920  -10.624 5.960   1.00 31.06 ? 24  PRO A O   1 
ATOM   54   C  CB  . PRO A 1 9   ? 11.876  -12.252 7.637   1.00 31.06 ? 24  PRO A CB  1 
ATOM   55   C  CG  . PRO A 1 9   ? 12.134  -13.716 7.309   1.00 31.26 ? 24  PRO A CG  1 
ATOM   56   C  CD  . PRO A 1 9   ? 12.142  -13.882 5.821   1.00 31.26 ? 24  PRO A CD  1 
ATOM   57   N  N   . GLY A 1 10  ? 12.242  -9.133  6.251   1.00 32.19 ? 25  GLY A N   1 
ATOM   58   C  CA  . GLY A 1 10  ? 13.108  -7.969  6.133   1.00 32.19 ? 25  GLY A CA  1 
ATOM   59   C  C   . GLY A 1 10  ? 13.405  -7.547  4.712   1.00 32.19 ? 25  GLY A C   1 
ATOM   60   O  O   . GLY A 1 10  ? 14.168  -6.599  4.480   1.00 32.19 ? 25  GLY A O   1 
ATOM   61   N  N   . SER A 1 11  ? 12.798  -8.248  3.758   1.00 27.41 ? 26  SER A N   1 
ATOM   62   C  CA  . SER A 1 11  ? 12.979  -7.974  2.335   1.00 27.41 ? 26  SER A CA  1 
ATOM   63   C  C   . SER A 1 11  ? 12.208  -6.715  1.899   1.00 27.41 ? 26  SER A C   1 
ATOM   64   O  O   . SER A 1 11  ? 12.550  -6.073  0.894   1.00 27.41 ? 26  SER A O   1 
ATOM   65   C  CB  . SER A 1 11  ? 12.519  -9.192  1.518   1.00 27.41 ? 26  SER A CB  1 
ATOM   66   O  OG  . SER A 1 11  ? 13.394  -9.398  0.419   1.00 37.45 ? 26  SER A OG  1 
ATOM   67   N  N   . TRP A 1 12  ? 11.180  -6.391  2.663   1.00 27.39 ? 27  TRP A N   1 
ATOM   68   C  CA  . TRP A 1 12  ? 10.346  -5.194  2.423   1.00 27.39 ? 27  TRP A CA  1 
ATOM   69   C  C   . TRP A 1 12  ? 10.227  -4.425  3.758   1.00 27.39 ? 27  TRP A C   1 
ATOM   70   O  O   . TRP A 1 12  ? 9.214   -4.532  4.467   1.00 27.39 ? 27  TRP A O   1 
ATOM   71   C  CB  . TRP A 1 12  ? 8.981   -5.623  1.863   1.00 27.39 ? 27  TRP A CB  1 
ATOM   72   C  CG  . TRP A 1 12  ? 9.061   -6.623  0.727   1.00 12.54 ? 27  TRP A CG  1 
ATOM   73   C  CD1 . TRP A 1 12  ? 8.842   -7.984  0.813   1.00 12.54 ? 27  TRP A CD1 1 
ATOM   74   C  CD2 . TRP A 1 12  ? 9.430   -6.367  -0.642  1.00 12.54 ? 27  TRP A CD2 1 
ATOM   75   N  NE1 . TRP A 1 12  ? 9.061   -8.572  -0.409  1.00 12.54 ? 27  TRP A NE1 1 
ATOM   76   C  CE2 . TRP A 1 12  ? 9.422   -7.610  -1.317  1.00 12.54 ? 27  TRP A CE2 1 
ATOM   77   C  CE3 . TRP A 1 12  ? 9.771   -5.206  -1.361  1.00 12.54 ? 27  TRP A CE3 1 
ATOM   78   C  CZ2 . TRP A 1 12  ? 9.741   -7.729  -2.673  1.00 12.54 ? 27  TRP A CZ2 1 
ATOM   79   C  CZ3 . TRP A 1 12  ? 10.093  -5.325  -2.719  1.00 12.54 ? 27  TRP A CZ3 1 
ATOM   80   C  CH2 . TRP A 1 12  ? 10.077  -6.580  -3.357  1.00 12.54 ? 27  TRP A CH2 1 
ATOM   81   N  N   . PRO A 1 13  ? 11.275  -3.654  4.114   1.00 35.26 ? 28  PRO A N   1 
ATOM   82   C  CA  . PRO A 1 13  ? 11.363  -2.922  5.392   1.00 35.26 ? 28  PRO A CA  1 
ATOM   83   C  C   . PRO A 1 13  ? 10.295  -1.863  5.650   1.00 35.26 ? 28  PRO A C   1 
ATOM   84   O  O   . PRO A 1 13  ? 9.935   -1.628  6.846   1.00 35.26 ? 28  PRO A O   1 
ATOM   85   C  CB  . PRO A 1 13  ? 12.719  -2.253  5.341   1.00 35.26 ? 28  PRO A CB  1 
ATOM   86   C  CG  . PRO A 1 13  ? 13.366  -2.626  4.007   1.00 35.07 ? 28  PRO A CG  1 
ATOM   87   C  CD  . PRO A 1 13  ? 12.432  -3.510  3.226   1.00 35.07 ? 28  PRO A CD  1 
ATOM   88   N  N   . TRP A 1 14  ? 9.791   -1.221  4.613   1.00 24.77 ? 29  TRP A N   1 
ATOM   89   C  CA  . TRP A 1 14  ? 8.818   -0.100  4.772   1.00 24.77 ? 29  TRP A CA  1 
ATOM   90   C  C   . TRP A 1 14  ? 7.371   -0.571  5.022   1.00 24.77 ? 29  TRP A C   1 
ATOM   91   O  O   . TRP A 1 14  ? 6.484   0.232   5.355   1.00 24.77 ? 29  TRP A O   1 
ATOM   92   C  CB  . TRP A 1 14  ? 8.775   0.747   3.500   1.00 24.77 ? 29  TRP A CB  1 
ATOM   93   C  CG  . TRP A 1 14  ? 8.731   -0.061  2.282   1.00 40.99 ? 29  TRP A CG  1 
ATOM   94   C  CD1 . TRP A 1 14  ? 7.624   -0.612  1.692   1.00 40.99 ? 29  TRP A CD1 1 
ATOM   95   C  CD2 . TRP A 1 14  ? 9.850   -0.445  1.478   1.00 40.99 ? 29  TRP A CD2 1 
ATOM   96   N  NE1 . TRP A 1 14  ? 7.991   -1.313  0.567   1.00 40.99 ? 29  TRP A NE1 1 
ATOM   97   C  CE2 . TRP A 1 14  ? 9.351   -1.226  0.413   1.00 40.99 ? 29  TRP A CE2 1 
ATOM   98   C  CE3 . TRP A 1 14  ? 11.229  -0.203  1.552   1.00 40.99 ? 29  TRP A CE3 1 
ATOM   99   C  CZ2 . TRP A 1 14  ? 10.185  -1.767  -0.570  1.00 40.99 ? 29  TRP A CZ2 1 
ATOM   100  C  CZ3 . TRP A 1 14  ? 12.055  -0.738  0.574   1.00 40.99 ? 29  TRP A CZ3 1 
ATOM   101  C  CH2 . TRP A 1 14  ? 11.529  -1.514  -0.474  1.00 40.99 ? 29  TRP A CH2 1 
ATOM   102  N  N   . GLN A 1 15  ? 7.162   -1.858  4.872   1.00 28.07 ? 30  GLN A N   1 
ATOM   103  C  CA  . GLN A 1 15  ? 5.821   -2.471  4.954   1.00 28.07 ? 30  GLN A CA  1 
ATOM   104  C  C   . GLN A 1 15  ? 5.329   -2.703  6.376   1.00 28.07 ? 30  GLN A C   1 
ATOM   105  O  O   . GLN A 1 15  ? 5.845   -3.553  7.089   1.00 28.07 ? 30  GLN A O   1 
ATOM   106  C  CB  . GLN A 1 15  ? 5.852   -3.829  4.248   1.00 28.07 ? 30  GLN A CB  1 
ATOM   107  C  CG  . GLN A 1 15  ? 4.663   -4.719  4.595   1.00 23.30 ? 30  GLN A CG  1 
ATOM   108  C  CD  . GLN A 1 15  ? 3.540   -4.638  3.562   1.00 23.30 ? 30  GLN A CD  1 
ATOM   109  O  OE1 . GLN A 1 15  ? 2.434   -4.219  3.894   1.00 23.30 ? 30  GLN A OE1 1 
ATOM   110  N  NE2 . GLN A 1 15  ? 3.760   -5.014  2.316   1.00 23.30 ? 30  GLN A NE2 1 
ATOM   111  N  N   . VAL A 1 16  ? 4.295   -1.974  6.768   1.00 23.25 ? 31  VAL A N   1 
ATOM   112  C  CA  . VAL A 1 16  ? 3.727   -2.097  8.110   1.00 23.25 ? 31  VAL A CA  1 
ATOM   113  C  C   . VAL A 1 16  ? 2.355   -2.763  8.112   1.00 23.25 ? 31  VAL A C   1 
ATOM   114  O  O   . VAL A 1 16  ? 1.742   -2.973  7.072   1.00 23.25 ? 31  VAL A O   1 
ATOM   115  C  CB  . VAL A 1 16  ? 3.563   -0.707  8.787   1.00 23.25 ? 31  VAL A CB  1 
ATOM   116  C  CG1 . VAL A 1 16  ? 4.861   0.076   8.693   1.00 23.38 ? 31  VAL A CG1 1 
ATOM   117  C  CG2 . VAL A 1 16  ? 2.440   0.067   8.120   1.00 23.38 ? 31  VAL A CG2 1 
ATOM   118  N  N   . SER A 1 17  ? 1.876   -3.057  9.311   1.00 35.41 ? 32  SER A N   1 
ATOM   119  C  CA  . SER A 1 17  ? 0.587   -3.680  9.514   1.00 35.41 ? 32  SER A CA  1 
ATOM   120  C  C   . SER A 1 17  ? -0.274  -2.764  10.396  1.00 35.41 ? 32  SER A C   1 
ATOM   121  O  O   . SER A 1 17  ? 0.142   -2.376  11.494  1.00 35.41 ? 32  SER A O   1 
ATOM   122  C  CB  . SER A 1 17  ? 0.780   -5.034  10.197  1.00 35.41 ? 32  SER A CB  1 
ATOM   123  O  OG  . SER A 1 17  ? -0.342  -5.361  10.991  1.00 11.05 ? 32  SER A OG  1 
ATOM   124  N  N   . LEU A 1 18  ? -1.461  -2.400  9.923   1.00 22.99 ? 33  LEU A N   1 
ATOM   125  C  CA  . LEU A 1 18  ? -2.335  -1.549  10.705  1.00 22.99 ? 33  LEU A CA  1 
ATOM   126  C  C   . LEU A 1 18  ? -3.284  -2.424  11.520  1.00 22.99 ? 33  LEU A C   1 
ATOM   127  O  O   . LEU A 1 18  ? -3.957  -3.301  10.972  1.00 22.99 ? 33  LEU A O   1 
ATOM   128  C  CB  . LEU A 1 18  ? -3.106  -0.608  9.786   1.00 22.99 ? 33  LEU A CB  1 
ATOM   129  C  CG  . LEU A 1 18  ? -2.237  0.459   9.105   1.00 27.79 ? 33  LEU A CG  1 
ATOM   130  C  CD1 . LEU A 1 18  ? -3.062  1.274   8.110   1.00 27.79 ? 33  LEU A CD1 1 
ATOM   131  C  CD2 . LEU A 1 18  ? -1.642  1.371   10.168  1.00 27.79 ? 33  LEU A CD2 1 
ATOM   132  N  N   . GLN A 1 19  ? -3.318  -2.197  12.832  1.00 40.50 ? 34  GLN A N   1 
ATOM   133  C  CA  . GLN A 1 19  ? -4.172  -2.965  13.728  1.00 40.50 ? 34  GLN A CA  1 
ATOM   134  C  C   . GLN A 1 19  ? -4.918  -2.070  14.700  1.00 40.50 ? 34  GLN A C   1 
ATOM   135  O  O   . GLN A 1 19  ? -4.680  -0.857  14.768  1.00 40.50 ? 34  GLN A O   1 
ATOM   136  C  CB  . GLN A 1 19  ? -3.353  -3.977  14.529  1.00 40.50 ? 34  GLN A CB  1 
ATOM   137  C  CG  . GLN A 1 19  ? -1.969  -4.217  13.978  1.00 25.24 ? 34  GLN A CG  1 
ATOM   138  C  CD  . GLN A 1 19  ? -1.442  -5.598  14.301  1.00 25.24 ? 34  GLN A CD  1 
ATOM   139  O  OE1 . GLN A 1 19  ? -0.717  -6.200  13.501  1.00 25.24 ? 34  GLN A OE1 1 
ATOM   140  N  NE2 . GLN A 1 19  ? -1.800  -6.111  15.475  1.00 25.24 ? 34  GLN A NE2 1 
ATOM   141  N  N   . ASP A 1 20  ? -5.821  -2.679  15.456  1.00 48.19 ? 35  ASP A N   1 
ATOM   142  C  CA  . ASP A 1 20  ? -6.620  -1.946  16.419  1.00 48.19 ? 35  ASP A CA  1 
ATOM   143  C  C   . ASP A 1 20  ? -6.316  -2.423  17.831  1.00 48.19 ? 35  ASP A C   1 
ATOM   144  O  O   . ASP A 1 20  ? -5.446  -3.270  18.032  1.00 48.19 ? 35  ASP A O   1 
ATOM   145  C  CB  . ASP A 1 20  ? -8.109  -2.127  16.107  1.00 48.19 ? 35  ASP A CB  1 
ATOM   146  C  CG  . ASP A 1 20  ? -8.505  -3.591  15.952  1.00 43.39 ? 35  ASP A CG  1 
ATOM   147  O  OD1 . ASP A 1 20  ? -7.609  -4.450  15.797  1.00 43.39 ? 35  ASP A OD1 1 
ATOM   148  O  OD2 . ASP A 1 20  ? -9.717  -3.879  15.989  1.00 43.39 ? 35  ASP A OD2 1 
ATOM   149  N  N   . LYS A 1 21  ? -7.046  -1.880  18.799  1.00 40.67 ? 36  LYS A N   1 
ATOM   150  C  CA  . LYS A 1 21  ? -6.853  -2.209  20.210  1.00 40.67 ? 36  LYS A CA  1 
ATOM   151  C  C   . LYS A 1 21  ? -6.918  -3.697  20.538  1.00 40.67 ? 36  LYS A C   1 
ATOM   152  O  O   . LYS A 1 21  ? -6.657  -4.107  21.672  1.00 40.67 ? 36  LYS A O   1 
ATOM   153  C  CB  . LYS A 1 21  ? -7.888  -1.465  21.059  1.00 40.67 ? 36  LYS A CB  1 
ATOM   154  C  CG  . LYS A 1 21  ? -9.309  -1.582  20.539  1.00 41.95 ? 36  LYS A CG  1 
ATOM   155  C  CD  . LYS A 1 21  ? -10.302 -0.896  21.474  1.00 41.95 ? 36  LYS A CD  1 
ATOM   156  C  CE  . LYS A 1 21  ? -10.689 0.493   20.946  1.00 41.95 ? 36  LYS A CE  1 
ATOM   157  N  NZ  . LYS A 1 21  ? -12.140 0.790   21.110  1.00 41.95 ? 36  LYS A NZ  1 
ATOM   158  N  N   . THR A 1 22  ? -7.257  -4.510  19.548  1.00 46.56 ? 37  THR A N   1 
ATOM   159  C  CA  . THR A 1 22  ? -7.369  -5.943  19.762  1.00 46.56 ? 37  THR A CA  1 
ATOM   160  C  C   . THR A 1 22  ? -6.087  -6.644  19.345  1.00 46.56 ? 37  THR A C   1 
ATOM   161  O  O   . THR A 1 22  ? -5.818  -7.770  19.761  1.00 46.56 ? 37  THR A O   1 
ATOM   162  C  CB  . THR A 1 22  ? -8.543  -6.508  18.952  1.00 46.56 ? 37  THR A CB  1 
ATOM   163  O  OG1 . THR A 1 22  ? -8.691  -5.745  17.740  1.00 38.53 ? 37  THR A OG1 1 
ATOM   164  C  CG2 . THR A 1 22  ? -9.830  -6.423  19.764  1.00 38.53 ? 37  THR A CG2 1 
ATOM   165  N  N   . GLY A 1 23  ? -5.298  -5.966  18.521  1.00 52.39 ? 38  GLY A N   1 
ATOM   166  C  CA  . GLY A 1 23  ? -4.057  -6.548  18.048  1.00 52.39 ? 38  GLY A CA  1 
ATOM   167  C  C   . GLY A 1 23  ? -4.311  -7.315  16.767  1.00 52.39 ? 38  GLY A C   1 
ATOM   168  O  O   . GLY A 1 23  ? -3.530  -8.185  16.376  1.00 52.39 ? 38  GLY A O   1 
ATOM   169  N  N   . PHE A 1 24  ? -5.415  -6.988  16.106  1.00 43.33 ? 39  PHE A N   1 
ATOM   170  C  CA  . PHE A 1 24  ? -5.774  -7.658  14.868  1.00 43.33 ? 39  PHE A CA  1 
ATOM   171  C  C   . PHE A 1 24  ? -5.606  -6.786  13.638  1.00 43.33 ? 39  PHE A C   1 
ATOM   172  O  O   . PHE A 1 24  ? -6.195  -5.718  13.520  1.00 43.33 ? 39  PHE A O   1 
ATOM   173  C  CB  . PHE A 1 24  ? -7.203  -8.188  14.965  1.00 43.33 ? 39  PHE A CB  1 
ATOM   174  C  CG  . PHE A 1 24  ? -7.314  -9.440  15.783  1.00 37.76 ? 39  PHE A CG  1 
ATOM   175  C  CD1 . PHE A 1 24  ? -7.517  -9.372  17.158  1.00 37.76 ? 39  PHE A CD1 1 
ATOM   176  C  CD2 . PHE A 1 24  ? -7.170  -10.687 15.186  1.00 37.76 ? 39  PHE A CD2 1 
ATOM   177  C  CE1 . PHE A 1 24  ? -7.569  -10.528 17.926  1.00 37.76 ? 39  PHE A CE1 1 
ATOM   178  C  CE2 . PHE A 1 24  ? -7.220  -11.847 15.944  1.00 37.76 ? 39  PHE A CE2 1 
ATOM   179  C  CZ  . PHE A 1 24  ? -7.420  -11.770 17.314  1.00 37.76 ? 39  PHE A CZ  1 
ATOM   180  N  N   . HIS A 1 25  ? -4.775  -7.279  12.731  1.00 36.70 ? 40  HIS A N   1 
ATOM   181  C  CA  . HIS A 1 25  ? -4.443  -6.630  11.471  1.00 36.70 ? 40  HIS A CA  1 
ATOM   182  C  C   . HIS A 1 25  ? -5.696  -6.404  10.640  1.00 36.70 ? 40  HIS A C   1 
ATOM   183  O  O   . HIS A 1 25  ? -6.521  -7.312  10.489  1.00 36.70 ? 40  HIS A O   1 
ATOM   184  C  CB  . HIS A 1 25  ? -3.449  -7.535  10.744  1.00 36.70 ? 40  HIS A CB  1 
ATOM   185  C  CG  . HIS A 1 25  ? -3.283  -7.239  9.288   1.00 17.52 ? 40  HIS A CG  1 
ATOM   186  N  ND1 . HIS A 1 25  ? -2.149  -6.650  8.779   1.00 17.52 ? 40  HIS A ND1 1 
ATOM   187  C  CD2 . HIS A 1 25  ? -4.069  -7.520  8.226   1.00 17.52 ? 40  HIS A CD2 1 
ATOM   188  C  CE1 . HIS A 1 25  ? -2.241  -6.578  7.464   1.00 17.52 ? 40  HIS A CE1 1 
ATOM   189  N  NE2 . HIS A 1 25  ? -3.397  -7.101  7.101   1.00 17.52 ? 40  HIS A NE2 1 
ATOM   190  N  N   . PHE A 1 26  ? -5.839  -5.202  10.086  1.00 29.98 ? 41  PHE A N   1 
ATOM   191  C  CA  . PHE A 1 26  ? -7.014  -4.878  9.280   1.00 29.98 ? 41  PHE A CA  1 
ATOM   192  C  C   . PHE A 1 26  ? -6.707  -4.048  8.041   1.00 29.98 ? 41  PHE A C   1 
ATOM   193  O  O   . PHE A 1 26  ? -7.623  -3.622  7.347   1.00 29.98 ? 41  PHE A O   1 
ATOM   194  C  CB  . PHE A 1 26  ? -8.037  -4.130  10.130  1.00 29.98 ? 41  PHE A CB  1 
ATOM   195  C  CG  . PHE A 1 26  ? -7.726  -2.662  10.299  1.00 34.10 ? 41  PHE A CG  1 
ATOM   196  C  CD1 . PHE A 1 26  ? -6.918  -2.224  11.341  1.00 34.10 ? 41  PHE A CD1 1 
ATOM   197  C  CD2 . PHE A 1 26  ? -8.212  -1.723  9.395   1.00 34.10 ? 41  PHE A CD2 1 
ATOM   198  C  CE1 . PHE A 1 26  ? -6.593  -0.875  11.479  1.00 34.10 ? 41  PHE A CE1 1 
ATOM   199  C  CE2 . PHE A 1 26  ? -7.892  -0.378  9.527   1.00 34.10 ? 41  PHE A CE2 1 
ATOM   200  C  CZ  . PHE A 1 26  ? -7.077  0.048   10.574  1.00 34.10 ? 41  PHE A CZ  1 
ATOM   201  N  N   . CYS A 1 27  ? -5.434  -3.815  7.755   1.00 23.70 ? 42  CYS A N   1 
ATOM   202  C  CA  . CYS A 1 27  ? -5.055  -3.007  6.590   1.00 23.70 ? 42  CYS A CA  1 
ATOM   203  C  C   . CYS A 1 27  ? -3.540  -2.913  6.566   1.00 23.70 ? 42  CYS A C   1 
ATOM   204  O  O   . CYS A 1 27  ? -2.893  -3.146  7.574   1.00 23.70 ? 42  CYS A O   1 
ATOM   205  C  CB  . CYS A 1 27  ? -5.610  -1.577  6.704   1.00 23.70 ? 42  CYS A CB  1 
ATOM   206  S  SG  . CYS A 1 27  ? -7.250  -1.243  5.988   1.00 28.33 ? 42  CYS A SG  1 
ATOM   207  N  N   . GLY A 1 28  ? -2.986  -2.561  5.416   1.00 23.16 ? 43  GLY A N   1 
ATOM   208  C  CA  . GLY A 1 28  ? -1.554  -2.425  5.301   1.00 23.16 ? 43  GLY A CA  1 
ATOM   209  C  C   . GLY A 1 28  ? -1.193  -0.957  5.153   1.00 23.16 ? 43  GLY A C   1 
ATOM   210  O  O   . GLY A 1 28  ? -2.069  -0.105  5.027   1.00 23.16 ? 43  GLY A O   1 
ATOM   211  N  N   . GLY A 1 29  ? 0.102   -0.665  5.170   1.00 34.81 ? 44  GLY A N   1 
ATOM   212  C  CA  . GLY A 1 29  ? 0.568   0.700   5.031   1.00 34.81 ? 44  GLY A CA  1 
ATOM   213  C  C   . GLY A 1 29  ? 2.066   0.686   4.793   1.00 34.81 ? 44  GLY A C   1 
ATOM   214  O  O   . GLY A 1 29  ? 2.722   -0.348  4.948   1.00 34.81 ? 44  GLY A O   1 
ATOM   215  N  N   . SER A 1 30  ? 2.611   1.831   4.407   1.00 24.23 ? 45  SER A N   1 
ATOM   216  C  CA  . SER A 1 30  ? 4.041   1.938   4.153   1.00 24.23 ? 45  SER A CA  1 
ATOM   217  C  C   . SER A 1 30  ? 4.645   3.136   4.898   1.00 24.23 ? 45  SER A C   1 
ATOM   218  O  O   . SER A 1 30  ? 4.013   4.194   5.028   1.00 24.23 ? 45  SER A O   1 
ATOM   219  C  CB  . SER A 1 30  ? 4.293   2.077   2.657   1.00 24.23 ? 45  SER A CB  1 
ATOM   220  O  OG  . SER A 1 30  ? 4.353   3.443   2.297   1.00 66.07 ? 45  SER A OG  1 
ATOM   221  N  N   . LEU A 1 31  ? 5.864   2.934   5.396   1.00 15.52 ? 46  LEU A N   1 
ATOM   222  C  CA  . LEU A 1 31  ? 6.627   3.933   6.134   1.00 15.52 ? 46  LEU A CA  1 
ATOM   223  C  C   . LEU A 1 31  ? 7.361   4.771   5.128   1.00 15.52 ? 46  LEU A C   1 
ATOM   224  O  O   . LEU A 1 31  ? 8.278   4.271   4.465   1.00 15.52 ? 46  LEU A O   1 
ATOM   225  C  CB  . LEU A 1 31  ? 7.658   3.257   7.034   1.00 15.52 ? 46  LEU A CB  1 
ATOM   226  C  CG  . LEU A 1 31  ? 7.553   3.416   8.549   1.00 42.63 ? 46  LEU A CG  1 
ATOM   227  C  CD1 . LEU A 1 31  ? 6.199   2.959   8.992   1.00 42.63 ? 46  LEU A CD1 1 
ATOM   228  C  CD2 . LEU A 1 31  ? 8.625   2.600   9.235   1.00 42.63 ? 46  LEU A CD2 1 
ATOM   229  N  N   . ILE A 1 32  ? 6.967   6.041   5.001   1.00 20.73 ? 47  ILE A N   1 
ATOM   230  C  CA  . ILE A 1 32  ? 7.619   6.943   4.052   1.00 20.73 ? 47  ILE A CA  1 
ATOM   231  C  C   . ILE A 1 32  ? 8.615   7.852   4.798   1.00 20.73 ? 47  ILE A C   1 
ATOM   232  O  O   . ILE A 1 32  ? 9.313   8.679   4.191   1.00 20.73 ? 47  ILE A O   1 
ATOM   233  C  CB  . ILE A 1 32  ? 6.575   7.817   3.295   1.00 20.73 ? 47  ILE A CB  1 
ATOM   234  C  CG1 . ILE A 1 32  ? 5.519   8.337   4.261   1.00 15.92 ? 47  ILE A CG1 1 
ATOM   235  C  CG2 . ILE A 1 32  ? 5.926   7.027   2.176   1.00 15.92 ? 47  ILE A CG2 1 
ATOM   236  C  CD1 . ILE A 1 32  ? 5.042   9.730   3.886   1.00 15.92 ? 47  ILE A CD1 1 
ATOM   237  N  N   . SER A 1 33  ? 8.666   7.665   6.114   1.00 32.82 ? 48  SER A N   1 
ATOM   238  C  CA  . SER A 1 33  ? 9.541   8.411   7.015   1.00 32.82 ? 48  SER A CA  1 
ATOM   239  C  C   . SER A 1 33  ? 9.454   7.693   8.359   1.00 32.82 ? 48  SER A C   1 
ATOM   240  O  O   . SER A 1 33  ? 8.741   6.697   8.482   1.00 32.82 ? 48  SER A O   1 
ATOM   241  C  CB  . SER A 1 33  ? 9.051   9.849   7.179   1.00 32.82 ? 48  SER A CB  1 
ATOM   242  O  OG  . SER A 1 33  ? 9.920   10.754  6.533   1.00 44.97 ? 48  SER A OG  1 
ATOM   243  N  N   . GLU A 1 34  ? 10.152  8.194   9.372   1.00 30.77 ? 49  GLU A N   1 
ATOM   244  C  CA  . GLU A 1 34  ? 10.114  7.541   10.675  1.00 30.77 ? 49  GLU A CA  1 
ATOM   245  C  C   . GLU A 1 34  ? 8.950   8.037   11.508  1.00 30.77 ? 49  GLU A C   1 
ATOM   246  O  O   . GLU A 1 34  ? 8.598   7.438   12.522  1.00 30.77 ? 49  GLU A O   1 
ATOM   247  C  CB  . GLU A 1 34  ? 11.439  7.741   11.429  1.00 30.77 ? 49  GLU A CB  1 
ATOM   248  C  CG  . GLU A 1 34  ? 11.781  9.182   11.785  1.00 39.70 ? 49  GLU A CG  1 
ATOM   249  C  CD  . GLU A 1 34  ? 12.956  9.280   12.757  1.00 39.70 ? 49  GLU A CD  1 
ATOM   250  O  OE1 . GLU A 1 34  ? 13.847  8.404   12.708  1.00 39.70 ? 49  GLU A OE1 1 
ATOM   251  O  OE2 . GLU A 1 34  ? 12.989  10.226  13.570  1.00 39.70 ? 49  GLU A OE2 1 
ATOM   252  N  N   . ASP A 1 35  ? 8.342   9.133   11.073  1.00 21.45 ? 50  ASP A N   1 
ATOM   253  C  CA  . ASP A 1 35  ? 7.204   9.689   11.795  1.00 21.45 ? 50  ASP A CA  1 
ATOM   254  C  C   . ASP A 1 35  ? 5.961   9.809   10.895  1.00 21.45 ? 50  ASP A C   1 
ATOM   255  O  O   . ASP A 1 35  ? 4.905   10.268  11.343  1.00 21.45 ? 50  ASP A O   1 
ATOM   256  C  CB  . ASP A 1 35  ? 7.577   11.057  12.377  1.00 21.45 ? 50  ASP A CB  1 
ATOM   257  C  CG  . ASP A 1 35  ? 8.032   12.033  11.320  1.00 38.95 ? 50  ASP A CG  1 
ATOM   258  O  OD1 . ASP A 1 35  ? 8.554   11.584  10.278  1.00 38.95 ? 50  ASP A OD1 1 
ATOM   259  O  OD2 . ASP A 1 35  ? 7.862   13.254  11.535  1.00 38.95 ? 50  ASP A OD2 1 
ATOM   260  N  N   . TRP A 1 36  ? 6.098   9.390   9.635   1.00 31.48 ? 51  TRP A N   1 
ATOM   261  C  CA  . TRP A 1 36  ? 5.002   9.424   8.661   1.00 31.48 ? 51  TRP A CA  1 
ATOM   262  C  C   . TRP A 1 36  ? 4.734   8.049   8.006   1.00 31.48 ? 51  TRP A C   1 
ATOM   263  O  O   . TRP A 1 36  ? 5.655   7.380   7.527   1.00 31.48 ? 51  TRP A O   1 
ATOM   264  C  CB  . TRP A 1 36  ? 5.308   10.447  7.564   1.00 31.48 ? 51  TRP A CB  1 
ATOM   265  C  CG  . TRP A 1 36  ? 5.002   11.866  7.933   1.00 36.57 ? 51  TRP A CG  1 
ATOM   266  C  CD1 . TRP A 1 36  ? 5.902   12.848  8.227   1.00 36.57 ? 51  TRP A CD1 1 
ATOM   267  C  CD2 . TRP A 1 36  ? 3.704   12.464  8.051   1.00 36.57 ? 51  TRP A CD2 1 
ATOM   268  N  NE1 . TRP A 1 36  ? 5.253   14.016  8.522   1.00 36.57 ? 51  TRP A NE1 1 
ATOM   269  C  CE2 . TRP A 1 36  ? 3.902   13.813  8.425   1.00 36.57 ? 51  TRP A CE2 1 
ATOM   270  C  CE3 . TRP A 1 36  ? 2.393   11.993  7.880   1.00 36.57 ? 51  TRP A CE3 1 
ATOM   271  C  CZ2 . TRP A 1 36  ? 2.838   14.701  8.632   1.00 36.57 ? 51  TRP A CZ2 1 
ATOM   272  C  CZ3 . TRP A 1 36  ? 1.336   12.873  8.086   1.00 36.57 ? 51  TRP A CZ3 1 
ATOM   273  C  CH2 . TRP A 1 36  ? 1.568   14.217  8.460   1.00 36.57 ? 51  TRP A CH2 1 
ATOM   274  N  N   . VAL A 1 37  ? 3.472   7.635   8.000   1.00 36.79 ? 52  VAL A N   1 
ATOM   275  C  CA  . VAL A 1 37  ? 3.069   6.371   7.389   1.00 36.79 ? 52  VAL A CA  1 
ATOM   276  C  C   . VAL A 1 37  ? 1.959   6.664   6.382   1.00 36.79 ? 52  VAL A C   1 
ATOM   277  O  O   . VAL A 1 37  ? 1.066   7.469   6.646   1.00 36.79 ? 52  VAL A O   1 
ATOM   278  C  CB  . VAL A 1 37  ? 2.514   5.363   8.434   1.00 36.79 ? 52  VAL A CB  1 
ATOM   279  C  CG1 . VAL A 1 37  ? 1.760   4.234   7.727   1.00 26.77 ? 52  VAL A CG1 1 
ATOM   280  C  CG2 . VAL A 1 37  ? 3.640   4.783   9.262   1.00 26.77 ? 52  VAL A CG2 1 
ATOM   281  N  N   . VAL A 1 38  ? 2.028   6.010   5.228   1.00 29.43 ? 53  VAL A N   1 
ATOM   282  C  CA  . VAL A 1 38  ? 1.028   6.180   4.175   1.00 29.43 ? 53  VAL A CA  1 
ATOM   283  C  C   . VAL A 1 38  ? 0.086   4.969   4.170   1.00 29.43 ? 53  VAL A C   1 
ATOM   284  O  O   . VAL A 1 38  ? 0.485   3.843   4.489   1.00 29.43 ? 53  VAL A O   1 
ATOM   285  C  CB  . VAL A 1 38  ? 1.696   6.306   2.803   1.00 29.43 ? 53  VAL A CB  1 
ATOM   286  C  CG1 . VAL A 1 38  ? 1.283   5.145   1.914   1.00 31.75 ? 53  VAL A CG1 1 
ATOM   287  C  CG2 . VAL A 1 38  ? 1.325   7.624   2.169   1.00 31.75 ? 53  VAL A CG2 1 
ATOM   288  N  N   . THR A 1 39  ? -1.167  5.195   3.804   1.00 20.60 ? 54  THR A N   1 
ATOM   289  C  CA  . THR A 1 39  ? -2.137  4.116   3.791   1.00 20.60 ? 54  THR A CA  1 
ATOM   290  C  C   . THR A 1 39  ? -3.315  4.496   2.913   1.00 20.60 ? 54  THR A C   1 
ATOM   291  O  O   . THR A 1 39  ? -3.197  5.387   2.072   1.00 20.60 ? 54  THR A O   1 
ATOM   292  C  CB  . THR A 1 39  ? -2.607  3.772   5.226   1.00 20.60 ? 54  THR A CB  1 
ATOM   293  O  OG1 . THR A 1 39  ? -3.332  2.540   5.206   1.00 33.76 ? 54  THR A OG1 1 
ATOM   294  C  CG2 . THR A 1 39  ? -3.496  4.862   5.781   1.00 33.76 ? 54  THR A CG2 1 
ATOM   295  N  N   . ALA A 1 40  ? -4.441  3.814   3.091   1.00 35.16 ? 55  ALA A N   1 
ATOM   296  C  CA  . ALA A 1 40  ? -5.628  4.078   2.288   1.00 35.16 ? 55  ALA A CA  1 
ATOM   297  C  C   . ALA A 1 40  ? -6.746  4.694   3.124   1.00 35.16 ? 55  ALA A C   1 
ATOM   298  O  O   . ALA A 1 40  ? -6.819  4.501   4.338   1.00 35.16 ? 55  ALA A O   1 
ATOM   299  C  CB  . ALA A 1 40  ? -6.109  2.776   1.631   1.00 35.16 ? 55  ALA A CB  1 
ATOM   300  N  N   . ALA A 1 41  ? -7.627  5.427   2.463   1.00 18.49 ? 56  ALA A N   1 
ATOM   301  C  CA  . ALA A 1 41  ? -8.721  6.079   3.146   1.00 18.49 ? 56  ALA A CA  1 
ATOM   302  C  C   . ALA A 1 41  ? -9.831  5.100   3.468   1.00 18.49 ? 56  ALA A C   1 
ATOM   303  O  O   . ALA A 1 41  ? -10.358 5.105   4.581   1.00 18.49 ? 56  ALA A O   1 
ATOM   304  C  CB  . ALA A 1 41  ? -9.239  7.215   2.308   1.00 18.49 ? 56  ALA A CB  1 
ATOM   305  N  N   . HIS A 1 42  ? -10.180 4.238   2.520   1.00 40.31 ? 57  HIS A N   1 
ATOM   306  C  CA  . HIS A 1 42  ? -11.243 3.274   2.778   1.00 40.31 ? 57  HIS A CA  1 
ATOM   307  C  C   . HIS A 1 42  ? -10.908 2.381   3.962   1.00 40.31 ? 57  HIS A C   1 
ATOM   308  O  O   . HIS A 1 42  ? -11.724 1.553   4.368   1.00 40.31 ? 57  HIS A O   1 
ATOM   309  C  CB  . HIS A 1 42  ? -11.524 2.412   1.541   1.00 40.31 ? 57  HIS A CB  1 
ATOM   310  C  CG  . HIS A 1 42  ? -10.421 1.461   1.190   1.00 14.48 ? 57  HIS A CG  1 
ATOM   311  N  ND1 . HIS A 1 42  ? -9.527  1.708   0.172   1.00 14.48 ? 57  HIS A ND1 1 
ATOM   312  C  CD2 . HIS A 1 42  ? -10.081 0.254   1.704   1.00 14.48 ? 57  HIS A CD2 1 
ATOM   313  C  CE1 . HIS A 1 42  ? -8.684  0.697   0.072   1.00 14.48 ? 57  HIS A CE1 1 
ATOM   314  N  NE2 . HIS A 1 42  ? -8.999  -0.198  0.990   1.00 14.48 ? 57  HIS A NE2 1 
ATOM   315  N  N   . CYS A 1 43  ? -9.719  2.566   4.527   1.00 27.03 ? 58  CYS A N   1 
ATOM   316  C  CA  . CYS A 1 43  ? -9.286  1.758   5.656   1.00 27.03 ? 58  CYS A CA  1 
ATOM   317  C  C   . CYS A 1 43  ? -9.853  2.306   6.965   1.00 27.03 ? 58  CYS A C   1 
ATOM   318  O  O   . CYS A 1 43  ? -10.000 1.563   7.941   1.00 27.03 ? 58  CYS A O   1 
ATOM   319  C  CB  . CYS A 1 43  ? -7.750  1.715   5.713   1.00 27.03 ? 58  CYS A CB  1 
ATOM   320  S  SG  . CYS A 1 43  ? -6.963  0.353   4.776   1.00 25.63 ? 58  CYS A SG  1 
ATOM   321  N  N   . GLY A 1 44  ? -10.169 3.603   6.981   1.00 30.12 ? 59  GLY A N   1 
ATOM   322  C  CA  . GLY A 1 44  ? -10.735 4.236   8.169   1.00 30.12 ? 59  GLY A CA  1 
ATOM   323  C  C   . GLY A 1 44  ? -9.925  4.100   9.446   1.00 30.12 ? 59  GLY A C   1 
ATOM   324  O  O   . GLY A 1 44  ? -10.394 3.500   10.423  1.00 30.12 ? 59  GLY A O   1 
ATOM   325  N  N   . VAL A 1 45  ? -8.720  4.667   9.455   1.00 32.64 ? 60  VAL A N   1 
ATOM   326  C  CA  . VAL A 1 45  ? -7.840  4.597   10.615  1.00 32.64 ? 60  VAL A CA  1 
ATOM   327  C  C   . VAL A 1 45  ? -8.162  5.632   11.692  1.00 32.64 ? 60  VAL A C   1 
ATOM   328  O  O   . VAL A 1 45  ? -8.544  6.770   11.402  1.00 32.64 ? 60  VAL A O   1 
ATOM   329  C  CB  . VAL A 1 45  ? -6.355  4.768   10.197  1.00 32.64 ? 60  VAL A CB  1 
ATOM   330  C  CG1 . VAL A 1 45  ? -5.429  4.424   11.363  1.00 35.04 ? 60  VAL A CG1 1 
ATOM   331  C  CG2 . VAL A 1 45  ? -6.047  3.876   8.999   1.00 35.04 ? 60  VAL A CG2 1 
ATOM   332  N  N   . LYS A 1 46  ? -8.006  5.227   12.944  1.00 23.23 ? 61  LYS A N   1 
ATOM   333  C  CA  . LYS A 1 46  ? -8.254  6.116   14.066  1.00 23.23 ? 61  LYS A CA  1 
ATOM   334  C  C   . LYS A 1 46  ? -6.998  6.201   14.944  1.00 23.23 ? 61  LYS A C   1 
ATOM   335  O  O   . LYS A 1 46  ? -6.147  5.300   14.937  1.00 23.23 ? 61  LYS A O   1 
ATOM   336  C  CB  . LYS A 1 46  ? -9.421  5.602   14.914  1.00 23.23 ? 61  LYS A CB  1 
ATOM   337  C  CG  . LYS A 1 46  ? -10.545 4.982   14.115  1.00 62.59 ? 61  LYS A CG  1 
ATOM   338  C  CD  . LYS A 1 46  ? -11.747 5.904   14.054  1.00 62.59 ? 61  LYS A CD  1 
ATOM   339  C  CE  . LYS A 1 46  ? -12.601 5.760   15.299  1.00 62.59 ? 61  LYS A CE  1 
ATOM   340  N  NZ  . LYS A 1 46  ? -13.982 6.309   15.103  1.00 62.59 ? 61  LYS A NZ  1 
ATOM   341  N  N   . THR A 1 47  ? -6.908  7.294   15.699  1.00 41.58 ? 62  THR A N   1 
ATOM   342  C  CA  . THR A 1 47  ? -5.799  7.526   16.611  1.00 41.58 ? 62  THR A CA  1 
ATOM   343  C  C   . THR A 1 47  ? -5.750  6.353   17.580  1.00 41.58 ? 62  THR A C   1 
ATOM   344  O  O   . THR A 1 47  ? -4.749  6.135   18.266  1.00 41.58 ? 62  THR A O   1 
ATOM   345  C  CB  . THR A 1 47  ? -6.005  8.850   17.389  1.00 41.58 ? 62  THR A CB  1 
ATOM   346  O  OG1 . THR A 1 47  ? -5.455  9.932   16.628  1.00 34.60 ? 62  THR A OG1 1 
ATOM   347  C  CG2 . THR A 1 47  ? -5.324  8.802   18.752  1.00 34.60 ? 62  THR A CG2 1 
ATOM   348  N  N   . SER A 1 48  ? -6.841  5.592   17.610  1.00 35.24 ? 63  SER A N   1 
ATOM   349  C  CA  . SER A 1 48  ? -6.967  4.425   18.480  1.00 35.24 ? 63  SER A CA  1 
ATOM   350  C  C   . SER A 1 48  ? -6.284  3.190   17.897  1.00 35.24 ? 63  SER A C   1 
ATOM   351  O  O   . SER A 1 48  ? -6.205  2.148   18.557  1.00 35.24 ? 63  SER A O   1 
ATOM   352  C  CB  . SER A 1 48  ? -8.444  4.113   18.728  1.00 35.24 ? 63  SER A CB  1 
ATOM   353  O  OG  . SER A 1 48  ? -8.617  2.765   19.126  1.00 50.90 ? 63  SER A OG  1 
ATOM   354  N  N   . ASP A 1 49  ? -5.788  3.312   16.668  1.00 34.40 ? 64  ASP A N   1 
ATOM   355  C  CA  . ASP A 1 49  ? -5.119  2.205   15.995  1.00 34.40 ? 64  ASP A CA  1 
ATOM   356  C  C   . ASP A 1 49  ? -3.596  2.326   16.053  1.00 34.40 ? 64  ASP A C   1 
ATOM   357  O  O   . ASP A 1 49  ? -3.052  3.435   16.065  1.00 34.40 ? 64  ASP A O   1 
ATOM   358  C  CB  . ASP A 1 49  ? -5.585  2.133   14.532  1.00 34.40 ? 64  ASP A CB  1 
ATOM   359  C  CG  . ASP A 1 49  ? -7.076  1.860   14.408  1.00 26.59 ? 64  ASP A CG  1 
ATOM   360  O  OD1 . ASP A 1 49  ? -7.584  1.012   15.186  1.00 26.59 ? 64  ASP A OD1 1 
ATOM   361  O  OD2 . ASP A 1 49  ? -7.737  2.490   13.551  1.00 26.59 ? 64  ASP A OD2 1 
ATOM   362  N  N   . VAL A 1 50  ? -2.912  1.184   16.064  1.00 38.61 ? 65  VAL A N   1 
ATOM   363  C  CA  . VAL A 1 50  ? -1.452  1.154   16.132  1.00 38.61 ? 65  VAL A CA  1 
ATOM   364  C  C   . VAL A 1 50  ? -0.776  0.729   14.831  1.00 38.61 ? 65  VAL A C   1 
ATOM   365  O  O   . VAL A 1 50  ? -1.404  0.155   13.941  1.00 38.61 ? 65  VAL A O   1 
ATOM   366  C  CB  . VAL A 1 50  ? -0.978  0.210   17.241  1.00 38.61 ? 65  VAL A CB  1 
ATOM   367  C  CG1 . VAL A 1 50  ? -1.708  0.535   18.538  1.00 38.99 ? 65  VAL A CG1 1 
ATOM   368  C  CG2 . VAL A 1 50  ? -1.228  -1.229  16.835  1.00 38.99 ? 65  VAL A CG2 1 
ATOM   369  N  N   . VAL A 1 51  ? 0.519   1.011   14.736  1.00 23.31 ? 66  VAL A N   1 
ATOM   370  C  CA  . VAL A 1 51  ? 1.306   0.687   13.557  1.00 23.31 ? 66  VAL A CA  1 
ATOM   371  C  C   . VAL A 1 51  ? 2.416   -0.304  13.909  1.00 23.31 ? 66  VAL A C   1 
ATOM   372  O  O   . VAL A 1 51  ? 3.390   0.058   14.557  1.00 23.31 ? 66  VAL A O   1 
ATOM   373  C  CB  . VAL A 1 51  ? 1.926   1.957   12.978  1.00 23.31 ? 66  VAL A CB  1 
ATOM   374  C  CG1 . VAL A 1 51  ? 3.074   1.614   12.036  1.00 16.41 ? 66  VAL A CG1 1 
ATOM   375  C  CG2 . VAL A 1 51  ? 0.858   2.748   12.270  1.00 16.41 ? 66  VAL A CG2 1 
ATOM   376  N  N   . VAL A 1 52  ? 2.271   -1.557  13.482  1.00 32.87 ? 67  VAL A N   1 
ATOM   377  C  CA  . VAL A 1 52  ? 3.278   -2.569  13.791  1.00 32.87 ? 67  VAL A CA  1 
ATOM   378  C  C   . VAL A 1 52  ? 4.353   -2.628  12.709  1.00 32.87 ? 67  VAL A C   1 
ATOM   379  O  O   . VAL A 1 52  ? 4.047   -2.860  11.537  1.00 32.87 ? 67  VAL A O   1 
ATOM   380  C  CB  . VAL A 1 52  ? 2.607   -3.945  13.969  1.00 32.87 ? 67  VAL A CB  1 
ATOM   381  C  CG1 . VAL A 1 52  ? 3.595   -4.952  14.554  1.00 23.55 ? 67  VAL A CG1 1 
ATOM   382  C  CG2 . VAL A 1 52  ? 1.406   -3.799  14.891  1.00 23.55 ? 67  VAL A CG2 1 
ATOM   383  N  N   . ALA A 1 53  ? 5.609   -2.403  13.099  1.00 27.16 ? 68  ALA A N   1 
ATOM   384  C  CA  . ALA A 1 53  ? 6.710   -2.416  12.137  1.00 27.16 ? 68  ALA A CA  1 
ATOM   385  C  C   . ALA A 1 53  ? 7.700   -3.577  12.305  1.00 27.16 ? 68  ALA A C   1 
ATOM   386  O  O   . ALA A 1 53  ? 7.763   -4.224  13.354  1.00 27.16 ? 68  ALA A O   1 
ATOM   387  C  CB  . ALA A 1 53  ? 7.449   -1.099  12.184  1.00 27.16 ? 68  ALA A CB  1 
ATOM   388  N  N   . GLY A 1 54  ? 8.468   -3.833  11.251  1.00 25.85 ? 69  GLY A N   1 
ATOM   389  C  CA  . GLY A 1 54  ? 9.438   -4.911  11.281  1.00 25.85 ? 69  GLY A CA  1 
ATOM   390  C  C   . GLY A 1 54  ? 8.864   -6.297  11.556  1.00 25.85 ? 69  GLY A C   1 
ATOM   391  O  O   . GLY A 1 54  ? 9.548   -7.152  12.137  1.00 25.85 ? 69  GLY A O   1 
ATOM   392  N  N   . GLU A 1 55  ? 7.622   -6.535  11.143  1.00 22.20 ? 70  GLU A N   1 
ATOM   393  C  CA  . GLU A 1 55  ? 7.011   -7.828  11.360  1.00 22.20 ? 70  GLU A CA  1 
ATOM   394  C  C   . GLU A 1 55  ? 6.982   -8.650  10.071  1.00 22.20 ? 70  GLU A C   1 
ATOM   395  O  O   . GLU A 1 55  ? 7.092   -8.107  8.960   1.00 22.20 ? 70  GLU A O   1 
ATOM   396  C  CB  . GLU A 1 55  ? 5.595   -7.665  11.913  1.00 22.20 ? 70  GLU A CB  1 
ATOM   397  C  CG  . GLU A 1 55  ? 4.739   -8.922  11.843  1.00 38.67 ? 70  GLU A CG  1 
ATOM   398  C  CD  . GLU A 1 55  ? 4.828   -9.754  13.100  1.00 38.67 ? 70  GLU A CD  1 
ATOM   399  O  OE1 . GLU A 1 55  ? 5.859   -10.435 13.295  1.00 38.67 ? 70  GLU A OE1 1 
ATOM   400  O  OE2 . GLU A 1 55  ? 3.867   -9.731  13.896  1.00 38.67 ? 70  GLU A OE2 1 
ATOM   401  N  N   . PHE A 1 56  ? 6.853   -9.964  10.226  1.00 26.21 ? 71  PHE A N   1 
ATOM   402  C  CA  . PHE A 1 56  ? 6.808   -10.845 9.073   1.00 26.21 ? 71  PHE A CA  1 
ATOM   403  C  C   . PHE A 1 56  ? 5.749   -11.937 9.203   1.00 26.21 ? 71  PHE A C   1 
ATOM   404  O  O   . PHE A 1 56  ? 4.994   -12.188 8.267   1.00 26.21 ? 71  PHE A O   1 
ATOM   405  C  CB  . PHE A 1 56  ? 8.177   -11.472 8.848   1.00 26.21 ? 71  PHE A CB  1 
ATOM   406  C  CG  . PHE A 1 56  ? 8.144   -12.672 7.959   1.00 35.61 ? 71  PHE A CG  1 
ATOM   407  C  CD1 . PHE A 1 56  ? 7.994   -12.526 6.588   1.00 35.61 ? 71  PHE A CD1 1 
ATOM   408  C  CD2 . PHE A 1 56  ? 8.231   -13.955 8.497   1.00 35.61 ? 71  PHE A CD2 1 
ATOM   409  C  CE1 . PHE A 1 56  ? 7.924   -13.638 5.762   1.00 35.61 ? 71  PHE A CE1 1 
ATOM   410  C  CE2 . PHE A 1 56  ? 8.163   -15.066 7.683   1.00 35.61 ? 71  PHE A CE2 1 
ATOM   411  C  CZ  . PHE A 1 56  ? 8.007   -14.908 6.308   1.00 35.61 ? 71  PHE A CZ  1 
ATOM   412  N  N   . ASP A 1 57  ? 5.692   -12.561 10.376  1.00 26.83 ? 72  ASP A N   1 
ATOM   413  C  CA  . ASP A 1 57  ? 4.752   -13.630 10.670  1.00 26.83 ? 72  ASP A CA  1 
ATOM   414  C  C   . ASP A 1 57  ? 3.871   -13.279 11.860  1.00 26.83 ? 72  ASP A C   1 
ATOM   415  O  O   . ASP A 1 57  ? 4.311   -13.292 13.017  1.00 26.83 ? 72  ASP A O   1 
ATOM   416  C  CB  . ASP A 1 57  ? 5.521   -14.924 10.962  1.00 26.83 ? 72  ASP A CB  1 
ATOM   417  C  CG  . ASP A 1 57  ? 4.618   -16.144 11.094  1.00 39.69 ? 72  ASP A CG  1 
ATOM   418  O  OD1 . ASP A 1 57  ? 3.378   -15.991 11.200  1.00 39.69 ? 72  ASP A OD1 1 
ATOM   419  O  OD2 . ASP A 1 57  ? 5.164   -17.271 11.088  1.00 39.69 ? 72  ASP A OD2 1 
ATOM   420  N  N   . GLN A 1 58  ? 2.616   -12.966 11.561  1.00 30.34 ? 73  GLN A N   1 
ATOM   421  C  CA  . GLN A 1 58  ? 1.630   -12.623 12.569  1.00 30.34 ? 73  GLN A CA  1 
ATOM   422  C  C   . GLN A 1 58  ? 1.296   -13.862 13.372  1.00 30.34 ? 73  GLN A C   1 
ATOM   423  O  O   . GLN A 1 58  ? 0.505   -13.804 14.313  1.00 30.34 ? 73  GLN A O   1 
ATOM   424  C  CB  . GLN A 1 58  ? 0.359   -12.125 11.901  1.00 30.34 ? 73  GLN A CB  1 
ATOM   425  C  CG  . GLN A 1 58  ? -0.064  -10.745 12.306  1.00 31.73 ? 73  GLN A CG  1 
ATOM   426  C  CD  . GLN A 1 58  ? -0.009  -9.801  11.150  1.00 31.73 ? 73  GLN A CD  1 
ATOM   427  O  OE1 . GLN A 1 58  ? 0.939   -9.820  10.362  1.00 31.73 ? 73  GLN A OE1 1 
ATOM   428  N  NE2 . GLN A 1 58  ? -1.021  -8.965  11.024  1.00 31.73 ? 73  GLN A NE2 1 
ATOM   429  N  N   . GLY A 1 59  ? 1.868   -14.990 12.971  1.00 67.41 ? 74  GLY A N   1 
ATOM   430  C  CA  . GLY A 1 59  ? 1.615   -16.228 13.678  1.00 67.41 ? 74  GLY A CA  1 
ATOM   431  C  C   . GLY A 1 59  ? 2.200   -16.049 15.051  1.00 67.41 ? 74  GLY A C   1 
ATOM   432  O  O   . GLY A 1 59  ? 1.535   -15.560 15.963  1.00 67.41 ? 74  GLY A O   1 
ATOM   433  N  N   . SER A 1 60  ? 3.458   -16.432 15.196  1.00 80.86 ? 75  SER A N   1 
ATOM   434  C  CA  . SER A 1 60  ? 4.144   -16.279 16.465  1.00 80.86 ? 75  SER A CA  1 
ATOM   435  C  C   . SER A 1 60  ? 5.438   -15.526 16.193  1.00 80.86 ? 75  SER A C   1 
ATOM   436  O  O   . SER A 1 60  ? 5.440   -14.291 16.074  1.00 80.86 ? 75  SER A O   1 
ATOM   437  C  CB  . SER A 1 60  ? 4.435   -17.652 17.090  1.00 80.86 ? 75  SER A CB  1 
ATOM   438  O  OG  . SER A 1 60  ? 4.858   -18.599 16.122  1.00 64.02 ? 75  SER A OG  1 
ATOM   439  N  N   . ASP A 1 61  ? 6.524   -16.285 16.067  1.00 90.87 ? 76  ASP A N   1 
ATOM   440  C  CA  . ASP A 1 61  ? 7.844   -15.728 15.813  1.00 90.87 ? 76  ASP A CA  1 
ATOM   441  C  C   . ASP A 1 61  ? 7.960   -14.393 16.522  1.00 90.87 ? 76  ASP A C   1 
ATOM   442  O  O   . ASP A 1 61  ? 7.678   -13.342 15.945  1.00 90.87 ? 76  ASP A O   1 
ATOM   443  C  CB  . ASP A 1 61  ? 8.066   -15.549 14.311  1.00 90.87 ? 76  ASP A CB  1 
ATOM   444  C  CG  . ASP A 1 61  ? 8.499   -16.832 13.636  1.00 79.01 ? 76  ASP A CG  1 
ATOM   445  O  OD1 . ASP A 1 61  ? 8.458   -17.889 14.298  1.00 79.01 ? 76  ASP A OD1 1 
ATOM   446  O  OD2 . ASP A 1 61  ? 8.879   -16.782 12.447  1.00 79.01 ? 76  ASP A OD2 1 
ATOM   447  N  N   . GLU A 1 62  ? 8.358   -14.442 17.784  1.00 72.64 ? 77  GLU A N   1 
ATOM   448  C  CA  . GLU A 1 62  ? 8.499   -13.233 18.567  1.00 72.64 ? 77  GLU A CA  1 
ATOM   449  C  C   . GLU A 1 62  ? 9.614   -12.351 18.024  1.00 72.64 ? 77  GLU A C   1 
ATOM   450  O  O   . GLU A 1 62  ? 10.530  -11.976 18.757  1.00 72.64 ? 77  GLU A O   1 
ATOM   451  C  CB  . GLU A 1 62  ? 8.775   -13.583 20.027  1.00 72.64 ? 77  GLU A CB  1 
ATOM   452  C  CG  . GLU A 1 62  ? 7.668   -14.376 20.696  1.00 84.77 ? 77  GLU A CG  1 
ATOM   453  C  CD  . GLU A 1 62  ? 8.207   -15.507 21.550  1.00 84.77 ? 77  GLU A CD  1 
ATOM   454  O  OE1 . GLU A 1 62  ? 9.236   -16.101 21.162  1.00 84.77 ? 77  GLU A OE1 1 
ATOM   455  O  OE2 . GLU A 1 62  ? 7.607   -15.801 22.606  1.00 84.77 ? 77  GLU A OE2 1 
ATOM   456  N  N   . GLU A 1 63  ? 9.542   -12.030 16.736  1.00 58.51 ? 78  GLU A N   1 
ATOM   457  C  CA  . GLU A 1 63  ? 10.538  -11.161 16.117  1.00 58.51 ? 78  GLU A CA  1 
ATOM   458  C  C   . GLU A 1 63  ? 10.342  -9.776  16.725  1.00 58.51 ? 78  GLU A C   1 
ATOM   459  O  O   . GLU A 1 63  ? 9.239   -9.426  17.136  1.00 58.51 ? 78  GLU A O   1 
ATOM   460  C  CB  . GLU A 1 63  ? 10.347  -11.104 14.597  1.00 58.51 ? 78  GLU A CB  1 
ATOM   461  C  CG  . GLU A 1 63  ? 8.967   -10.638 14.149  1.00 53.11 ? 78  GLU A CG  1 
ATOM   462  C  CD  . GLU A 1 63  ? 8.266   -11.660 13.281  1.00 53.11 ? 78  GLU A CD  1 
ATOM   463  O  OE1 . GLU A 1 63  ? 8.740   -11.923 12.169  1.00 53.11 ? 78  GLU A OE1 1 
ATOM   464  O  OE2 . GLU A 1 63  ? 7.229   -12.199 13.722  1.00 53.11 ? 78  GLU A OE2 1 
ATOM   465  N  N   . ASN A 1 64  ? 11.415  -9.000  16.786  1.00 55.12 ? 79  ASN A N   1 
ATOM   466  C  CA  . ASN A 1 64  ? 11.359  -7.670  17.367  1.00 55.12 ? 79  ASN A CA  1 
ATOM   467  C  C   . ASN A 1 64  ? 10.512  -6.719  16.539  1.00 55.12 ? 79  ASN A C   1 
ATOM   468  O  O   . ASN A 1 64  ? 10.973  -6.169  15.539  1.00 55.12 ? 79  ASN A O   1 
ATOM   469  C  CB  . ASN A 1 64  ? 12.773  -7.108  17.513  1.00 55.12 ? 79  ASN A CB  1 
ATOM   470  C  CG  . ASN A 1 64  ? 13.555  -7.164  16.218  1.00 92.66 ? 79  ASN A CG  1 
ATOM   471  O  OD1 . ASN A 1 64  ? 13.133  -7.806  15.251  1.00 92.66 ? 79  ASN A OD1 1 
ATOM   472  N  ND2 . ASN A 1 64  ? 14.700  -6.488  16.187  1.00 92.66 ? 79  ASN A ND2 1 
ATOM   473  N  N   . ILE A 1 65  ? 9.265   -6.534  16.960  1.00 45.47 ? 80  ILE A N   1 
ATOM   474  C  CA  . ILE A 1 65  ? 8.349   -5.633  16.268  1.00 45.47 ? 80  ILE A CA  1 
ATOM   475  C  C   . ILE A 1 65  ? 8.090   -4.409  17.148  1.00 45.47 ? 80  ILE A C   1 
ATOM   476  O  O   . ILE A 1 65  ? 8.011   -4.524  18.373  1.00 45.47 ? 80  ILE A O   1 
ATOM   477  C  CB  . ILE A 1 65  ? 6.996   -6.326  15.958  1.00 45.47 ? 80  ILE A CB  1 
ATOM   478  C  CG1 . ILE A 1 65  ? 6.474   -7.052  17.198  1.00 46.66 ? 80  ILE A CG1 1 
ATOM   479  C  CG2 . ILE A 1 65  ? 7.172   -7.315  14.824  1.00 46.66 ? 80  ILE A CG2 1 
ATOM   480  C  CD1 . ILE A 1 65  ? 5.228   -6.436  17.799  1.00 46.66 ? 80  ILE A CD1 1 
ATOM   481  N  N   . GLN A 1 66  ? 7.971   -3.241  16.523  1.00 33.23 ? 81  GLN A N   1 
ATOM   482  C  CA  . GLN A 1 66  ? 7.698   -2.004  17.256  1.00 33.23 ? 81  GLN A CA  1 
ATOM   483  C  C   . GLN A 1 66  ? 6.250   -1.586  17.058  1.00 33.23 ? 81  GLN A C   1 
ATOM   484  O  O   . GLN A 1 66  ? 5.823   -1.353  15.929  1.00 33.23 ? 81  GLN A O   1 
ATOM   485  C  CB  . GLN A 1 66  ? 8.600   -0.865  16.764  1.00 33.23 ? 81  GLN A CB  1 
ATOM   486  C  CG  . GLN A 1 66  ? 9.715   -1.279  15.818  1.00 35.04 ? 81  GLN A CG  1 
ATOM   487  C  CD  . GLN A 1 66  ? 10.650  -0.139  15.490  1.00 35.04 ? 81  GLN A CD  1 
ATOM   488  O  OE1 . GLN A 1 66  ? 10.555  0.943   16.083  1.00 35.04 ? 81  GLN A OE1 1 
ATOM   489  N  NE2 . GLN A 1 66  ? 11.559  -0.363  14.543  1.00 35.04 ? 81  GLN A NE2 1 
ATOM   490  N  N   . VAL A 1 67  ? 5.492   -1.488  18.144  1.00 30.40 ? 82  VAL A N   1 
ATOM   491  C  CA  . VAL A 1 67  ? 4.108   -1.052  18.036  1.00 30.40 ? 82  VAL A CA  1 
ATOM   492  C  C   . VAL A 1 67  ? 4.003   0.468   18.166  1.00 30.40 ? 82  VAL A C   1 
ATOM   493  O  O   . VAL A 1 67  ? 3.852   0.982   19.271  1.00 30.40 ? 82  VAL A O   1 
ATOM   494  C  CB  . VAL A 1 67  ? 3.208   -1.666  19.126  1.00 30.40 ? 82  VAL A CB  1 
ATOM   495  C  CG1 . VAL A 1 67  ? 1.777   -1.758  18.607  1.00 22.93 ? 82  VAL A CG1 1 
ATOM   496  C  CG2 . VAL A 1 67  ? 3.707   -3.034  19.519  1.00 22.93 ? 82  VAL A CG2 1 
ATOM   497  N  N   . LEU A 1 68  ? 4.067   1.173   17.038  1.00 33.84 ? 83  LEU A N   1 
ATOM   498  C  CA  . LEU A 1 68  ? 3.970   2.633   17.010  1.00 33.84 ? 83  LEU A CA  1 
ATOM   499  C  C   . LEU A 1 68  ? 2.556   3.164   17.288  1.00 33.84 ? 83  LEU A C   1 
ATOM   500  O  O   . LEU A 1 68  ? 1.569   2.497   17.016  1.00 33.84 ? 83  LEU A O   1 
ATOM   501  C  CB  . LEU A 1 68  ? 4.449   3.152   15.655  1.00 33.84 ? 83  LEU A CB  1 
ATOM   502  C  CG  . LEU A 1 68  ? 5.801   2.603   15.195  1.00 25.78 ? 83  LEU A CG  1 
ATOM   503  C  CD1 . LEU A 1 68  ? 6.072   3.014   13.767  1.00 25.78 ? 83  LEU A CD1 1 
ATOM   504  C  CD2 . LEU A 1 68  ? 6.891   3.123   16.108  1.00 25.78 ? 83  LEU A CD2 1 
ATOM   505  N  N   . LYS A 1 69  ? 2.476   4.370   17.845  1.00 23.78 ? 84  LYS A N   1 
ATOM   506  C  CA  . LYS A 1 69  ? 1.211   5.013   18.181  1.00 23.78 ? 84  LYS A CA  1 
ATOM   507  C  C   . LYS A 1 69  ? 0.928   6.133   17.193  1.00 23.78 ? 84  LYS A C   1 
ATOM   508  O  O   . LYS A 1 69  ? 1.856   6.798   16.713  1.00 23.78 ? 84  LYS A O   1 
ATOM   509  C  CB  . LYS A 1 69  ? 1.263   5.592   19.593  1.00 23.78 ? 84  LYS A CB  1 
ATOM   510  C  CG  . LYS A 1 69  ? 0.137   5.131   20.502  1.00 55.65 ? 84  LYS A CG  1 
ATOM   511  C  CD  . LYS A 1 69  ? 0.667   4.667   21.856  1.00 55.65 ? 84  LYS A CD  1 
ATOM   512  C  CE  . LYS A 1 69  ? 0.324   3.201   22.125  1.00 55.65 ? 84  LYS A CE  1 
ATOM   513  N  NZ  . LYS A 1 69  ? -0.443  3.037   23.393  1.00 55.65 ? 84  LYS A NZ  1 
ATOM   514  N  N   . ILE A 1 70  ? -0.354  6.336   16.893  1.00 34.23 ? 85  ILE A N   1 
ATOM   515  C  CA  . ILE A 1 70  ? -0.770  7.364   15.945  1.00 34.23 ? 85  ILE A CA  1 
ATOM   516  C  C   . ILE A 1 70  ? -1.288  8.602   16.664  1.00 34.23 ? 85  ILE A C   1 
ATOM   517  O  O   . ILE A 1 70  ? -2.094  8.497   17.596  1.00 34.23 ? 85  ILE A O   1 
ATOM   518  C  CB  . ILE A 1 70  ? -1.880  6.836   14.983  1.00 34.23 ? 85  ILE A CB  1 
ATOM   519  C  CG1 . ILE A 1 70  ? -1.471  5.479   14.404  1.00 33.06 ? 85  ILE A CG1 1 
ATOM   520  C  CG2 . ILE A 1 70  ? -2.107  7.826   13.838  1.00 33.06 ? 85  ILE A CG2 1 
ATOM   521  C  CD1 . ILE A 1 70  ? -2.588  4.765   13.676  1.00 33.06 ? 85  ILE A CD1 1 
ATOM   522  N  N   . ALA A 1 71  ? -0.834  9.767   16.202  1.00 31.01 ? 86  ALA A N   1 
ATOM   523  C  CA  . ALA A 1 71  ? -1.211  11.056  16.786  1.00 31.01 ? 86  ALA A CA  1 
ATOM   524  C  C   . ALA A 1 71  ? -2.213  11.817  15.925  1.00 31.01 ? 86  ALA A C   1 
ATOM   525  O  O   . ALA A 1 71  ? -3.179  12.391  16.432  1.00 31.01 ? 86  ALA A O   1 
ATOM   526  C  CB  . ALA A 1 71  ? 0.046   11.915  17.007  1.00 31.01 ? 86  ALA A CB  1 
ATOM   527  N  N   . GLN A 1 72  ? -1.972  11.843  14.622  1.00 46.31 ? 87  GLN A N   1 
ATOM   528  C  CA  . GLN A 1 72  ? -2.878  12.520  13.709  1.00 46.31 ? 87  GLN A CA  1 
ATOM   529  C  C   . GLN A 1 72  ? -3.163  11.603  12.533  1.00 46.31 ? 87  GLN A C   1 
ATOM   530  O  O   . GLN A 1 72  ? -2.405  10.670  12.275  1.00 46.31 ? 87  GLN A O   1 
ATOM   531  C  CB  . GLN A 1 72  ? -2.258  13.822  13.209  1.00 46.31 ? 87  GLN A CB  1 
ATOM   532  C  CG  . GLN A 1 72  ? -1.875  14.777  14.315  1.00 60.24 ? 87  GLN A CG  1 
ATOM   533  C  CD  . GLN A 1 72  ? -2.370  16.182  14.056  1.00 60.24 ? 87  GLN A CD  1 
ATOM   534  O  OE1 . GLN A 1 72  ? -1.601  17.060  13.649  1.00 60.24 ? 87  GLN A OE1 1 
ATOM   535  N  NE2 . GLN A 1 72  ? -3.661  16.407  14.289  1.00 60.24 ? 87  GLN A NE2 1 
ATOM   536  N  N   . VAL A 1 73  ? -4.255  11.883  11.825  1.00 43.73 ? 88  VAL A N   1 
ATOM   537  C  CA  . VAL A 1 73  ? -4.684  11.109  10.662  1.00 43.73 ? 88  VAL A CA  1 
ATOM   538  C  C   . VAL A 1 73  ? -5.116  12.114  9.614   1.00 43.73 ? 88  VAL A C   1 
ATOM   539  O  O   . VAL A 1 73  ? -5.978  12.946  9.882   1.00 43.73 ? 88  VAL A O   1 
ATOM   540  C  CB  . VAL A 1 73  ? -5.878  10.210  11.022  1.00 43.73 ? 88  VAL A CB  1 
ATOM   541  C  CG1 . VAL A 1 73  ? -6.471  9.555   9.767   1.00 12.95 ? 88  VAL A CG1 1 
ATOM   542  C  CG2 . VAL A 1 73  ? -5.427  9.182   12.012  1.00 12.95 ? 88  VAL A CG2 1 
ATOM   543  N  N   . PHE A 1 74  ? -4.520  12.044  8.427   1.00 28.78 ? 89  PHE A N   1 
ATOM   544  C  CA  . PHE A 1 74  ? -4.856  12.981  7.360   1.00 28.78 ? 89  PHE A CA  1 
ATOM   545  C  C   . PHE A 1 74  ? -5.428  12.297  6.130   1.00 28.78 ? 89  PHE A C   1 
ATOM   546  O  O   . PHE A 1 74  ? -4.692  11.859  5.241   1.00 28.78 ? 89  PHE A O   1 
ATOM   547  C  CB  . PHE A 1 74  ? -3.628  13.806  6.977   1.00 28.78 ? 89  PHE A CB  1 
ATOM   548  C  CG  . PHE A 1 74  ? -3.166  14.731  8.064   1.00 41.99 ? 89  PHE A CG  1 
ATOM   549  C  CD1 . PHE A 1 74  ? -2.347  14.263  9.088   1.00 41.99 ? 89  PHE A CD1 1 
ATOM   550  C  CD2 . PHE A 1 74  ? -3.577  16.064  8.087   1.00 41.99 ? 89  PHE A CD2 1 
ATOM   551  C  CE1 . PHE A 1 74  ? -1.948  15.103  10.119  1.00 41.99 ? 89  PHE A CE1 1 
ATOM   552  C  CE2 . PHE A 1 74  ? -3.184  16.909  9.110   1.00 41.99 ? 89  PHE A CE2 1 
ATOM   553  C  CZ  . PHE A 1 74  ? -2.367  16.427  10.133  1.00 41.99 ? 89  PHE A CZ  1 
ATOM   554  N  N   . LYS A 1 75  ? -6.755  12.239  6.097   1.00 23.67 ? 90  LYS A N   1 
ATOM   555  C  CA  . LYS A 1 75  ? -7.525  11.626  5.020   1.00 23.67 ? 90  LYS A CA  1 
ATOM   556  C  C   . LYS A 1 75  ? -7.785  12.613  3.877   1.00 23.67 ? 90  LYS A C   1 
ATOM   557  O  O   . LYS A 1 75  ? -8.413  13.638  4.085   1.00 23.67 ? 90  LYS A O   1 
ATOM   558  C  CB  . LYS A 1 75  ? -8.856  11.121  5.594   1.00 23.67 ? 90  LYS A CB  1 
ATOM   559  C  CG  . LYS A 1 75  ? -9.748  10.358  4.627   1.00 59.51 ? 90  LYS A CG  1 
ATOM   560  C  CD  . LYS A 1 75  ? -11.135 10.155  5.231   1.00 59.51 ? 90  LYS A CD  1 
ATOM   561  C  CE  . LYS A 1 75  ? -11.824 8.913   4.672   1.00 59.51 ? 90  LYS A CE  1 
ATOM   562  N  NZ  . LYS A 1 75  ? -12.707 8.260   5.687   1.00 59.51 ? 90  LYS A NZ  1 
ATOM   563  N  N   . ASN A 1 76  ? -7.313  12.296  2.674   1.00 23.23 ? 91  ASN A N   1 
ATOM   564  C  CA  . ASN A 1 76  ? -7.516  13.171  1.523   1.00 23.23 ? 91  ASN A CA  1 
ATOM   565  C  C   . ASN A 1 76  ? -8.958  13.686  1.533   1.00 23.23 ? 91  ASN A C   1 
ATOM   566  O  O   . ASN A 1 76  ? -9.888  12.940  1.822   1.00 23.23 ? 91  ASN A O   1 
ATOM   567  C  CB  . ASN A 1 76  ? -7.210  12.406  0.229   1.00 23.23 ? 91  ASN A CB  1 
ATOM   568  C  CG  . ASN A 1 76  ? -7.154  13.306  -0.977  1.00 29.26 ? 91  ASN A CG  1 
ATOM   569  O  OD1 . ASN A 1 76  ? -8.104  14.020  -1.261  1.00 29.26 ? 91  ASN A OD1 1 
ATOM   570  N  ND2 . ASN A 1 76  ? -6.040  13.282  -1.692  1.00 29.26 ? 91  ASN A ND2 1 
ATOM   571  N  N   . PRO A 1 77  ? -9.169  14.977  1.230   1.00 36.44 ? 92  PRO A N   1 
ATOM   572  C  CA  . PRO A 1 77  ? -10.551 15.470  1.253   1.00 36.44 ? 92  PRO A CA  1 
ATOM   573  C  C   . PRO A 1 77  ? -11.413 15.135  0.039   1.00 36.44 ? 92  PRO A C   1 
ATOM   574  O  O   . PRO A 1 77  ? -12.635 15.266  0.090   1.00 36.44 ? 92  PRO A O   1 
ATOM   575  C  CB  . PRO A 1 77  ? -10.382 16.977  1.441   1.00 36.44 ? 92  PRO A CB  1 
ATOM   576  C  CG  . PRO A 1 77  ? -9.071  17.290  0.802   1.00 41.50 ? 92  PRO A CG  1 
ATOM   577  C  CD  . PRO A 1 77  ? -8.210  16.040  0.865   1.00 41.50 ? 92  PRO A CD  1 
ATOM   578  N  N   . LYS A 1 78  ? -10.789 14.688  -1.042  1.00 23.31 ? 93  LYS A N   1 
ATOM   579  C  CA  . LYS A 1 78  ? -11.525 14.370  -2.263  1.00 23.31 ? 93  LYS A CA  1 
ATOM   580  C  C   . LYS A 1 78  ? -12.019 12.937  -2.335  1.00 23.31 ? 93  LYS A C   1 
ATOM   581  O  O   . LYS A 1 78  ? -12.416 12.476  -3.397  1.00 23.31 ? 93  LYS A O   1 
ATOM   582  C  CB  . LYS A 1 78  ? -10.645 14.643  -3.480  1.00 23.31 ? 93  LYS A CB  1 
ATOM   583  C  CG  . LYS A 1 78  ? -10.472 16.107  -3.788  1.00 32.14 ? 93  LYS A CG  1 
ATOM   584  C  CD  . LYS A 1 78  ? -9.688  16.313  -5.075  1.00 32.14 ? 93  LYS A CD  1 
ATOM   585  C  CE  . LYS A 1 78  ? -9.176  17.745  -5.165  1.00 32.14 ? 93  LYS A CE  1 
ATOM   586  N  NZ  . LYS A 1 78  ? -8.632  18.055  -6.520  1.00 32.14 ? 93  LYS A NZ  1 
ATOM   587  N  N   . PHE A 1 79  ? -12.032 12.250  -1.202  1.00 21.16 ? 94  PHE A N   1 
ATOM   588  C  CA  . PHE A 1 79  ? -12.419 10.854  -1.168  1.00 21.16 ? 94  PHE A CA  1 
ATOM   589  C  C   . PHE A 1 79  ? -13.806 10.523  -0.602  1.00 21.16 ? 94  PHE A C   1 
ATOM   590  O  O   . PHE A 1 79  ? -14.136 10.906  0.521   1.00 21.16 ? 94  PHE A O   1 
ATOM   591  C  CB  . PHE A 1 79  ? -11.345 10.070  -0.391  1.00 21.16 ? 94  PHE A CB  1 
ATOM   592  C  CG  . PHE A 1 79  ? -11.724 8.638   -0.103  1.00 11.24 ? 94  PHE A CG  1 
ATOM   593  C  CD1 . PHE A 1 79  ? -11.589 7.661   -1.082  1.00 11.24 ? 94  PHE A CD1 1 
ATOM   594  C  CD2 . PHE A 1 79  ? -12.267 8.283   1.125   1.00 11.24 ? 94  PHE A CD2 1 
ATOM   595  C  CE1 . PHE A 1 79  ? -11.996 6.349   -0.850  1.00 11.24 ? 94  PHE A CE1 1 
ATOM   596  C  CE2 . PHE A 1 79  ? -12.675 6.974   1.363   1.00 11.24 ? 94  PHE A CE2 1 
ATOM   597  C  CZ  . PHE A 1 79  ? -12.539 6.006   0.364   1.00 11.24 ? 94  PHE A CZ  1 
ATOM   598  N  N   . ASN A 1 80  ? -14.604 9.793   -1.386  1.00 32.63 ? 95  ASN A N   1 
ATOM   599  C  CA  . ASN A 1 80  ? -15.933 9.359   -0.958  1.00 32.63 ? 95  ASN A CA  1 
ATOM   600  C  C   . ASN A 1 80  ? -15.995 7.845   -0.965  1.00 32.63 ? 95  ASN A C   1 
ATOM   601  O  O   . ASN A 1 80  ? -15.103 7.167   -1.480  1.00 32.63 ? 95  ASN A O   1 
ATOM   602  C  CB  . ASN A 1 80  ? -17.048 9.848   -1.895  1.00 32.63 ? 95  ASN A CB  1 
ATOM   603  C  CG  . ASN A 1 80  ? -16.759 11.188  -2.505  1.00 45.12 ? 95  ASN A CG  1 
ATOM   604  O  OD1 . ASN A 1 80  ? -16.781 12.210  -1.820  1.00 45.12 ? 95  ASN A OD1 1 
ATOM   605  N  ND2 . ASN A 1 80  ? -16.489 11.203  -3.804  1.00 45.12 ? 95  ASN A ND2 1 
ATOM   606  N  N   . MET A 1 81  ? -17.077 7.328   -0.398  1.00 51.06 ? 96  MET A N   1 
ATOM   607  C  CA  . MET A 1 81  ? -17.324 5.898   -0.353  1.00 51.06 ? 96  MET A CA  1 
ATOM   608  C  C   . MET A 1 81  ? -18.194 5.600   -1.573  1.00 51.06 ? 96  MET A C   1 
ATOM   609  O  O   . MET A 1 81  ? -18.591 4.466   -1.806  1.00 51.06 ? 96  MET A O   1 
ATOM   610  C  CB  . MET A 1 81  ? -18.080 5.539   0.928   1.00 51.06 ? 96  MET A CB  1 
ATOM   611  C  CG  . MET A 1 81  ? -17.188 5.315   2.136   1.00 79.45 ? 96  MET A CG  1 
ATOM   612  S  SD  . MET A 1 81  ? -16.105 3.904   1.911   1.00 79.45 ? 96  MET A SD  1 
ATOM   613  C  CE  . MET A 1 81  ? -16.858 2.723   3.019   1.00 79.45 ? 96  MET A CE  1 
ATOM   614  N  N   . PHE A 1 82  ? -18.471 6.643   -2.351  1.00 41.83 ? 97  PHE A N   1 
ATOM   615  C  CA  . PHE A 1 82  ? -19.303 6.526   -3.540  1.00 41.83 ? 97  PHE A CA  1 
ATOM   616  C  C   . PHE A 1 82  ? -18.497 6.433   -4.830  1.00 41.83 ? 97  PHE A C   1 
ATOM   617  O  O   . PHE A 1 82  ? -18.748 5.554   -5.654  1.00 41.83 ? 97  PHE A O   1 
ATOM   618  C  CB  . PHE A 1 82  ? -20.264 7.718   -3.618  1.00 41.83 ? 97  PHE A CB  1 
ATOM   619  C  CG  . PHE A 1 82  ? -21.289 7.604   -4.710  1.00 62.31 ? 97  PHE A CG  1 
ATOM   620  C  CD1 . PHE A 1 82  ? -21.907 6.386   -4.983  1.00 62.31 ? 97  PHE A CD1 1 
ATOM   621  C  CD2 . PHE A 1 82  ? -21.634 8.717   -5.473  1.00 62.31 ? 97  PHE A CD2 1 
ATOM   622  C  CE1 . PHE A 1 82  ? -22.855 6.277   -6.000  1.00 62.31 ? 97  PHE A CE1 1 
ATOM   623  C  CE2 . PHE A 1 82  ? -22.581 8.619   -6.492  1.00 62.31 ? 97  PHE A CE2 1 
ATOM   624  C  CZ  . PHE A 1 82  ? -23.191 7.397   -6.756  1.00 62.31 ? 97  PHE A CZ  1 
ATOM   625  N  N   . THR A 1 83  ? -17.542 7.343   -5.017  1.00 26.02 ? 98  THR A N   1 
ATOM   626  C  CA  . THR A 1 83  ? -16.717 7.335   -6.222  1.00 26.02 ? 98  THR A CA  1 
ATOM   627  C  C   . THR A 1 83  ? -15.328 6.800   -5.926  1.00 26.02 ? 98  THR A C   1 
ATOM   628  O  O   . THR A 1 83  ? -14.525 6.593   -6.836  1.00 26.02 ? 98  THR A O   1 
ATOM   629  C  CB  . THR A 1 83  ? -16.552 8.750   -6.801  1.00 26.02 ? 98  THR A CB  1 
ATOM   630  O  OG1 . THR A 1 83  ? -16.147 9.643   -5.758  1.00 31.24 ? 98  THR A OG1 1 
ATOM   631  C  CG2 . THR A 1 83  ? -17.856 9.241   -7.413  1.00 31.24 ? 98  THR A CG2 1 
ATOM   632  N  N   . VAL A 1 84  ? -15.052 6.587   -4.644  1.00 38.89 ? 99  VAL A N   1 
ATOM   633  C  CA  . VAL A 1 84  ? -13.762 6.098   -4.192  1.00 38.89 ? 99  VAL A CA  1 
ATOM   634  C  C   . VAL A 1 84  ? -12.601 6.573   -5.057  1.00 38.89 ? 99  VAL A C   1 
ATOM   635  O  O   . VAL A 1 84  ? -12.016 5.790   -5.807  1.00 38.89 ? 99  VAL A O   1 
ATOM   636  C  CB  . VAL A 1 84  ? -13.731 4.566   -4.142  1.00 38.89 ? 99  VAL A CB  1 
ATOM   637  C  CG1 . VAL A 1 84  ? -12.387 4.109   -3.599  1.00 39.83 ? 99  VAL A CG1 1 
ATOM   638  C  CG2 . VAL A 1 84  ? -14.873 4.043   -3.265  1.00 39.83 ? 99  VAL A CG2 1 
ATOM   639  N  N   . ARG A 1 85  ? -12.281 7.860   -4.949  1.00 38.69 ? 100 ARG A N   1 
ATOM   640  C  CA  . ARG A 1 85  ? -11.173 8.477   -5.680  1.00 38.69 ? 100 ARG A CA  1 
ATOM   641  C  C   . ARG A 1 85  ? -10.181 8.988   -4.633  1.00 38.69 ? 100 ARG A C   1 
ATOM   642  O  O   . ARG A 1 85  ? -10.500 9.024   -3.446  1.00 38.69 ? 100 ARG A O   1 
ATOM   643  C  CB  . ARG A 1 85  ? -11.664 9.669   -6.503  1.00 38.69 ? 100 ARG A CB  1 
ATOM   644  C  CG  . ARG A 1 85  ? -12.201 9.348   -7.881  1.00 38.28 ? 100 ARG A CG  1 
ATOM   645  C  CD  . ARG A 1 85  ? -12.797 10.604  -8.512  1.00 38.28 ? 100 ARG A CD  1 
ATOM   646  N  NE  . ARG A 1 85  ? -13.734 10.321  -9.600  1.00 38.28 ? 100 ARG A NE  1 
ATOM   647  C  CZ  . ARG A 1 85  ? -15.043 10.532  -9.533  1.00 38.28 ? 100 ARG A CZ  1 
ATOM   648  N  NH1 . ARG A 1 85  ? -15.574 11.031  -8.429  1.00 38.28 ? 100 ARG A NH1 1 
ATOM   649  N  NH2 . ARG A 1 85  ? -15.822 10.256  -10.576 1.00 38.28 ? 100 ARG A NH2 1 
ATOM   650  N  N   . ASN A 1 86  ? -8.991  9.390   -5.077  1.00 24.39 ? 101 ASN A N   1 
ATOM   651  C  CA  . ASN A 1 86  ? -7.950  9.905   -4.183  1.00 24.39 ? 101 ASN A CA  1 
ATOM   652  C  C   . ASN A 1 86  ? -7.910  9.112   -2.893  1.00 24.39 ? 101 ASN A C   1 
ATOM   653  O  O   . ASN A 1 86  ? -7.905  9.682   -1.805  1.00 24.39 ? 101 ASN A O   1 
ATOM   654  C  CB  . ASN A 1 86  ? -8.203  11.376  -3.845  1.00 24.39 ? 101 ASN A CB  1 
ATOM   655  C  CG  . ASN A 1 86  ? -8.448  12.224  -5.070  1.00 24.71 ? 101 ASN A CG  1 
ATOM   656  O  OD1 . ASN A 1 86  ? -7.519  12.610  -5.777  1.00 24.71 ? 101 ASN A OD1 1 
ATOM   657  N  ND2 . ASN A 1 86  ? -9.711  12.527  -5.326  1.00 24.71 ? 101 ASN A ND2 1 
ATOM   658  N  N   . ASP A 1 87  ? -7.898  7.794   -3.025  1.00 26.96 ? 102 ASP A N   1 
ATOM   659  C  CA  . ASP A 1 87  ? -7.865  6.897   -1.884  1.00 26.96 ? 102 ASP A CA  1 
ATOM   660  C  C   . ASP A 1 87  ? -6.473  6.942   -1.241  1.00 26.96 ? 102 ASP A C   1 
ATOM   661  O  O   . ASP A 1 87  ? -5.644  6.048   -1.461  1.00 26.96 ? 102 ASP A O   1 
ATOM   662  C  CB  . ASP A 1 87  ? -8.186  5.483   -2.362  1.00 26.96 ? 102 ASP A CB  1 
ATOM   663  C  CG  . ASP A 1 87  ? -8.516  4.537   -1.231  1.00 36.14 ? 102 ASP A CG  1 
ATOM   664  O  OD1 . ASP A 1 87  ? -8.676  4.993   -0.082  1.00 36.14 ? 102 ASP A OD1 1 
ATOM   665  O  OD2 . ASP A 1 87  ? -8.617  3.323   -1.498  1.00 36.14 ? 102 ASP A OD2 1 
ATOM   666  N  N   . ILE A 1 88  ? -6.216  7.998   -0.466  1.00 26.38 ? 103 ILE A N   1 
ATOM   667  C  CA  . ILE A 1 88  ? -4.934  8.157   0.217   1.00 26.38 ? 103 ILE A CA  1 
ATOM   668  C  C   . ILE A 1 88  ? -5.089  8.760   1.596   1.00 26.38 ? 103 ILE A C   1 
ATOM   669  O  O   . ILE A 1 88  ? -5.949  9.603   1.830   1.00 26.38 ? 103 ILE A O   1 
ATOM   670  C  CB  . ILE A 1 88  ? -3.949  9.003   -0.599  1.00 26.38 ? 103 ILE A CB  1 
ATOM   671  C  CG1 . ILE A 1 88  ? -2.578  8.987   0.080   1.00 17.36 ? 103 ILE A CG1 1 
ATOM   672  C  CG2 . ILE A 1 88  ? -4.491  10.390  -0.803  1.00 17.36 ? 103 ILE A CG2 1 
ATOM   673  C  CD1 . ILE A 1 88  ? -1.410  8.985   -0.901  1.00 17.36 ? 103 ILE A CD1 1 
ATOM   674  N  N   . THR A 1 89  ? -4.258  8.293   2.512   1.00 25.58 ? 104 THR A N   1 
ATOM   675  C  CA  . THR A 1 89  ? -4.275  8.761   3.879   1.00 25.58 ? 104 THR A CA  1 
ATOM   676  C  C   . THR A 1 89  ? -2.871  8.731   4.509   1.00 25.58 ? 104 THR A C   1 
ATOM   677  O  O   . THR A 1 89  ? -2.133  7.747   4.394   1.00 25.58 ? 104 THR A O   1 
ATOM   678  C  CB  . THR A 1 89  ? -5.244  7.916   4.704   1.00 25.58 ? 104 THR A CB  1 
ATOM   679  O  OG1 . THR A 1 89  ? -6.562  8.112   4.191   1.00 41.67 ? 104 THR A OG1 1 
ATOM   680  C  CG2 . THR A 1 89  ? -5.212  8.323   6.169   1.00 41.67 ? 104 THR A CG2 1 
ATOM   681  N  N   . LEU A 1 90  ? -2.522  9.833   5.172   1.00 18.68 ? 105 LEU A N   1 
ATOM   682  C  CA  . LEU A 1 90  ? -1.232  9.988   5.827   1.00 18.68 ? 105 LEU A CA  1 
ATOM   683  C  C   . LEU A 1 90  ? -1.419  9.925   7.315   1.00 18.68 ? 105 LEU A C   1 
ATOM   684  O  O   . LEU A 1 90  ? -2.262  10.628  7.869   1.00 18.68 ? 105 LEU A O   1 
ATOM   685  C  CB  . LEU A 1 90  ? -0.599  11.319  5.445   1.00 18.68 ? 105 LEU A CB  1 
ATOM   686  C  CG  . LEU A 1 90  ? 0.154   11.261  4.113   1.00 17.77 ? 105 LEU A CG  1 
ATOM   687  C  CD1 . LEU A 1 90  ? 0.379   12.666  3.575   1.00 17.77 ? 105 LEU A CD1 1 
ATOM   688  C  CD2 . LEU A 1 90  ? 1.480   10.530  4.317   1.00 17.77 ? 105 LEU A CD2 1 
ATOM   689  N  N   . LEU A 1 91  ? -0.630  9.070   7.959   1.00 28.89 ? 106 LEU A N   1 
ATOM   690  C  CA  . LEU A 1 91  ? -0.696  8.911   9.397   1.00 28.89 ? 106 LEU A CA  1 
ATOM   691  C  C   . LEU A 1 91  ? 0.538   9.503   10.091  1.00 28.89 ? 106 LEU A C   1 
ATOM   692  O  O   . LEU A 1 91  ? 1.678   9.313   9.653   1.00 28.89 ? 106 LEU A O   1 
ATOM   693  C  CB  . LEU A 1 91  ? -0.811  7.431   9.759   1.00 28.89 ? 106 LEU A CB  1 
ATOM   694  C  CG  . LEU A 1 91  ? -1.865  6.568   9.087   1.00 37.94 ? 106 LEU A CG  1 
ATOM   695  C  CD1 . LEU A 1 91  ? -1.476  5.106   9.258   1.00 37.94 ? 106 LEU A CD1 1 
ATOM   696  C  CD2 . LEU A 1 91  ? -3.229  6.838   9.699   1.00 37.94 ? 106 LEU A CD2 1 
ATOM   697  N  N   . LYS A 1 92  ? 0.296   10.236  11.173  1.00 20.79 ? 107 LYS A N   1 
ATOM   698  C  CA  . LYS A 1 92  ? 1.388   10.827  11.936  1.00 20.79 ? 107 LYS A CA  1 
ATOM   699  C  C   . LYS A 1 92  ? 1.483   10.031  13.209  1.00 20.79 ? 107 LYS A C   1 
ATOM   700  O  O   . LYS A 1 92  ? 0.516   9.937   13.962  1.00 20.79 ? 107 LYS A O   1 
ATOM   701  C  CB  . LYS A 1 92  ? 1.098   12.288  12.273  1.00 20.79 ? 107 LYS A CB  1 
ATOM   702  C  CG  . LYS A 1 92  ? 2.063   12.906  13.266  1.00 39.75 ? 107 LYS A CG  1 
ATOM   703  C  CD  . LYS A 1 92  ? 3.036   13.837  12.566  1.00 39.75 ? 107 LYS A CD  1 
ATOM   704  C  CE  . LYS A 1 92  ? 4.463   13.319  12.664  1.00 39.75 ? 107 LYS A CE  1 
ATOM   705  N  NZ  . LYS A 1 92  ? 5.454   14.423  12.534  1.00 39.75 ? 107 LYS A NZ  1 
ATOM   706  N  N   . LEU A 1 93  ? 2.655   9.451   13.441  1.00 33.50 ? 108 LEU A N   1 
ATOM   707  C  CA  . LEU A 1 93  ? 2.880   8.648   14.631  1.00 33.50 ? 108 LEU A CA  1 
ATOM   708  C  C   . LEU A 1 93  ? 3.290   9.513   15.836  1.00 33.50 ? 108 LEU A C   1 
ATOM   709  O  O   . LEU A 1 93  ? 4.012   10.498  15.699  1.00 33.50 ? 108 LEU A O   1 
ATOM   710  C  CB  . LEU A 1 93  ? 3.959   7.600   14.349  1.00 33.50 ? 108 LEU A CB  1 
ATOM   711  C  CG  . LEU A 1 93  ? 4.039   7.080   12.914  1.00 25.64 ? 108 LEU A CG  1 
ATOM   712  C  CD1 . LEU A 1 93  ? 5.408   6.515   12.666  1.00 25.64 ? 108 LEU A CD1 1 
ATOM   713  C  CD2 . LEU A 1 93  ? 2.979   6.007   12.689  1.00 25.64 ? 108 LEU A CD2 1 
ATOM   714  N  N   . ALA A 1 94  ? 2.788   9.135   17.005  1.00 38.21 ? 109 ALA A N   1 
ATOM   715  C  CA  . ALA A 1 94  ? 3.084   9.811   18.253  1.00 38.21 ? 109 ALA A CA  1 
ATOM   716  C  C   . ALA A 1 94  ? 4.527   9.429   18.586  1.00 38.21 ? 109 ALA A C   1 
ATOM   717  O  O   . ALA A 1 94  ? 5.358   10.274  18.940  1.00 38.21 ? 109 ALA A O   1 
ATOM   718  C  CB  . ALA A 1 94  ? 2.123   9.320   19.341  1.00 38.21 ? 109 ALA A CB  1 
ATOM   719  N  N   . THR A 1 95  ? 4.812   8.139   18.454  1.00 45.49 ? 110 THR A N   1 
ATOM   720  C  CA  . THR A 1 95  ? 6.144   7.590   18.690  1.00 45.49 ? 110 THR A CA  1 
ATOM   721  C  C   . THR A 1 95  ? 6.700   7.309   17.298  1.00 45.49 ? 110 THR A C   1 
ATOM   722  O  O   . THR A 1 95  ? 5.994   6.788   16.444  1.00 45.49 ? 110 THR A O   1 
ATOM   723  C  CB  . THR A 1 95  ? 6.058   6.271   19.471  1.00 45.49 ? 110 THR A CB  1 
ATOM   724  O  OG1 . THR A 1 95  ? 4.798   5.644   19.207  1.00 37.32 ? 110 THR A OG1 1 
ATOM   725  C  CG2 . THR A 1 95  ? 6.165   6.528   20.964  1.00 37.32 ? 110 THR A CG2 1 
ATOM   726  N  N   . PRO A 1 96  ? 7.972   7.641   17.049  1.00 30.64 ? 111 PRO A N   1 
ATOM   727  C  CA  . PRO A 1 96  ? 8.510   7.381   15.717  1.00 30.64 ? 111 PRO A CA  1 
ATOM   728  C  C   . PRO A 1 96  ? 9.078   5.972   15.629  1.00 30.64 ? 111 PRO A C   1 
ATOM   729  O  O   . PRO A 1 96  ? 9.164   5.261   16.633  1.00 30.64 ? 111 PRO A O   1 
ATOM   730  C  CB  . PRO A 1 96  ? 9.590   8.443   15.575  1.00 30.64 ? 111 PRO A CB  1 
ATOM   731  C  CG  . PRO A 1 96  ? 10.124  8.574   16.954  1.00 28.70 ? 111 PRO A CG  1 
ATOM   732  C  CD  . PRO A 1 96  ? 8.999   8.227   17.927  1.00 28.70 ? 111 PRO A CD  1 
ATOM   733  N  N   . ALA A 1 97  ? 9.491   5.583   14.428  1.00 42.57 ? 112 ALA A N   1 
ATOM   734  C  CA  . ALA A 1 97  ? 10.041  4.255   14.214  1.00 42.57 ? 112 ALA A CA  1 
ATOM   735  C  C   . ALA A 1 97  ? 11.561  4.286   14.193  1.00 42.57 ? 112 ALA A C   1 
ATOM   736  O  O   . ALA A 1 97  ? 12.161  5.223   13.666  1.00 42.57 ? 112 ALA A O   1 
ATOM   737  C  CB  . ALA A 1 97  ? 9.519   3.682   12.903  1.00 42.57 ? 112 ALA A CB  1 
ATOM   738  N  N   . GLN A 1 98  ? 12.180  3.265   14.774  1.00 36.07 ? 113 GLN A N   1 
ATOM   739  C  CA  . GLN A 1 98  ? 13.637  3.182   14.780  1.00 36.07 ? 113 GLN A CA  1 
ATOM   740  C  C   . GLN A 1 98  ? 14.063  2.401   13.551  1.00 36.07 ? 113 GLN A C   1 
ATOM   741  O  O   . GLN A 1 98  ? 13.912  1.176   13.498  1.00 36.07 ? 113 GLN A O   1 
ATOM   742  C  CB  . GLN A 1 98  ? 14.134  2.465   16.035  1.00 36.07 ? 113 GLN A CB  1 
ATOM   743  C  CG  . GLN A 1 98  ? 14.135  3.337   17.273  1.00 55.41 ? 113 GLN A CG  1 
ATOM   744  C  CD  . GLN A 1 98  ? 15.492  3.950   17.540  1.00 55.41 ? 113 GLN A CD  1 
ATOM   745  O  OE1 . GLN A 1 98  ? 16.399  3.874   16.706  1.00 55.41 ? 113 GLN A OE1 1 
ATOM   746  N  NE2 . GLN A 1 98  ? 15.639  4.563   18.711  1.00 55.41 ? 113 GLN A NE2 1 
ATOM   747  N  N   . PHE A 1 99  ? 14.584  3.098   12.556  1.00 34.73 ? 114 PHE A N   1 
ATOM   748  C  CA  . PHE A 1 99  ? 15.014  2.425   11.350  1.00 34.73 ? 114 PHE A CA  1 
ATOM   749  C  C   . PHE A 1 99  ? 16.068  1.383   11.705  1.00 34.73 ? 114 PHE A C   1 
ATOM   750  O  O   . PHE A 1 99  ? 16.834  1.558   12.652  1.00 34.73 ? 114 PHE A O   1 
ATOM   751  C  CB  . PHE A 1 99  ? 15.569  3.439   10.346  1.00 34.73 ? 114 PHE A CB  1 
ATOM   752  C  CG  . PHE A 1 99  ? 14.509  4.297   9.703   1.00 21.96 ? 114 PHE A CG  1 
ATOM   753  C  CD1 . PHE A 1 99  ? 13.172  4.175   10.075  1.00 21.96 ? 114 PHE A CD1 1 
ATOM   754  C  CD2 . PHE A 1 99  ? 14.844  5.202   8.709   1.00 21.96 ? 114 PHE A CD2 1 
ATOM   755  C  CE1 . PHE A 1 99  ? 12.187  4.931   9.469   1.00 21.96 ? 114 PHE A CE1 1 
ATOM   756  C  CE2 . PHE A 1 99  ? 13.868  5.965   8.095   1.00 21.96 ? 114 PHE A CE2 1 
ATOM   757  C  CZ  . PHE A 1 99  ? 12.529  5.828   8.476   1.00 21.96 ? 114 PHE A CZ  1 
ATOM   758  N  N   . SER A 1 100 ? 16.089  0.292   10.949  1.00 42.74 ? 115 SER A N   1 
ATOM   759  C  CA  . SER A 1 100 ? 17.031  -0.789  11.174  1.00 42.74 ? 115 SER A CA  1 
ATOM   760  C  C   . SER A 1 100 ? 17.030  -1.741  9.997   1.00 42.74 ? 115 SER A C   1 
ATOM   761  O  O   . SER A 1 100 ? 16.548  -1.412  8.910   1.00 42.74 ? 115 SER A O   1 
ATOM   762  C  CB  . SER A 1 100 ? 16.664  -1.552  12.440  1.00 42.74 ? 115 SER A CB  1 
ATOM   763  O  OG  . SER A 1 100 ? 15.558  -2.398  12.208  1.00 46.09 ? 115 SER A OG  1 
ATOM   764  N  N   . GLU A 1 101 ? 17.569  -2.932  10.231  1.00 40.05 ? 116 GLU A N   1 
ATOM   765  C  CA  . GLU A 1 101 ? 17.678  -3.969  9.211   1.00 40.05 ? 116 GLU A CA  1 
ATOM   766  C  C   . GLU A 1 101 ? 16.308  -4.427  8.702   1.00 40.05 ? 116 GLU A C   1 
ATOM   767  O  O   . GLU A 1 101 ? 16.154  -4.774  7.536   1.00 40.05 ? 116 GLU A O   1 
ATOM   768  C  CB  . GLU A 1 101 ? 18.438  -5.171  9.786   1.00 40.05 ? 116 GLU A CB  1 
ATOM   769  C  CG  . GLU A 1 101 ? 19.913  -5.208  9.472   1.00 73.65 ? 116 GLU A CG  1 
ATOM   770  C  CD  . GLU A 1 101 ? 20.562  -6.484  9.964   1.00 73.65 ? 116 GLU A CD  1 
ATOM   771  O  OE1 . GLU A 1 101 ? 19.831  -7.465  10.219  1.00 73.65 ? 116 GLU A OE1 1 
ATOM   772  O  OE2 . GLU A 1 101 ? 21.801  -6.507  10.098  1.00 73.65 ? 116 GLU A OE2 1 
ATOM   773  N  N   . THR A 1 102 ? 15.326  -4.428  9.592   1.00 37.86 ? 117 THR A N   1 
ATOM   774  C  CA  . THR A 1 102 ? 13.976  -4.843  9.249   1.00 37.86 ? 117 THR A CA  1 
ATOM   775  C  C   . THR A 1 102 ? 12.953  -3.698  9.318   1.00 37.86 ? 117 THR A C   1 
ATOM   776  O  O   . THR A 1 102 ? 11.744  -3.947  9.411   1.00 37.86 ? 117 THR A O   1 
ATOM   777  C  CB  . THR A 1 102 ? 13.522  -5.937  10.199  1.00 37.86 ? 117 THR A CB  1 
ATOM   778  O  OG1 . THR A 1 102 ? 13.477  -5.407  11.531  1.00 28.59 ? 117 THR A OG1 1 
ATOM   779  C  CG2 . THR A 1 102 ? 14.498  -7.117  10.158  1.00 28.59 ? 117 THR A CG2 1 
ATOM   780  N  N   . VAL A 1 103 ? 13.437  -2.455  9.289   1.00 35.93 ? 118 VAL A N   1 
ATOM   781  C  CA  . VAL A 1 103 ? 12.571  -1.277  9.354   1.00 35.93 ? 118 VAL A CA  1 
ATOM   782  C  C   . VAL A 1 103 ? 13.201  -0.048  8.722   1.00 35.93 ? 118 VAL A C   1 
ATOM   783  O  O   . VAL A 1 103 ? 14.130  0.523   9.265   1.00 35.93 ? 118 VAL A O   1 
ATOM   784  C  CB  . VAL A 1 103 ? 12.230  -0.869  10.802  1.00 35.93 ? 118 VAL A CB  1 
ATOM   785  C  CG1 . VAL A 1 103 ? 11.025  0.059   10.800  1.00 32.93 ? 118 VAL A CG1 1 
ATOM   786  C  CG2 . VAL A 1 103 ? 11.977  -2.085  11.662  1.00 32.93 ? 118 VAL A CG2 1 
ATOM   787  N  N   . SER A 1 104 ? 12.694  0.360   7.576   1.00 31.29 ? 119 SER A N   1 
ATOM   788  C  CA  . SER A 1 104 ? 13.194  1.549   6.913   1.00 31.29 ? 119 SER A CA  1 
ATOM   789  C  C   . SER A 1 104 ? 11.995  2.148   6.172   1.00 31.29 ? 119 SER A C   1 
ATOM   790  O  O   . SER A 1 104 ? 10.886  1.632   6.274   1.00 31.29 ? 119 SER A O   1 
ATOM   791  C  CB  . SER A 1 104 ? 14.341  1.184   5.966   1.00 31.29 ? 119 SER A CB  1 
ATOM   792  O  OG  . SER A 1 104 ? 13.940  1.209   4.611   1.00 39.98 ? 119 SER A OG  1 
ATOM   793  N  N   . ALA A 1 105 ? 12.201  3.235   5.444   1.00 18.71 ? 120 ALA A N   1 
ATOM   794  C  CA  . ALA A 1 105 ? 11.103  3.871   4.735   1.00 18.71 ? 120 ALA A CA  1 
ATOM   795  C  C   . ALA A 1 105 ? 11.239  3.679   3.240   1.00 18.71 ? 120 ALA A C   1 
ATOM   796  O  O   . ALA A 1 105 ? 12.319  3.373   2.753   1.00 18.71 ? 120 ALA A O   1 
ATOM   797  C  CB  . ALA A 1 105 ? 11.062  5.365   5.071   1.00 18.71 ? 120 ALA A CB  1 
ATOM   798  N  N   . VAL A 1 106 ? 10.143  3.878   2.508   1.00 25.17 ? 121 VAL A N   1 
ATOM   799  C  CA  . VAL A 1 106 ? 10.190  3.725   1.064   1.00 25.17 ? 121 VAL A CA  1 
ATOM   800  C  C   . VAL A 1 106 ? 10.237  5.054   0.340   1.00 25.17 ? 121 VAL A C   1 
ATOM   801  O  O   . VAL A 1 106 ? 9.607   6.023   0.736   1.00 25.17 ? 121 VAL A O   1 
ATOM   802  C  CB  . VAL A 1 106 ? 8.987   2.893   0.517   1.00 25.17 ? 121 VAL A CB  1 
ATOM   803  C  CG1 . VAL A 1 106 ? 7.635   3.600   0.827   1.00 15.47 ? 121 VAL A CG1 1 
ATOM   804  C  CG2 . VAL A 1 106 ? 9.169   2.678   -1.006  1.00 15.47 ? 121 VAL A CG2 1 
ATOM   805  N  N   . SER A 1 107 ? 10.998  5.088   -0.736  1.00 21.10 ? 122 SER A N   1 
ATOM   806  C  CA  . SER A 1 107 ? 11.150  6.280   -1.546  1.00 21.10 ? 122 SER A CA  1 
ATOM   807  C  C   . SER A 1 107 ? 9.855   6.634   -2.304  1.00 21.10 ? 122 SER A C   1 
ATOM   808  O  O   . SER A 1 107 ? 9.145   5.751   -2.814  1.00 21.10 ? 122 SER A O   1 
ATOM   809  C  CB  . SER A 1 107 ? 12.294  6.057   -2.525  1.00 21.10 ? 122 SER A CB  1 
ATOM   810  O  OG  . SER A 1 107 ? 12.424  7.145   -3.419  1.00 49.57 ? 122 SER A OG  1 
ATOM   811  N  N   . LEU A 1 108 ? 9.546   7.929   -2.368  1.00 33.84 ? 123 LEU A N   1 
ATOM   812  C  CA  . LEU A 1 108 ? 8.355   8.406   -3.067  1.00 33.84 ? 123 LEU A CA  1 
ATOM   813  C  C   . LEU A 1 108 ? 8.806   8.930   -4.423  1.00 33.84 ? 123 LEU A C   1 
ATOM   814  O  O   . LEU A 1 108 ? 9.981   9.249   -4.608  1.00 33.84 ? 123 LEU A O   1 
ATOM   815  C  CB  . LEU A 1 108 ? 7.671   9.536   -2.276  1.00 33.84 ? 123 LEU A CB  1 
ATOM   816  C  CG  . LEU A 1 108 ? 7.134   9.172   -0.890  1.00 20.31 ? 123 LEU A CG  1 
ATOM   817  C  CD1 . LEU A 1 108 ? 6.905   10.409  -0.076  1.00 20.31 ? 123 LEU A CD1 1 
ATOM   818  C  CD2 . LEU A 1 108 ? 5.844   8.369   -1.032  1.00 20.31 ? 123 LEU A CD2 1 
ATOM   819  N  N   . PRO A 1 109 ? 7.887   8.992   -5.399  1.00 38.96 ? 124 PRO A N   1 
ATOM   820  C  CA  . PRO A 1 109 ? 8.201   9.482   -6.741  1.00 38.96 ? 124 PRO A CA  1 
ATOM   821  C  C   . PRO A 1 109 ? 7.880   10.970  -6.909  1.00 38.96 ? 124 PRO A C   1 
ATOM   822  O  O   . PRO A 1 109 ? 7.455   11.631  -5.964  1.00 38.96 ? 124 PRO A O   1 
ATOM   823  C  CB  . PRO A 1 109 ? 7.337   8.596   -7.635  1.00 38.96 ? 124 PRO A CB  1 
ATOM   824  C  CG  . PRO A 1 109 ? 6.166   8.167   -6.755  1.00 36.99 ? 124 PRO A CG  1 
ATOM   825  C  CD  . PRO A 1 109 ? 6.491   8.530   -5.317  1.00 36.99 ? 124 PRO A CD  1 
ATOM   826  N  N   . ASN A 1 110 ? 8.079   11.492  -8.117  1.00 50.17 ? 125 ASN A N   1 
ATOM   827  C  CA  . ASN A 1 110 ? 7.809   12.897  -8.412  1.00 50.17 ? 125 ASN A CA  1 
ATOM   828  C  C   . ASN A 1 110 ? 6.534   13.046  -9.228  1.00 50.17 ? 125 ASN A C   1 
ATOM   829  O  O   . ASN A 1 110 ? 6.188   12.165  -10.010 1.00 50.17 ? 125 ASN A O   1 
ATOM   830  C  CB  . ASN A 1 110 ? 8.969   13.509  -9.201  1.00 50.17 ? 125 ASN A CB  1 
ATOM   831  C  CG  . ASN A 1 110 ? 10.275  13.465  -8.442  1.00 63.22 ? 125 ASN A CG  1 
ATOM   832  O  OD1 . ASN A 1 110 ? 10.412  14.075  -7.379  1.00 63.22 ? 125 ASN A OD1 1 
ATOM   833  N  ND2 . ASN A 1 110 ? 11.246  12.742  -8.986  1.00 63.22 ? 125 ASN A ND2 1 
ATOM   834  N  N   . VAL A 1 111 ? 5.849   14.172  -9.056  1.00 63.11 ? 126 VAL A N   1 
ATOM   835  C  CA  . VAL A 1 111 ? 4.610   14.437  -9.776  1.00 63.11 ? 126 VAL A CA  1 
ATOM   836  C  C   . VAL A 1 111 ? 4.769   14.199  -11.274 1.00 63.11 ? 126 VAL A C   1 
ATOM   837  O  O   . VAL A 1 111 ? 3.785   14.027  -11.997 1.00 63.11 ? 126 VAL A O   1 
ATOM   838  C  CB  . VAL A 1 111 ? 4.139   15.892  -9.563  1.00 63.11 ? 126 VAL A CB  1 
ATOM   839  C  CG1 . VAL A 1 111 ? 2.621   15.973  -9.683  1.00 53.95 ? 126 VAL A CG1 1 
ATOM   840  C  CG2 . VAL A 1 111 ? 4.591   16.391  -8.198  1.00 53.95 ? 126 VAL A CG2 1 
ATOM   841  N  N   . ASP A 1 112 ? 6.018   14.181  -11.728 1.00 51.80 ? 127 ASP A N   1 
ATOM   842  C  CA  . ASP A 1 112 ? 6.334   13.978  -13.141 1.00 51.80 ? 127 ASP A CA  1 
ATOM   843  C  C   . ASP A 1 112 ? 6.983   12.622  -13.422 1.00 51.80 ? 127 ASP A C   1 
ATOM   844  O  O   . ASP A 1 112 ? 7.458   12.380  -14.531 1.00 51.80 ? 127 ASP A O   1 
ATOM   845  C  CB  . ASP A 1 112 ? 7.252   15.103  -13.632 1.00 51.80 ? 127 ASP A CB  1 
ATOM   846  C  CG  . ASP A 1 112 ? 7.670   16.045  -12.514 1.00 71.14 ? 127 ASP A CG  1 
ATOM   847  O  OD1 . ASP A 1 112 ? 6.777   16.607  -11.846 1.00 71.14 ? 127 ASP A OD1 1 
ATOM   848  O  OD2 . ASP A 1 112 ? 8.889   16.223  -12.302 1.00 71.14 ? 127 ASP A OD2 1 
ATOM   849  N  N   . ASP A 1 113 ? 7.010   11.748  -12.413 1.00 36.93 ? 128 ASP A N   1 
ATOM   850  C  CA  . ASP A 1 113 ? 7.576   10.404  -12.551 1.00 36.93 ? 128 ASP A CA  1 
ATOM   851  C  C   . ASP A 1 113 ? 6.460   9.482   -12.995 1.00 36.93 ? 128 ASP A C   1 
ATOM   852  O  O   . ASP A 1 113 ? 5.329   9.592   -12.511 1.00 36.93 ? 128 ASP A O   1 
ATOM   853  C  CB  . ASP A 1 113 ? 8.127   9.899   -11.216 1.00 36.93 ? 128 ASP A CB  1 
ATOM   854  C  CG  . ASP A 1 113 ? 9.599   10.191  -11.047 1.00 39.33 ? 128 ASP A CG  1 
ATOM   855  O  OD1 . ASP A 1 113 ? 10.218  10.713  -12.001 1.00 39.33 ? 128 ASP A OD1 1 
ATOM   856  O  OD2 . ASP A 1 113 ? 10.135  9.899   -9.960  1.00 39.33 ? 128 ASP A OD2 1 
ATOM   857  N  N   . ASP A 1 114 ? 6.770   8.556   -13.893 1.00 45.93 ? 129 ASP A N   1 
ATOM   858  C  CA  . ASP A 1 114 ? 5.740   7.653   -14.388 1.00 45.93 ? 129 ASP A CA  1 
ATOM   859  C  C   . ASP A 1 114 ? 6.232   6.234   -14.673 1.00 45.93 ? 129 ASP A C   1 
ATOM   860  O  O   . ASP A 1 114 ? 7.320   6.040   -15.211 1.00 45.93 ? 129 ASP A O   1 
ATOM   861  C  CB  . ASP A 1 114 ? 5.126   8.258   -15.654 1.00 45.93 ? 129 ASP A CB  1 
ATOM   862  C  CG  . ASP A 1 114 ? 3.738   7.723   -15.956 1.00 40.69 ? 129 ASP A CG  1 
ATOM   863  O  OD1 . ASP A 1 114 ? 3.030   7.290   -15.016 1.00 40.69 ? 129 ASP A OD1 1 
ATOM   864  O  OD2 . ASP A 1 114 ? 3.366   7.749   -17.149 1.00 40.69 ? 129 ASP A OD2 1 
ATOM   865  N  N   . PHE A 1 115 ? 5.415   5.247   -14.314 1.00 44.57 ? 130 PHE A N   1 
ATOM   866  C  CA  . PHE A 1 115 ? 5.755   3.844   -14.541 1.00 44.57 ? 130 PHE A CA  1 
ATOM   867  C  C   . PHE A 1 115 ? 4.935   3.273   -15.698 1.00 44.57 ? 130 PHE A C   1 
ATOM   868  O  O   . PHE A 1 115 ? 3.824   2.793   -15.508 1.00 44.57 ? 130 PHE A O   1 
ATOM   869  C  CB  . PHE A 1 115 ? 5.527   3.045   -13.258 1.00 44.57 ? 130 PHE A CB  1 
ATOM   870  C  CG  . PHE A 1 115 ? 6.259   3.612   -12.076 1.00 38.82 ? 130 PHE A CG  1 
ATOM   871  C  CD1 . PHE A 1 115 ? 5.693   4.640   -11.313 1.00 38.82 ? 130 PHE A CD1 1 
ATOM   872  C  CD2 . PHE A 1 115 ? 7.545   3.165   -11.757 1.00 38.82 ? 130 PHE A CD2 1 
ATOM   873  C  CE1 . PHE A 1 115 ? 6.406   5.220   -10.250 1.00 38.82 ? 130 PHE A CE1 1 
ATOM   874  C  CE2 . PHE A 1 115 ? 8.263   3.733   -10.703 1.00 38.82 ? 130 PHE A CE2 1 
ATOM   875  C  CZ  . PHE A 1 115 ? 7.698   4.766   -9.943  1.00 38.82 ? 130 PHE A CZ  1 
ATOM   876  N  N   . PRO A 1 116 ? 5.493   3.326   -16.921 1.00 35.24 ? 131 PRO A N   1 
ATOM   877  C  CA  . PRO A 1 116 ? 4.886   2.842   -18.164 1.00 35.24 ? 131 PRO A CA  1 
ATOM   878  C  C   . PRO A 1 116 ? 4.263   1.456   -18.064 1.00 35.24 ? 131 PRO A C   1 
ATOM   879  O  O   . PRO A 1 116 ? 4.672   0.641   -17.243 1.00 35.24 ? 131 PRO A O   1 
ATOM   880  C  CB  . PRO A 1 116 ? 6.040   2.872   -19.175 1.00 35.24 ? 131 PRO A CB  1 
ATOM   881  C  CG  . PRO A 1 116 ? 7.287   3.100   -18.359 1.00 41.63 ? 131 PRO A CG  1 
ATOM   882  C  CD  . PRO A 1 116 ? 6.840   3.869   -17.165 1.00 41.63 ? 131 PRO A CD  1 
ATOM   883  N  N   . PRO A 1 117 ? 3.256   1.179   -18.909 1.00 40.88 ? 132 PRO A N   1 
ATOM   884  C  CA  . PRO A 1 117 ? 2.559   -0.114  -18.933 1.00 40.88 ? 132 PRO A CA  1 
ATOM   885  C  C   . PRO A 1 117 ? 3.470   -1.265  -19.351 1.00 40.88 ? 132 PRO A C   1 
ATOM   886  O  O   . PRO A 1 117 ? 4.164   -1.185  -20.362 1.00 40.88 ? 132 PRO A O   1 
ATOM   887  C  CB  . PRO A 1 117 ? 1.425   0.104   -19.936 1.00 40.88 ? 132 PRO A CB  1 
ATOM   888  C  CG  . PRO A 1 117 ? 1.324   1.595   -20.098 1.00 43.01 ? 132 PRO A CG  1 
ATOM   889  C  CD  . PRO A 1 117 ? 2.705   2.110   -19.906 1.00 43.01 ? 132 PRO A CD  1 
ATOM   890  N  N   . GLY A 1 118 ? 3.468   -2.340  -18.573 1.00 39.89 ? 133 GLY A N   1 
ATOM   891  C  CA  . GLY A 1 118 ? 4.311   -3.468  -18.906 1.00 39.89 ? 133 GLY A CA  1 
ATOM   892  C  C   . GLY A 1 118 ? 5.474   -3.658  -17.949 1.00 39.89 ? 133 GLY A C   1 
ATOM   893  O  O   . GLY A 1 118 ? 6.032   -4.751  -17.877 1.00 39.89 ? 133 GLY A O   1 
ATOM   894  N  N   . THR A 1 119 ? 5.858   -2.605  -17.227 1.00 26.75 ? 134 THR A N   1 
ATOM   895  C  CA  . THR A 1 119 ? 6.949   -2.732  -16.272 1.00 26.75 ? 134 THR A CA  1 
ATOM   896  C  C   . THR A 1 119 ? 6.393   -3.539  -15.113 1.00 26.75 ? 134 THR A C   1 
ATOM   897  O  O   . THR A 1 119 ? 5.243   -3.361  -14.725 1.00 26.75 ? 134 THR A O   1 
ATOM   898  C  CB  . THR A 1 119 ? 7.456   -1.349  -15.727 1.00 26.75 ? 134 THR A CB  1 
ATOM   899  O  OG1 . THR A 1 119 ? 6.611   -0.910  -14.662 1.00 35.39 ? 134 THR A OG1 1 
ATOM   900  C  CG2 . THR A 1 119 ? 7.468   -0.296  -16.816 1.00 35.39 ? 134 THR A CG2 1 
ATOM   901  N  N   . VAL A 1 120 ? 7.216   -4.425  -14.566 1.00 31.98 ? 135 VAL A N   1 
ATOM   902  C  CA  . VAL A 1 120 ? 6.812   -5.279  -13.459 1.00 31.98 ? 135 VAL A CA  1 
ATOM   903  C  C   . VAL A 1 120 ? 7.114   -4.622  -12.119 1.00 31.98 ? 135 VAL A C   1 
ATOM   904  O  O   . VAL A 1 120 ? 8.201   -4.070  -11.911 1.00 31.98 ? 135 VAL A O   1 
ATOM   905  C  CB  . VAL A 1 120 ? 7.542   -6.644  -13.544 1.00 31.98 ? 135 VAL A CB  1 
ATOM   906  C  CG1 . VAL A 1 120 ? 6.977   -7.611  -12.545 1.00 38.66 ? 135 VAL A CG1 1 
ATOM   907  C  CG2 . VAL A 1 120 ? 7.389   -7.227  -14.948 1.00 38.66 ? 135 VAL A CG2 1 
ATOM   908  N  N   . CYS A 1 121 ? 6.147   -4.680  -11.210 1.00 30.12 ? 136 CYS A N   1 
ATOM   909  C  CA  . CYS A 1 121 ? 6.293   -4.095  -9.884  1.00 30.12 ? 136 CYS A CA  1 
ATOM   910  C  C   . CYS A 1 121 ? 5.865   -5.139  -8.882  1.00 30.12 ? 136 CYS A C   1 
ATOM   911  O  O   . CYS A 1 121 ? 5.234   -6.121  -9.246  1.00 30.12 ? 136 CYS A O   1 
ATOM   912  C  CB  . CYS A 1 121 ? 5.392   -2.864  -9.727  1.00 30.12 ? 136 CYS A CB  1 
ATOM   913  S  SG  . CYS A 1 121 ? 5.603   -1.636  -11.040 1.00 39.72 ? 136 CYS A SG  1 
ATOM   914  N  N   . ALA A 1 122 ? 6.192   -4.909  -7.619  1.00 25.15 ? 137 ALA A N   1 
ATOM   915  C  CA  . ALA A 1 122 ? 5.852   -5.839  -6.565  1.00 25.15 ? 137 ALA A CA  1 
ATOM   916  C  C   . ALA A 1 122 ? 4.820   -5.213  -5.633  1.00 25.15 ? 137 ALA A C   1 
ATOM   917  O  O   . ALA A 1 122 ? 4.706   -3.981  -5.540  1.00 25.15 ? 137 ALA A O   1 
ATOM   918  C  CB  . ALA A 1 122 ? 7.096   -6.183  -5.764  1.00 25.15 ? 137 ALA A CB  1 
ATOM   919  N  N   . THR A 1 123 ? 4.107   -6.105  -4.991  1.00 19.09 ? 138 THR A N   1 
ATOM   920  C  CA  . THR A 1 123 ? 3.080   -5.782  -4.002  1.00 19.09 ? 138 THR A CA  1 
ATOM   921  C  C   . THR A 1 123 ? 3.208   -6.804  -2.882  1.00 19.09 ? 138 THR A C   1 
ATOM   922  O  O   . THR A 1 123 ? 3.448   -7.994  -3.129  1.00 19.09 ? 138 THR A O   1 
ATOM   923  C  CB  . THR A 1 123 ? 1.695   -5.850  -4.649  1.00 19.09 ? 138 THR A CB  1 
ATOM   924  O  OG1 . THR A 1 123 ? 0.710   -5.366  -3.746  1.00 31.63 ? 138 THR A OG1 1 
ATOM   925  C  CG2 . THR A 1 123 ? 1.292   -7.271  -5.046  1.00 31.63 ? 138 THR A CG2 1 
ATOM   926  N  N   . THR A 1 124 ? 3.059   -6.339  -1.665  1.00 19.89 ? 139 THR A N   1 
ATOM   927  C  CA  . THR A 1 124 ? 3.209   -7.215  -0.501  1.00 19.89 ? 139 THR A CA  1 
ATOM   928  C  C   . THR A 1 124 ? 2.056   -7.051  0.476   1.00 19.89 ? 139 THR A C   1 
ATOM   929  O  O   . THR A 1 124 ? 1.408   -6.027  0.477   1.00 19.89 ? 139 THR A O   1 
ATOM   930  C  CB  . THR A 1 124 ? 4.509   -6.885  0.234   1.00 19.89 ? 139 THR A CB  1 
ATOM   931  O  OG1 . THR A 1 124 ? 4.781   -5.494  0.137   1.00 19.84 ? 139 THR A OG1 1 
ATOM   932  C  CG2 . THR A 1 124 ? 5.721   -7.627  -0.332  1.00 19.84 ? 139 THR A CG2 1 
ATOM   933  N  N   . GLY A 1 125 ? 1.802   -8.047  1.315   1.00 20.87 ? 140 GLY A N   1 
ATOM   934  C  CA  . GLY A 1 125 ? 0.724   -7.909  2.273   1.00 20.87 ? 140 GLY A CA  1 
ATOM   935  C  C   . GLY A 1 125 ? 0.288   -9.224  2.879   1.00 20.87 ? 140 GLY A C   1 
ATOM   936  O  O   . GLY A 1 125 ? 0.804   -10.275 2.511   1.00 20.87 ? 140 GLY A O   1 
ATOM   937  N  N   . TRP A 1 126 ? -0.650  -9.175  3.817   1.00 27.89 ? 141 TRP A N   1 
ATOM   938  C  CA  . TRP A 1 126 ? -1.149  -10.386 4.454   1.00 27.89 ? 141 TRP A CA  1 
ATOM   939  C  C   . TRP A 1 126 ? -2.510  -10.763 3.859   1.00 27.89 ? 141 TRP A C   1 
ATOM   940  O  O   . TRP A 1 126 ? -3.250  -11.548 4.439   1.00 27.89 ? 141 TRP A O   1 
ATOM   941  C  CB  . TRP A 1 126 ? -1.269  -10.186 5.980   1.00 27.89 ? 141 TRP A CB  1 
ATOM   942  C  CG  . TRP A 1 126 ? 0.059   -10.207 6.684   1.00 38.52 ? 141 TRP A CG  1 
ATOM   943  C  CD1 . TRP A 1 126 ? 0.660   -11.283 7.268   1.00 38.52 ? 141 TRP A CD1 1 
ATOM   944  C  CD2 . TRP A 1 126 ? 0.963   -9.100  6.857   1.00 38.52 ? 141 TRP A CD2 1 
ATOM   945  N  NE1 . TRP A 1 126 ? 1.879   -10.921 7.793   1.00 38.52 ? 141 TRP A NE1 1 
ATOM   946  C  CE2 . TRP A 1 126 ? 2.090   -9.588  7.557   1.00 38.52 ? 141 TRP A CE2 1 
ATOM   947  C  CE3 . TRP A 1 126 ? 0.927   -7.746  6.490   1.00 38.52 ? 141 TRP A CE3 1 
ATOM   948  C  CZ2 . TRP A 1 126 ? 3.176   -8.769  7.895   1.00 38.52 ? 141 TRP A CZ2 1 
ATOM   949  C  CZ3 . TRP A 1 126 ? 2.004   -6.934  6.825   1.00 38.52 ? 141 TRP A CZ3 1 
ATOM   950  C  CH2 . TRP A 1 126 ? 3.116   -7.450  7.523   1.00 38.52 ? 141 TRP A CH2 1 
ATOM   951  N  N   . GLY A 1 127 ? -2.823  -10.180 2.705   1.00 43.45 ? 142 GLY A N   1 
ATOM   952  C  CA  . GLY A 1 127 ? -4.070  -10.464 2.015   1.00 43.45 ? 142 GLY A CA  1 
ATOM   953  C  C   . GLY A 1 127 ? -5.375  -9.985  2.633   1.00 43.45 ? 142 GLY A C   1 
ATOM   954  O  O   . GLY A 1 127 ? -6.432  -10.535 2.327   1.00 43.45 ? 142 GLY A O   1 
ATOM   955  N  N   . LYS A 1 128 ? -5.324  -8.966  3.485   1.00 33.49 ? 143 LYS A N   1 
ATOM   956  C  CA  . LYS A 1 128 ? -6.545  -8.463  4.123   1.00 33.49 ? 143 LYS A CA  1 
ATOM   957  C  C   . LYS A 1 128 ? -7.043  -7.151  3.533   1.00 33.49 ? 143 LYS A C   1 
ATOM   958  O  O   . LYS A 1 128 ? -6.432  -6.097  3.715   1.00 33.49 ? 143 LYS A O   1 
ATOM   959  C  CB  . LYS A 1 128 ? -6.328  -8.287  5.627   1.00 33.49 ? 143 LYS A CB  1 
ATOM   960  C  CG  . LYS A 1 128 ? -7.379  -8.970  6.482   1.00 39.93 ? 143 LYS A CG  1 
ATOM   961  C  CD  . LYS A 1 128 ? -8.758  -8.400  6.211   1.00 39.93 ? 143 LYS A CD  1 
ATOM   962  C  CE  . LYS A 1 128 ? -9.509  -8.112  7.498   1.00 39.93 ? 143 LYS A CE  1 
ATOM   963  N  NZ  . LYS A 1 128 ? -9.572  -9.298  8.387   1.00 39.93 ? 143 LYS A NZ  1 
ATOM   964  N  N   . THR A 1 129 ? -8.157  -7.232  2.814   1.00 51.17 ? 144 THR A N   1 
ATOM   965  C  CA  . THR A 1 129 ? -8.755  -6.055  2.201   1.00 51.17 ? 144 THR A CA  1 
ATOM   966  C  C   . THR A 1 129 ? -10.048 -5.702  2.910   1.00 51.17 ? 144 THR A C   1 
ATOM   967  O  O   . THR A 1 129 ? -10.694 -6.563  3.515   1.00 51.17 ? 144 THR A O   1 
ATOM   968  C  CB  . THR A 1 129 ? -9.104  -6.294  0.749   1.00 51.17 ? 144 THR A CB  1 
ATOM   969  O  OG1 . THR A 1 129 ? -10.193 -7.224  0.685   1.00 39.84 ? 144 THR A OG1 1 
ATOM   970  C  CG2 . THR A 1 129 ? -7.894  -6.827  -0.011  1.00 39.84 ? 144 THR A CG2 1 
ATOM   971  N  N   . LYS A 1 130 ? -10.419 -4.428  2.832   1.00 58.92 ? 145 LYS A N   1 
ATOM   972  C  CA  . LYS A 1 130 ? -11.646 -3.947  3.448   1.00 58.92 ? 145 LYS A CA  1 
ATOM   973  C  C   . LYS A 1 130 ? -12.772 -4.074  2.425   1.00 58.92 ? 145 LYS A C   1 
ATOM   974  O  O   . LYS A 1 130 ? -13.881 -4.513  2.743   1.00 58.92 ? 145 LYS A O   1 
ATOM   975  C  CB  . LYS A 1 130 ? -11.479 -2.491  3.873   1.00 58.92 ? 145 LYS A CB  1 
ATOM   976  C  CG  . LYS A 1 130 ? -12.083 -2.189  5.226   1.00 38.74 ? 145 LYS A CG  1 
ATOM   977  C  CD  . LYS A 1 130 ? -11.022 -2.020  6.302   1.00 38.74 ? 145 LYS A CD  1 
ATOM   978  C  CE  . LYS A 1 130 ? -11.661 -1.904  7.684   1.00 38.74 ? 145 LYS A CE  1 
ATOM   979  N  NZ  . LYS A 1 130 ? -12.540 -0.700  7.803   1.00 38.74 ? 145 LYS A NZ  1 
ATOM   980  N  N   . TYR A 1 131 ? -12.468 -3.697  1.188   1.00 81.29 ? 146 TYR A N   1 
ATOM   981  C  CA  . TYR A 1 131 ? -13.435 -3.767  0.100   1.00 81.29 ? 146 TYR A CA  1 
ATOM   982  C  C   . TYR A 1 131 ? -12.787 -4.369  -1.147  1.00 81.29 ? 146 TYR A C   1 
ATOM   983  O  O   . TYR A 1 131 ? -11.556 -4.210  -1.293  1.00 81.29 ? 146 TYR A O   1 
ATOM   984  C  CB  . TYR A 1 131 ? -13.975 -2.374  -0.207  1.00 81.29 ? 146 TYR A CB  1 
ATOM   985  N  N   . THR B 2 5   ? -6.099  -16.875 5.030   1.00 52.98 ? 151 THR B N   1 
ATOM   986  C  CA  . THR B 2 5   ? -5.645  -16.216 6.294   1.00 52.98 ? 151 THR B CA  1 
ATOM   987  C  C   . THR B 2 5   ? -4.148  -16.434 6.556   1.00 52.98 ? 151 THR B C   1 
ATOM   988  O  O   . THR B 2 5   ? -3.754  -16.900 7.627   1.00 52.98 ? 151 THR B O   1 
ATOM   989  C  CB  . THR B 2 5   ? -6.447  -16.749 7.501   1.00 52.98 ? 151 THR B CB  1 
ATOM   990  O  OG1 . THR B 2 5   ? -7.848  -16.685 7.202   1.00 45.75 ? 151 THR B OG1 1 
ATOM   991  C  CG2 . THR B 2 5   ? -6.148  -15.924 8.757   1.00 45.75 ? 151 THR B CG2 1 
ATOM   992  N  N   . PRO B 2 6   ? -3.294  -16.085 5.582   1.00 42.21 ? 152 PRO B N   1 
ATOM   993  C  CA  . PRO B 2 6   ? -1.847  -16.263 5.759   1.00 42.21 ? 152 PRO B CA  1 
ATOM   994  C  C   . PRO B 2 6   ? -1.277  -15.491 6.958   1.00 42.21 ? 152 PRO B C   1 
ATOM   995  O  O   . PRO B 2 6   ? -1.625  -14.330 7.207   1.00 42.21 ? 152 PRO B O   1 
ATOM   996  C  CB  . PRO B 2 6   ? -1.249  -15.790 4.430   1.00 42.21 ? 152 PRO B CB  1 
ATOM   997  C  CG  . PRO B 2 6   ? -2.305  -14.946 3.807   1.00 36.33 ? 152 PRO B CG  1 
ATOM   998  C  CD  . PRO B 2 6   ? -3.622  -15.490 4.276   1.00 36.33 ? 152 PRO B CD  1 
ATOM   999  N  N   . GLU B 2 7   ? -0.398  -16.155 7.698   1.00 55.72 ? 153 GLU B N   1 
ATOM   1000 C  CA  . GLU B 2 7   ? 0.230   -15.556 8.859   1.00 55.72 ? 153 GLU B CA  1 
ATOM   1001 C  C   . GLU B 2 7   ? 1.538   -14.890 8.446   1.00 55.72 ? 153 GLU B C   1 
ATOM   1002 O  O   . GLU B 2 7   ? 2.023   -13.990 9.131   1.00 55.72 ? 153 GLU B O   1 
ATOM   1003 C  CB  . GLU B 2 7   ? 0.495   -16.629 9.917   1.00 55.72 ? 153 GLU B CB  1 
ATOM   1004 N  N   . LYS B 2 8   ? 2.090   -15.324 7.312   1.00 42.81 ? 154 LYS B N   1 
ATOM   1005 C  CA  . LYS B 2 8   ? 3.352   -14.793 6.824   1.00 42.81 ? 154 LYS B CA  1 
ATOM   1006 C  C   . LYS B 2 8   ? 3.193   -13.715 5.771   1.00 42.81 ? 154 LYS B C   1 
ATOM   1007 O  O   . LYS B 2 8   ? 2.153   -13.626 5.115   1.00 42.81 ? 154 LYS B O   1 
ATOM   1008 C  CB  . LYS B 2 8   ? 4.220   -15.925 6.268   1.00 42.81 ? 154 LYS B CB  1 
ATOM   1009 C  CG  . LYS B 2 8   ? 4.882   -16.772 7.342   1.00 59.87 ? 154 LYS B CG  1 
ATOM   1010 C  CD  . LYS B 2 8   ? 5.417   -18.079 6.774   1.00 59.87 ? 154 LYS B CD  1 
ATOM   1011 C  CE  . LYS B 2 8   ? 5.353   -19.193 7.807   1.00 59.87 ? 154 LYS B CE  1 
ATOM   1012 N  NZ  . LYS B 2 8   ? 6.329   -20.288 7.535   1.00 59.87 ? 154 LYS B NZ  1 
ATOM   1013 N  N   . LEU B 2 9   ? 4.240   -12.905 5.614   1.00 26.81 ? 155 LEU B N   1 
ATOM   1014 C  CA  . LEU B 2 9   ? 4.255   -11.803 4.651   1.00 26.81 ? 155 LEU B CA  1 
ATOM   1015 C  C   . LEU B 2 9   ? 4.373   -12.369 3.251   1.00 26.81 ? 155 LEU B C   1 
ATOM   1016 O  O   . LEU B 2 9   ? 5.351   -13.042 2.936   1.00 26.81 ? 155 LEU B O   1 
ATOM   1017 C  CB  . LEU B 2 9   ? 5.443   -10.861 4.938   1.00 26.81 ? 155 LEU B CB  1 
ATOM   1018 C  CG  . LEU B 2 9   ? 5.473   -9.425  4.390   1.00 28.26 ? 155 LEU B CG  1 
ATOM   1019 C  CD1 . LEU B 2 9   ? 6.641   -9.291  3.438   1.00 28.26 ? 155 LEU B CD1 1 
ATOM   1020 C  CD2 . LEU B 2 9   ? 4.175   -9.065  3.681   1.00 28.26 ? 155 LEU B CD2 1 
ATOM   1021 N  N   . GLN B 2 10  ? 3.385   -12.079 2.408   1.00 25.67 ? 156 GLN B N   1 
ATOM   1022 C  CA  . GLN B 2 10  ? 3.362   -12.578 1.033   1.00 25.67 ? 156 GLN B CA  1 
ATOM   1023 C  C   . GLN B 2 10  ? 3.806   -11.554 0.005   1.00 25.67 ? 156 GLN B C   1 
ATOM   1024 O  O   . GLN B 2 10  ? 3.751   -10.360 0.254   1.00 25.67 ? 156 GLN B O   1 
ATOM   1025 C  CB  . GLN B 2 10  ? 1.949   -13.033 0.690   1.00 25.67 ? 156 GLN B CB  1 
ATOM   1026 C  CG  . GLN B 2 10  ? 1.377   -14.044 1.655   1.00 22.75 ? 156 GLN B CG  1 
ATOM   1027 C  CD  . GLN B 2 10  ? 2.080   -15.366 1.540   1.00 22.75 ? 156 GLN B CD  1 
ATOM   1028 O  OE1 . GLN B 2 10  ? 2.456   -15.781 0.445   1.00 22.75 ? 156 GLN B OE1 1 
ATOM   1029 N  NE2 . GLN B 2 10  ? 2.271   -16.040 2.664   1.00 22.75 ? 156 GLN B NE2 1 
ATOM   1030 N  N   . GLN B 2 11  ? 4.217   -12.022 -1.168  1.00 22.01 ? 157 GLN B N   1 
ATOM   1031 C  CA  . GLN B 2 11  ? 4.661   -11.126 -2.237  1.00 22.01 ? 157 GLN B CA  1 
ATOM   1032 C  C   . GLN B 2 11  ? 4.252   -11.646 -3.630  1.00 22.01 ? 157 GLN B C   1 
ATOM   1033 O  O   . GLN B 2 11  ? 4.122   -12.854 -3.855  1.00 22.01 ? 157 GLN B O   1 
ATOM   1034 C  CB  . GLN B 2 11  ? 6.184   -10.957 -2.173  1.00 22.01 ? 157 GLN B CB  1 
ATOM   1035 C  CG  . GLN B 2 11  ? 6.953   -12.203 -2.603  1.00 45.53 ? 157 GLN B CG  1 
ATOM   1036 C  CD  . GLN B 2 11  ? 8.453   -12.100 -2.370  1.00 45.53 ? 157 GLN B CD  1 
ATOM   1037 O  OE1 . GLN B 2 11  ? 8.925   -11.257 -1.603  1.00 45.53 ? 157 GLN B OE1 1 
ATOM   1038 N  NE2 . GLN B 2 11  ? 9.213   -12.968 -3.038  1.00 45.53 ? 157 GLN B NE2 1 
ATOM   1039 N  N   . ALA B 2 12  ? 4.054   -10.718 -4.561  1.00 20.34 ? 158 ALA B N   1 
ATOM   1040 C  CA  . ALA B 2 12  ? 3.673   -11.055 -5.918  1.00 20.34 ? 158 ALA B CA  1 
ATOM   1041 C  C   . ALA B 2 12  ? 4.220   -10.012 -6.861  1.00 20.34 ? 158 ALA B C   1 
ATOM   1042 O  O   . ALA B 2 12  ? 4.426   -8.866  -6.471  1.00 20.34 ? 158 ALA B O   1 
ATOM   1043 C  CB  . ALA B 2 12  ? 2.173   -11.102 -6.038  1.00 20.34 ? 158 ALA B CB  1 
ATOM   1044 N  N   . ALA B 2 13  ? 4.467   -10.413 -8.101  1.00 28.45 ? 159 ALA B N   1 
ATOM   1045 C  CA  . ALA B 2 13  ? 4.960   -9.503  -9.119  1.00 28.45 ? 159 ALA B CA  1 
ATOM   1046 C  C   . ALA B 2 13  ? 3.876   -9.392  -10.181 1.00 28.45 ? 159 ALA B C   1 
ATOM   1047 O  O   . ALA B 2 13  ? 3.404   -10.402 -10.709 1.00 28.45 ? 159 ALA B O   1 
ATOM   1048 C  CB  . ALA B 2 13  ? 6.232   -10.036 -9.740  1.00 28.45 ? 159 ALA B CB  1 
ATOM   1049 N  N   . LEU B 2 14  ? 3.461   -8.167  -10.479 1.00 48.79 ? 160 LEU B N   1 
ATOM   1050 C  CA  . LEU B 2 14  ? 2.444   -7.941  -11.497 1.00 48.79 ? 160 LEU B CA  1 
ATOM   1051 C  C   . LEU B 2 14  ? 2.782   -6.672  -12.239 1.00 48.79 ? 160 LEU B C   1 
ATOM   1052 O  O   . LEU B 2 14  ? 3.130   -5.666  -11.636 1.00 48.79 ? 160 LEU B O   1 
ATOM   1053 C  CB  . LEU B 2 14  ? 1.059   -7.806  -10.877 1.00 48.79 ? 160 LEU B CB  1 
ATOM   1054 C  CG  . LEU B 2 14  ? 0.981   -7.932  -9.370  1.00 38.72 ? 160 LEU B CG  1 
ATOM   1055 C  CD1 . LEU B 2 14  ? 0.732   -6.566  -8.764  1.00 38.72 ? 160 LEU B CD1 1 
ATOM   1056 C  CD2 . LEU B 2 14  ? -0.127  -8.889  -9.014  1.00 38.72 ? 160 LEU B CD2 1 
ATOM   1057 N  N   . PRO B 2 15  ? 2.678   -6.705  -13.569 1.00 35.76 ? 161 PRO B N   1 
ATOM   1058 C  CA  . PRO B 2 15  ? 2.983   -5.528  -14.377 1.00 35.76 ? 161 PRO B CA  1 
ATOM   1059 C  C   . PRO B 2 15  ? 1.867   -4.504  -14.276 1.00 35.76 ? 161 PRO B C   1 
ATOM   1060 O  O   . PRO B 2 15  ? 0.874   -4.719  -13.575 1.00 35.76 ? 161 PRO B O   1 
ATOM   1061 C  CB  . PRO B 2 15  ? 3.116   -6.092  -15.787 1.00 35.76 ? 161 PRO B CB  1 
ATOM   1062 C  CG  . PRO B 2 15  ? 2.216   -7.273  -15.791 1.00 21.99 ? 161 PRO B CG  1 
ATOM   1063 C  CD  . PRO B 2 15  ? 2.241   -7.847  -14.393 1.00 21.99 ? 161 PRO B CD  1 
ATOM   1064 N  N   . ILE B 2 16  ? 2.045   -3.394  -14.981 1.00 35.31 ? 162 ILE B N   1 
ATOM   1065 C  CA  . ILE B 2 16  ? 1.075   -2.315  -15.018 1.00 35.31 ? 162 ILE B CA  1 
ATOM   1066 C  C   . ILE B 2 16  ? 0.197   -2.502  -16.266 1.00 35.31 ? 162 ILE B C   1 
ATOM   1067 O  O   . ILE B 2 16  ? 0.711   -2.656  -17.376 1.00 35.31 ? 162 ILE B O   1 
ATOM   1068 C  CB  . ILE B 2 16  ? 1.796   -0.933  -15.125 1.00 35.31 ? 162 ILE B CB  1 
ATOM   1069 C  CG1 . ILE B 2 16  ? 2.747   -0.727  -13.937 1.00 28.48 ? 162 ILE B CG1 1 
ATOM   1070 C  CG2 . ILE B 2 16  ? 0.763   0.192   -15.209 1.00 28.48 ? 162 ILE B CG2 1 
ATOM   1071 C  CD1 . ILE B 2 16  ? 2.047   -0.461  -12.604 1.00 28.48 ? 162 ILE B CD1 1 
ATOM   1072 N  N   . VAL B 2 17  ? -1.118  -2.486  -16.099 1.00 25.23 ? 163 VAL B N   1 
ATOM   1073 C  CA  . VAL B 2 17  ? -2.006  -2.630  -17.243 1.00 25.23 ? 163 VAL B CA  1 
ATOM   1074 C  C   . VAL B 2 17  ? -2.453  -1.244  -17.700 1.00 25.23 ? 163 VAL B C   1 
ATOM   1075 O  O   . VAL B 2 17  ? -3.054  -0.492  -16.938 1.00 25.23 ? 163 VAL B O   1 
ATOM   1076 C  CB  . VAL B 2 17  ? -3.257  -3.495  -16.904 1.00 25.23 ? 163 VAL B CB  1 
ATOM   1077 C  CG1 . VAL B 2 17  ? -2.862  -4.951  -16.758 1.00 35.56 ? 163 VAL B CG1 1 
ATOM   1078 C  CG2 . VAL B 2 17  ? -3.904  -3.016  -15.639 1.00 35.56 ? 163 VAL B CG2 1 
ATOM   1079 N  N   . SER B 2 18  ? -2.145  -0.909  -18.949 1.00 32.91 ? 164 SER B N   1 
ATOM   1080 C  CA  . SER B 2 18  ? -2.505  0.385   -19.524 1.00 32.91 ? 164 SER B CA  1 
ATOM   1081 C  C   . SER B 2 18  ? -3.899  0.824   -19.088 1.00 32.91 ? 164 SER B C   1 
ATOM   1082 O  O   . SER B 2 18  ? -4.714  0.001   -18.665 1.00 32.91 ? 164 SER B O   1 
ATOM   1083 C  CB  . SER B 2 18  ? -2.450  0.313   -21.053 1.00 32.91 ? 164 SER B CB  1 
ATOM   1084 O  OG  . SER B 2 18  ? -3.734  0.035   -21.591 1.00 51.55 ? 164 SER B OG  1 
ATOM   1085 N  N   . GLU B 2 19  ? -4.161  2.122   -19.197 1.00 44.19 ? 165 GLU B N   1 
ATOM   1086 C  CA  . GLU B 2 19  ? -5.447  2.698   -18.808 1.00 44.19 ? 165 GLU B CA  1 
ATOM   1087 C  C   . GLU B 2 19  ? -6.602  2.136   -19.630 1.00 44.19 ? 165 GLU B C   1 
ATOM   1088 O  O   . GLU B 2 19  ? -7.653  1.796   -19.091 1.00 44.19 ? 165 GLU B O   1 
ATOM   1089 C  CB  . GLU B 2 19  ? -5.413  4.226   -18.959 1.00 44.19 ? 165 GLU B CB  1 
ATOM   1090 C  CG  . GLU B 2 19  ? -6.291  4.957   -17.955 1.00 57.04 ? 165 GLU B CG  1 
ATOM   1091 C  CD  . GLU B 2 19  ? -6.889  6.228   -18.522 1.00 57.04 ? 165 GLU B CD  1 
ATOM   1092 O  OE1 . GLU B 2 19  ? -7.185  6.260   -19.739 1.00 57.04 ? 165 GLU B OE1 1 
ATOM   1093 O  OE2 . GLU B 2 19  ? -7.065  7.195   -17.746 1.00 57.04 ? 165 GLU B OE2 1 
ATOM   1094 N  N   . ALA B 2 20  ? -6.406  2.054   -20.939 1.00 40.57 ? 166 ALA B N   1 
ATOM   1095 C  CA  . ALA B 2 20  ? -7.426  1.513   -21.821 1.00 40.57 ? 166 ALA B CA  1 
ATOM   1096 C  C   . ALA B 2 20  ? -7.756  0.072   -21.424 1.00 40.57 ? 166 ALA B C   1 
ATOM   1097 O  O   . ALA B 2 20  ? -8.923  -0.328  -21.440 1.00 40.57 ? 166 ALA B O   1 
ATOM   1098 C  CB  . ALA B 2 20  ? -6.941  1.562   -23.257 1.00 40.57 ? 166 ALA B CB  1 
ATOM   1099 N  N   . ASP B 2 21  ? -6.731  -0.696  -21.051 1.00 35.80 ? 167 ASP B N   1 
ATOM   1100 C  CA  . ASP B 2 21  ? -6.910  -2.096  -20.675 1.00 35.80 ? 167 ASP B CA  1 
ATOM   1101 C  C   . ASP B 2 21  ? -7.716  -2.300  -19.407 1.00 35.80 ? 167 ASP B C   1 
ATOM   1102 O  O   . ASP B 2 21  ? -8.496  -3.253  -19.289 1.00 35.80 ? 167 ASP B O   1 
ATOM   1103 C  CB  . ASP B 2 21  ? -5.556  -2.780  -20.488 1.00 35.80 ? 167 ASP B CB  1 
ATOM   1104 C  CG  . ASP B 2 21  ? -4.832  -3.011  -21.794 1.00 67.31 ? 167 ASP B CG  1 
ATOM   1105 O  OD1 . ASP B 2 21  ? -5.362  -2.601  -22.848 1.00 67.31 ? 167 ASP B OD1 1 
ATOM   1106 O  OD2 . ASP B 2 21  ? -3.732  -3.604  -21.761 1.00 67.31 ? 167 ASP B OD2 1 
ATOM   1107 N  N   . CYS B 2 22  ? -7.504  -1.417  -18.445 1.00 23.20 ? 168 CYS B N   1 
ATOM   1108 C  CA  . CYS B 2 22  ? -8.192  -1.512  -17.160 1.00 23.20 ? 168 CYS B CA  1 
ATOM   1109 C  C   . CYS B 2 22  ? -9.607  -0.985  -17.295 1.00 23.20 ? 168 CYS B C   1 
ATOM   1110 O  O   . CYS B 2 22  ? -10.487 -1.330  -16.504 1.00 23.20 ? 168 CYS B O   1 
ATOM   1111 C  CB  . CYS B 2 22  ? -7.422  -0.696  -16.114 1.00 23.20 ? 168 CYS B CB  1 
ATOM   1112 S  SG  . CYS B 2 22  ? -7.975  -0.917  -14.395 1.00 39.27 ? 168 CYS B SG  1 
ATOM   1113 N  N   . LYS B 2 23  ? -9.824  -0.147  -18.305 1.00 43.71 ? 169 LYS B N   1 
ATOM   1114 C  CA  . LYS B 2 23  ? -11.141 0.433   -18.551 1.00 43.71 ? 169 LYS B CA  1 
ATOM   1115 C  C   . LYS B 2 23  ? -12.134 -0.616  -19.068 1.00 43.71 ? 169 LYS B C   1 
ATOM   1116 O  O   . LYS B 2 23  ? -13.296 -0.627  -18.661 1.00 43.71 ? 169 LYS B O   1 
ATOM   1117 C  CB  . LYS B 2 23  ? -11.030 1.595   -19.551 1.00 43.71 ? 169 LYS B CB  1 
ATOM   1118 C  CG  . LYS B 2 23  ? -11.594 2.916   -19.025 1.00 39.31 ? 169 LYS B CG  1 
ATOM   1119 C  CD  . LYS B 2 23  ? -10.837 4.112   -19.587 1.00 39.31 ? 169 LYS B CD  1 
ATOM   1120 C  CE  . LYS B 2 23  ? -10.691 5.220   -18.549 1.00 39.31 ? 169 LYS B CE  1 
ATOM   1121 N  NZ  . LYS B 2 23  ? -10.477 6.555   -19.168 1.00 39.31 ? 169 LYS B NZ  1 
ATOM   1122 N  N   . LYS B 2 24  ? -11.677 -1.496  -19.956 1.00 45.42 ? 170 LYS B N   1 
ATOM   1123 C  CA  . LYS B 2 24  ? -12.541 -2.542  -20.492 1.00 45.42 ? 170 LYS B CA  1 
ATOM   1124 C  C   . LYS B 2 24  ? -12.829 -3.645  -19.476 1.00 45.42 ? 170 LYS B C   1 
ATOM   1125 O  O   . LYS B 2 24  ? -13.380 -4.679  -19.830 1.00 45.42 ? 170 LYS B O   1 
ATOM   1126 C  CB  . LYS B 2 24  ? -11.926 -3.167  -21.747 1.00 45.42 ? 170 LYS B CB  1 
ATOM   1127 C  CG  . LYS B 2 24  ? -10.447 -3.474  -21.644 1.00 68.63 ? 170 LYS B CG  1 
ATOM   1128 C  CD  . LYS B 2 24  ? -9.915  -4.056  -22.944 1.00 68.63 ? 170 LYS B CD  1 
ATOM   1129 C  CE  . LYS B 2 24  ? -9.169  -3.010  -23.750 1.00 68.63 ? 170 LYS B CE  1 
ATOM   1130 N  NZ  . LYS B 2 24  ? -9.622  -2.990  -25.168 1.00 68.63 ? 170 LYS B NZ  1 
ATOM   1131 N  N   . SER B 2 25  ? -12.457 -3.432  -18.219 1.00 41.26 ? 171 SER B N   1 
ATOM   1132 C  CA  . SER B 2 25  ? -12.702 -4.428  -17.180 1.00 41.26 ? 171 SER B CA  1 
ATOM   1133 C  C   . SER B 2 25  ? -13.514 -3.841  -16.050 1.00 41.26 ? 171 SER B C   1 
ATOM   1134 O  O   . SER B 2 25  ? -14.293 -4.551  -15.418 1.00 41.26 ? 171 SER B O   1 
ATOM   1135 C  CB  . SER B 2 25  ? -11.385 -4.962  -16.588 1.00 41.26 ? 171 SER B CB  1 
ATOM   1136 O  OG  . SER B 2 25  ? -10.249 -4.511  -17.317 1.00 39.53 ? 171 SER B OG  1 
ATOM   1137 N  N   . TRP B 2 26  ? -13.315 -2.546  -15.786 1.00 44.71 ? 172 TRP B N   1 
ATOM   1138 C  CA  . TRP B 2 26  ? -14.013 -1.863  -14.699 1.00 44.71 ? 172 TRP B CA  1 
ATOM   1139 C  C   . TRP B 2 26  ? -14.989 -0.778  -15.147 1.00 44.71 ? 172 TRP B C   1 
ATOM   1140 O  O   . TRP B 2 26  ? -16.002 -0.536  -14.485 1.00 44.71 ? 172 TRP B O   1 
ATOM   1141 C  CB  . TRP B 2 26  ? -12.992 -1.253  -13.737 1.00 44.71 ? 172 TRP B CB  1 
ATOM   1142 C  CG  . TRP B 2 26  ? -12.223 -2.280  -12.995 1.00 18.59 ? 172 TRP B CG  1 
ATOM   1143 C  CD1 . TRP B 2 26  ? -10.893 -2.590  -13.144 1.00 18.59 ? 172 TRP B CD1 1 
ATOM   1144 C  CD2 . TRP B 2 26  ? -12.743 -3.195  -12.016 1.00 18.59 ? 172 TRP B CD2 1 
ATOM   1145 N  NE1 . TRP B 2 26  ? -10.566 -3.639  -12.325 1.00 18.59 ? 172 TRP B NE1 1 
ATOM   1146 C  CE2 . TRP B 2 26  ? -11.675 -4.033  -11.621 1.00 18.59 ? 172 TRP B CE2 1 
ATOM   1147 C  CE3 . TRP B 2 26  ? -14.009 -3.386  -11.440 1.00 18.59 ? 172 TRP B CE3 1 
ATOM   1148 C  CZ2 . TRP B 2 26  ? -11.826 -5.050  -10.675 1.00 18.59 ? 172 TRP B CZ2 1 
ATOM   1149 C  CZ3 . TRP B 2 26  ? -14.166 -4.400  -10.491 1.00 18.59 ? 172 TRP B CZ3 1 
ATOM   1150 C  CH2 . TRP B 2 26  ? -13.069 -5.221  -10.118 1.00 18.59 ? 172 TRP B CH2 1 
ATOM   1151 N  N   . GLY B 2 27  ? -14.678 -0.119  -16.255 1.00 30.61 ? 173 GLY B N   1 
ATOM   1152 C  CA  . GLY B 2 27  ? -15.556 0.921   -16.747 1.00 30.61 ? 173 GLY B CA  1 
ATOM   1153 C  C   . GLY B 2 27  ? -15.059 2.351   -16.606 1.00 30.61 ? 173 GLY B C   1 
ATOM   1154 O  O   . GLY B 2 27  ? -13.866 2.641   -16.763 1.00 30.61 ? 173 GLY B O   1 
ATOM   1155 N  N   . SER B 2 28  ? -15.988 3.258   -16.315 1.00 45.12 ? 174 SER B N   1 
ATOM   1156 C  CA  . SER B 2 28  ? -15.652 4.667   -16.169 1.00 45.12 ? 174 SER B CA  1 
ATOM   1157 C  C   . SER B 2 28  ? -15.191 5.027   -14.761 1.00 45.12 ? 174 SER B C   1 
ATOM   1158 O  O   . SER B 2 28  ? -14.610 6.090   -14.551 1.00 45.12 ? 174 SER B O   1 
ATOM   1159 C  CB  . SER B 2 28  ? -16.836 5.539   -16.578 1.00 45.12 ? 174 SER B CB  1 
ATOM   1160 O  OG  . SER B 2 28  ? -16.728 5.889   -17.948 1.00 56.63 ? 174 SER B OG  1 
ATOM   1161 N  N   . LYS B 2 29  ? -15.445 4.143   -13.801 1.00 37.54 ? 175 LYS B N   1 
ATOM   1162 C  CA  . LYS B 2 29  ? -15.002 4.386   -12.429 1.00 37.54 ? 175 LYS B CA  1 
ATOM   1163 C  C   . LYS B 2 29  ? -13.484 4.661   -12.410 1.00 37.54 ? 175 LYS B C   1 
ATOM   1164 O  O   . LYS B 2 29  ? -12.988 5.389   -11.552 1.00 37.54 ? 175 LYS B O   1 
ATOM   1165 C  CB  . LYS B 2 29  ? -15.326 3.179   -11.548 1.00 37.54 ? 175 LYS B CB  1 
ATOM   1166 C  CG  . LYS B 2 29  ? -16.711 2.602   -11.776 1.00 59.02 ? 175 LYS B CG  1 
ATOM   1167 C  CD  . LYS B 2 29  ? -16.766 1.135   -11.368 1.00 59.02 ? 175 LYS B CD  1 
ATOM   1168 C  CE  . LYS B 2 29  ? -17.845 0.881   -10.321 1.00 59.02 ? 175 LYS B CE  1 
ATOM   1169 N  NZ  . LYS B 2 29  ? -17.959 -0.572  -9.996  1.00 59.02 ? 175 LYS B NZ  1 
ATOM   1170 N  N   . ILE B 2 30  ? -12.761 4.081   -13.364 1.00 27.18 ? 176 ILE B N   1 
ATOM   1171 C  CA  . ILE B 2 30  ? -11.314 4.258   -13.472 1.00 27.18 ? 176 ILE B CA  1 
ATOM   1172 C  C   . ILE B 2 30  ? -11.008 5.678   -13.930 1.00 27.18 ? 176 ILE B C   1 
ATOM   1173 O  O   . ILE B 2 30  ? -11.520 6.123   -14.950 1.00 27.18 ? 176 ILE B O   1 
ATOM   1174 C  CB  . ILE B 2 30  ? -10.675 3.272   -14.531 1.00 27.18 ? 176 ILE B CB  1 
ATOM   1175 C  CG1 . ILE B 2 30  ? -10.903 1.809   -14.136 1.00 34.91 ? 176 ILE B CG1 1 
ATOM   1176 C  CG2 . ILE B 2 30  ? -9.193  3.524   -14.656 1.00 34.91 ? 176 ILE B CG2 1 
ATOM   1177 C  CD1 . ILE B 2 30  ? -10.390 1.446   -12.763 1.00 34.91 ? 176 ILE B CD1 1 
ATOM   1178 N  N   . THR B 2 31  ? -10.154 6.374   -13.182 1.00 43.56 ? 177 THR B N   1 
ATOM   1179 C  CA  . THR B 2 31  ? -9.748  7.746   -13.502 1.00 43.56 ? 177 THR B CA  1 
ATOM   1180 C  C   . THR B 2 31  ? -8.235  7.819   -13.642 1.00 43.56 ? 177 THR B C   1 
ATOM   1181 O  O   . THR B 2 31  ? -7.557  6.791   -13.694 1.00 43.56 ? 177 THR B O   1 
ATOM   1182 C  CB  . THR B 2 31  ? -10.171 8.731   -12.391 1.00 43.56 ? 177 THR B CB  1 
ATOM   1183 O  OG1 . THR B 2 31  ? -10.300 8.022   -11.152 1.00 42.39 ? 177 THR B OG1 1 
ATOM   1184 C  CG2 . THR B 2 31  ? -11.499 9.387   -12.735 1.00 42.39 ? 177 THR B CG2 1 
ATOM   1185 N  N   . ASP B 2 32  ? -7.696  9.032   -13.697 1.00 29.32 ? 178 ASP B N   1 
ATOM   1186 C  CA  . ASP B 2 32  ? -6.248  9.178   -13.819 1.00 29.32 ? 178 ASP B CA  1 
ATOM   1187 C  C   . ASP B 2 32  ? -5.562  9.141   -12.457 1.00 29.32 ? 178 ASP B C   1 
ATOM   1188 O  O   . ASP B 2 32  ? -4.327  9.152   -12.368 1.00 29.32 ? 178 ASP B O   1 
ATOM   1189 C  CB  . ASP B 2 32  ? -5.877  10.464  -14.579 1.00 29.32 ? 178 ASP B CB  1 
ATOM   1190 C  CG  . ASP B 2 32  ? -6.320  11.727  -13.865 1.00 50.83 ? 178 ASP B CG  1 
ATOM   1191 O  OD1 . ASP B 2 32  ? -6.982  11.633  -12.805 1.00 50.83 ? 178 ASP B OD1 1 
ATOM   1192 O  OD2 . ASP B 2 32  ? -5.996  12.822  -14.384 1.00 50.83 ? 178 ASP B OD2 1 
ATOM   1193 N  N   . VAL B 2 33  ? -6.365  9.091   -11.401 1.00 24.16 ? 179 VAL B N   1 
ATOM   1194 C  CA  . VAL B 2 33  ? -5.822  9.012   -10.047 1.00 24.16 ? 179 VAL B CA  1 
ATOM   1195 C  C   . VAL B 2 33  ? -5.782  7.550   -9.613  1.00 24.16 ? 179 VAL B C   1 
ATOM   1196 O  O   . VAL B 2 33  ? -5.819  7.249   -8.423  1.00 24.16 ? 179 VAL B O   1 
ATOM   1197 C  CB  . VAL B 2 33  ? -6.676  9.847   -9.027  1.00 24.16 ? 179 VAL B CB  1 
ATOM   1198 C  CG1 . VAL B 2 33  ? -6.779  11.279  -9.501  1.00 21.81 ? 179 VAL B CG1 1 
ATOM   1199 C  CG2 . VAL B 2 33  ? -8.058  9.264   -8.865  1.00 21.81 ? 179 VAL B CG2 1 
ATOM   1200 N  N   . MET B 2 34  ? -5.692  6.651   -10.598 1.00 27.76 ? 180 MET B N   1 
ATOM   1201 C  CA  . MET B 2 34  ? -5.660  5.203   -10.356 1.00 27.76 ? 180 MET B CA  1 
ATOM   1202 C  C   . MET B 2 34  ? -4.637  4.448   -11.225 1.00 27.76 ? 180 MET B C   1 
ATOM   1203 O  O   . MET B 2 34  ? -4.307  4.871   -12.334 1.00 27.76 ? 180 MET B O   1 
ATOM   1204 C  CB  . MET B 2 34  ? -7.056  4.617   -10.603 1.00 27.76 ? 180 MET B CB  1 
ATOM   1205 C  CG  . MET B 2 34  ? -8.065  4.831   -9.477  1.00 45.07 ? 180 MET B CG  1 
ATOM   1206 S  SD  . MET B 2 34  ? -9.762  4.928   -10.103 1.00 45.07 ? 180 MET B SD  1 
ATOM   1207 C  CE  . MET B 2 34  ? -10.740 4.794   -8.606  1.00 45.07 ? 180 MET B CE  1 
ATOM   1208 N  N   . THR B 2 35  ? -4.127  3.338   -10.711 1.00 34.16 ? 181 THR B N   1 
ATOM   1209 C  CA  . THR B 2 35  ? -3.161  2.507   -11.432 1.00 34.16 ? 181 THR B CA  1 
ATOM   1210 C  C   . THR B 2 35  ? -3.690  1.092   -11.268 1.00 34.16 ? 181 THR B C   1 
ATOM   1211 O  O   . THR B 2 35  ? -4.162  0.729   -10.191 1.00 34.16 ? 181 THR B O   1 
ATOM   1212 C  CB  . THR B 2 35  ? -1.721  2.549   -10.799 1.00 34.16 ? 181 THR B CB  1 
ATOM   1213 O  OG1 . THR B 2 35  ? -1.670  3.550   -9.773  1.00 31.99 ? 181 THR B OG1 1 
ATOM   1214 C  CG2 . THR B 2 35  ? -0.652  2.832   -11.862 1.00 31.99 ? 181 THR B CG2 1 
ATOM   1215 N  N   . CYS B 2 36  ? -3.626  0.297   -12.324 1.00 26.60 ? 182 CYS B N   1 
ATOM   1216 C  CA  . CYS B 2 36  ? -4.108  -1.074  -12.242 1.00 26.60 ? 182 CYS B CA  1 
ATOM   1217 C  C   . CYS B 2 36  ? -2.979  -2.031  -12.563 1.00 26.60 ? 182 CYS B C   1 
ATOM   1218 O  O   . CYS B 2 36  ? -2.061  -1.706  -13.324 1.00 26.60 ? 182 CYS B O   1 
ATOM   1219 C  CB  . CYS B 2 36  ? -5.255  -1.313  -13.220 1.00 26.60 ? 182 CYS B CB  1 
ATOM   1220 S  SG  . CYS B 2 36  ? -6.510  -0.006  -13.339 1.00 43.56 ? 182 CYS B SG  1 
ATOM   1221 N  N   . ALA B 2 37  ? -3.059  -3.222  -11.987 1.00 20.96 ? 183 ALA B N   1 
ATOM   1222 C  CA  . ALA B 2 37  ? -2.036  -4.226  -12.192 1.00 20.96 ? 183 ALA B CA  1 
ATOM   1223 C  C   . ALA B 2 37  ? -2.631  -5.630  -12.105 1.00 20.96 ? 183 ALA B C   1 
ATOM   1224 O  O   . ALA B 2 37  ? -3.592  -5.869  -11.367 1.00 20.96 ? 183 ALA B O   1 
ATOM   1225 C  CB  . ALA B 2 37  ? -0.934  -4.049  -11.149 1.00 20.96 ? 183 ALA B CB  1 
ATOM   1226 N  N   . GLY B 2 38  ? -2.057  -6.549  -12.872 1.00 31.27 ? 184 GLY B N   1 
ATOM   1227 C  CA  . GLY B 2 38  ? -2.537  -7.916  -12.870 1.00 31.27 ? 184 GLY B CA  1 
ATOM   1228 C  C   . GLY B 2 38  ? -1.740  -8.778  -13.817 1.00 31.27 ? 184 GLY B C   1 
ATOM   1229 O  O   . GLY B 2 38  ? -1.138  -8.281  -14.762 1.00 31.27 ? 184 GLY B O   1 
ATOM   1230 N  N   . ALA B 2 39  ? -1.728  -10.081 -13.567 1.00 25.74 ? 185 ALA B N   1 
ATOM   1231 C  CA  . ALA B 2 39  ? -0.984  -11.001 -14.420 1.00 25.74 ? 185 ALA B CA  1 
ATOM   1232 C  C   . ALA B 2 39  ? -1.871  -12.144 -14.872 1.00 25.74 ? 185 ALA B C   1 
ATOM   1233 O  O   . ALA B 2 39  ? -2.558  -12.758 -14.063 1.00 25.74 ? 185 ALA B O   1 
ATOM   1234 C  CB  . ALA B 2 39  ? 0.238   -11.546 -13.669 1.00 25.74 ? 185 ALA B CB  1 
ATOM   1235 N  N   . SER B 2 40  ? -1.843  -12.419 -16.171 1.00 27.34 ? 186 SER B N   1 
ATOM   1236 C  CA  . SER B 2 40  ? -2.633  -13.507 -16.770 1.00 27.34 ? 186 SER B CA  1 
ATOM   1237 C  C   . SER B 2 40  ? -2.508  -14.775 -15.958 1.00 27.34 ? 186 SER B C   1 
ATOM   1238 O  O   . SER B 2 40  ? -1.402  -15.184 -15.621 1.00 27.34 ? 186 SER B O   1 
ATOM   1239 C  CB  . SER B 2 40  ? -2.151  -13.802 -18.195 1.00 27.34 ? 186 SER B CB  1 
ATOM   1240 O  OG  . SER B 2 40  ? -1.908  -12.598 -18.913 1.00 43.87 ? 186 SER B OG  1 
ATOM   1241 N  N   . GLY B 2 41  ? -3.638  -15.394 -15.643 1.00 36.28 ? 187 GLY B N   1 
ATOM   1242 C  CA  . GLY B 2 41  ? -3.605  -16.631 -14.888 1.00 36.28 ? 187 GLY B CA  1 
ATOM   1243 C  C   . GLY B 2 41  ? -3.827  -16.447 -13.408 1.00 36.28 ? 187 GLY B C   1 
ATOM   1244 O  O   . GLY B 2 41  ? -4.280  -17.368 -12.720 1.00 36.28 ? 187 GLY B O   1 
ATOM   1245 N  N   . VAL B 2 42  ? -3.512  -15.257 -12.910 1.00 36.21 ? 188 VAL B N   1 
ATOM   1246 C  CA  . VAL B 2 42  ? -3.676  -14.966 -11.494 1.00 36.21 ? 188 VAL B CA  1 
ATOM   1247 C  C   . VAL B 2 42  ? -5.147  -14.855 -11.109 1.00 36.21 ? 188 VAL B C   1 
ATOM   1248 O  O   . VAL B 2 42  ? -5.976  -14.385 -11.888 1.00 36.21 ? 188 VAL B O   1 
ATOM   1249 C  CB  . VAL B 2 42  ? -2.943  -13.644 -11.109 1.00 36.21 ? 188 VAL B CB  1 
ATOM   1250 C  CG1 . VAL B 2 42  ? -3.070  -13.378 -9.615  1.00 14.36 ? 188 VAL B CG1 1 
ATOM   1251 C  CG2 . VAL B 2 42  ? -1.489  -13.739 -11.493 1.00 14.36 ? 188 VAL B CG2 1 
ATOM   1252 N  N   . ASP B 2 43  ? -5.468  -15.313 -9.909  1.00 34.16 ? 189 ASP B N   1 
ATOM   1253 C  CA  . ASP B 2 43  ? -6.830  -15.226 -9.409  1.00 34.16 ? 189 ASP B CA  1 
ATOM   1254 C  C   . ASP B 2 43  ? -6.762  -15.014 -7.906  1.00 34.16 ? 189 ASP B C   1 
ATOM   1255 O  O   . ASP B 2 43  ? -7.489  -15.633 -7.143  1.00 34.16 ? 189 ASP B O   1 
ATOM   1256 C  CB  . ASP B 2 43  ? -7.633  -16.488 -9.742  1.00 34.16 ? 189 ASP B CB  1 
ATOM   1257 C  CG  . ASP B 2 43  ? -6.855  -17.761 -9.497  1.00 45.77 ? 189 ASP B CG  1 
ATOM   1258 O  OD1 . ASP B 2 43  ? -6.029  -18.124 -10.357 1.00 45.77 ? 189 ASP B OD1 1 
ATOM   1259 O  OD2 . ASP B 2 43  ? -7.075  -18.403 -8.447  1.00 45.77 ? 189 ASP B OD2 1 
ATOM   1260 N  N   . SER B 2 44  ? -5.860  -14.124 -7.503  1.00 48.56 ? 190 SER B N   1 
ATOM   1261 C  CA  . SER B 2 44  ? -5.659  -13.768 -6.101  1.00 48.56 ? 190 SER B CA  1 
ATOM   1262 C  C   . SER B 2 44  ? -4.622  -12.655 -5.955  1.00 48.56 ? 190 SER B C   1 
ATOM   1263 O  O   . SER B 2 44  ? -3.620  -12.618 -6.679  1.00 48.56 ? 190 SER B O   1 
ATOM   1264 C  CB  . SER B 2 44  ? -5.214  -14.986 -5.292  1.00 48.56 ? 190 SER B CB  1 
ATOM   1265 O  OG  . SER B 2 44  ? -5.948  -15.068 -4.079  1.00 46.99 ? 190 SER B OG  1 
ATOM   1266 N  N   . CYS B 2 45  ? -4.890  -11.738 -5.030  1.00 29.10 ? 191 CYS B N   1 
ATOM   1267 C  CA  . CYS B 2 45  ? -3.988  -10.627 -4.748  1.00 29.10 ? 191 CYS B CA  1 
ATOM   1268 C  C   . CYS B 2 45  ? -3.454  -10.833 -3.350  1.00 29.10 ? 191 CYS B C   1 
ATOM   1269 O  O   . CYS B 2 45  ? -4.189  -11.270 -2.472  1.00 29.10 ? 191 CYS B O   1 
ATOM   1270 C  CB  . CYS B 2 45  ? -4.719  -9.296  -4.784  1.00 29.10 ? 191 CYS B CB  1 
ATOM   1271 S  SG  . CYS B 2 45  ? -5.462  -8.893  -6.376  1.00 21.45 ? 191 CYS B SG  1 
ATOM   1272 N  N   . MET B 2 46  ? -2.185  -10.498 -3.140  1.00 34.25 ? 192 MET B N   1 
ATOM   1273 C  CA  . MET B 2 46  ? -1.601  -10.679 -1.822  1.00 34.25 ? 192 MET B CA  1 
ATOM   1274 C  C   . MET B 2 46  ? -1.603  -9.448  -0.927  1.00 34.25 ? 192 MET B C   1 
ATOM   1275 O  O   . MET B 2 46  ? -1.740  -9.563  0.294   1.00 34.25 ? 192 MET B O   1 
ATOM   1276 C  CB  . MET B 2 46  ? -0.187  -11.213 -1.958  1.00 34.25 ? 192 MET B CB  1 
ATOM   1277 C  CG  . MET B 2 46  ? -0.059  -12.591 -1.366  1.00 41.60 ? 192 MET B CG  1 
ATOM   1278 S  SD  . MET B 2 46  ? -0.153  -13.862 -2.583  1.00 41.60 ? 192 MET B SD  1 
ATOM   1279 C  CE  . MET B 2 46  ? -1.920  -14.184 -2.659  1.00 41.60 ? 192 MET B CE  1 
ATOM   1280 N  N   . GLY B 2 47  ? -1.466  -8.275  -1.533  1.00 28.67 ? 193 GLY B N   1 
ATOM   1281 C  CA  . GLY B 2 47  ? -1.450  -7.049  -0.764  1.00 28.67 ? 193 GLY B CA  1 
ATOM   1282 C  C   . GLY B 2 47  ? -2.696  -6.809  0.067   1.00 28.67 ? 193 GLY B C   1 
ATOM   1283 O  O   . GLY B 2 47  ? -3.775  -7.339  -0.230  1.00 28.67 ? 193 GLY B O   1 
ATOM   1284 N  N   . ASP B 2 48  ? -2.539  -6.018  1.127   1.00 22.11 ? 194 ASP B N   1 
ATOM   1285 C  CA  . ASP B 2 48  ? -3.645  -5.666  1.998   1.00 22.11 ? 194 ASP B CA  1 
ATOM   1286 C  C   . ASP B 2 48  ? -4.188  -4.338  1.516   1.00 22.11 ? 194 ASP B C   1 
ATOM   1287 O  O   . ASP B 2 48  ? -3.618  -3.707  0.613   1.00 22.11 ? 194 ASP B O   1 
ATOM   1288 C  CB  . ASP B 2 48  ? -3.182  -5.423  3.431   1.00 22.11 ? 194 ASP B CB  1 
ATOM   1289 C  CG  . ASP B 2 48  ? -2.467  -6.629  4.043   1.00 24.05 ? 194 ASP B CG  1 
ATOM   1290 O  OD1 . ASP B 2 48  ? -3.153  -7.588  4.567   1.00 24.05 ? 194 ASP B OD1 1 
ATOM   1291 O  OD2 . ASP B 2 48  ? -1.178  -6.687  4.034   1.00 24.05 ? 194 ASP B OD2 1 
ATOM   1292 N  N   . SER B 2 49  ? -5.269  -3.923  2.111   1.00 25.97 ? 195 SER B N   1 
ATOM   1293 C  CA  . SER B 2 49  ? -5.820  -2.615  1.799   1.00 25.97 ? 195 SER B CA  1 
ATOM   1294 C  C   . SER B 2 49  ? -4.780  -1.588  2.234   1.00 25.97 ? 195 SER B C   1 
ATOM   1295 O  O   . SER B 2 49  ? -4.195  -1.692  3.319   1.00 25.97 ? 195 SER B O   1 
ATOM   1296 C  CB  . SER B 2 49  ? -7.126  -2.402  2.561   1.00 25.97 ? 195 SER B CB  1 
ATOM   1297 O  OG  . SER B 2 49  ? -8.228  -2.820  1.772   1.00 29.43 ? 195 SER B OG  1 
ATOM   1298 N  N   . GLY B 2 50  ? -4.546  -0.624  1.379   1.00 39.62 ? 196 GLY B N   1 
ATOM   1299 C  CA  . GLY B 2 50  ? -3.582  0.442   1.671   1.00 39.62 ? 196 GLY B CA  1 
ATOM   1300 C  C   . GLY B 2 50  ? -2.155  -0.067  1.554   1.00 39.62 ? 196 GLY B C   1 
ATOM   1301 O  O   . GLY B 2 50  ? -1.197  0.659   1.830   1.00 39.62 ? 196 GLY B O   1 
ATOM   1302 N  N   . GLY B 2 51  ? -2.010  -1.316  1.141   1.00 14.27 ? 197 GLY B N   1 
ATOM   1303 C  CA  . GLY B 2 51  ? -0.695  -1.901  0.994   1.00 14.27 ? 197 GLY B CA  1 
ATOM   1304 C  C   . GLY B 2 51  ? 0.069   -1.345  -0.205  1.00 14.27 ? 197 GLY B C   1 
ATOM   1305 O  O   . GLY B 2 51  ? -0.527  -1.002  -1.238  1.00 14.27 ? 197 GLY B O   1 
ATOM   1306 N  N   . PRO B 2 52  ? 1.402   -1.249  -0.087  1.00 41.14 ? 198 PRO B N   1 
ATOM   1307 C  CA  . PRO B 2 52  ? 2.250   -0.729  -1.149  1.00 41.14 ? 198 PRO B CA  1 
ATOM   1308 C  C   . PRO B 2 52  ? 2.195   -1.563  -2.419  1.00 41.14 ? 198 PRO B C   1 
ATOM   1309 O  O   . PRO B 2 52  ? 1.658   -2.714  -2.379  1.00 41.14 ? 198 PRO B O   1 
ATOM   1310 C  CB  . PRO B 2 52  ? 3.644   -0.776  -0.563  1.00 41.14 ? 198 PRO B CB  1 
ATOM   1311 C  CG  . PRO B 2 52  ? 3.540   -1.343  0.845   1.00 18.41 ? 198 PRO B CG  1 
ATOM   1312 C  CD  . PRO B 2 52  ? 2.106   -1.651  1.134   1.00 18.41 ? 198 PRO B CD  1 
ATOM   1313 N  N   . LEU B 2 53  ? 2.750   -0.926  -3.445  1.00 30.30 ? 199 LEU B N   1 
ATOM   1314 C  CA  . LEU B 2 53  ? 2.933   -1.445  -4.824  1.00 30.30 ? 199 LEU B CA  1 
ATOM   1315 C  C   . LEU B 2 53  ? 4.153   -0.711  -5.386  1.00 30.30 ? 199 LEU B C   1 
ATOM   1316 O  O   . LEU B 2 53  ? 4.046   0.419   -5.886  1.00 30.30 ? 199 LEU B O   1 
ATOM   1317 C  CB  . LEU B 2 53  ? 1.688   -1.152  -5.672  1.00 30.30 ? 199 LEU B CB  1 
ATOM   1318 C  CG  . LEU B 2 53  ? 1.930   -1.326  -7.177  1.00 24.09 ? 199 LEU B CG  1 
ATOM   1319 C  CD1 . LEU B 2 53  ? 1.988   -2.794  -7.609  1.00 24.09 ? 199 LEU B CD1 1 
ATOM   1320 C  CD2 . LEU B 2 53  ? 0.839   -0.687  -8.039  1.00 24.09 ? 199 LEU B CD2 1 
ATOM   1321 N  N   . VAL B 2 54  ? 5.293   -1.374  -5.285  1.00 29.88 ? 200 VAL B N   1 
ATOM   1322 C  CA  . VAL B 2 54  ? 6.581   -0.740  -5.592  1.00 29.88 ? 200 VAL B CA  1 
ATOM   1323 C  C   . VAL B 2 54  ? 7.259   -1.157  -6.896  1.00 29.88 ? 200 VAL B C   1 
ATOM   1324 O  O   . VAL B 2 54  ? 7.364   -2.340  -7.201  1.00 29.88 ? 200 VAL B O   1 
ATOM   1325 C  CB  . VAL B 2 54  ? 7.597   -1.057  -4.493  1.00 29.88 ? 200 VAL B CB  1 
ATOM   1326 C  CG1 . VAL B 2 54  ? 7.314   -0.314  -3.186  1.00 24.66 ? 200 VAL B CG1 1 
ATOM   1327 C  CG2 . VAL B 2 54  ? 7.634   -2.542  -4.125  1.00 24.66 ? 200 VAL B CG2 1 
ATOM   1328 N  N   . CYS B 2 55  ? 7.740   -0.165  -7.640  1.00 28.84 ? 201 CYS B N   1 
ATOM   1329 C  CA  . CYS B 2 55  ? 8.427   -0.387  -8.903  1.00 28.84 ? 201 CYS B CA  1 
ATOM   1330 C  C   . CYS B 2 55  ? 9.870   0.134   -8.826  1.00 28.84 ? 201 CYS B C   1 
ATOM   1331 O  O   . CYS B 2 55  ? 10.188  1.032   -8.039  1.00 28.84 ? 201 CYS B O   1 
ATOM   1332 C  CB  . CYS B 2 55  ? 7.696   0.324   -10.042 1.00 28.84 ? 201 CYS B CB  1 
ATOM   1333 S  SG  . CYS B 2 55  ? 5.882   0.120   -10.050 1.00 52.29 ? 201 CYS B SG  1 
ATOM   1334 N  N   . GLN B 2 56  ? 10.745  -0.433  -9.648  1.00 49.62 ? 202 GLN B N   1 
ATOM   1335 C  CA  . GLN B 2 56  ? 12.141  -0.027  -9.648  1.00 49.62 ? 202 GLN B CA  1 
ATOM   1336 C  C   . GLN B 2 56  ? 12.357  1.295   -10.368 1.00 49.62 ? 202 GLN B C   1 
ATOM   1337 O  O   . GLN B 2 56  ? 11.835  1.502   -11.466 1.00 49.62 ? 202 GLN B O   1 
ATOM   1338 C  CB  . GLN B 2 56  ? 12.998  -1.108  -10.304 1.00 49.62 ? 202 GLN B CB  1 
ATOM   1339 C  CG  . GLN B 2 56  ? 13.339  -2.271  -9.382  1.00 57.41 ? 202 GLN B CG  1 
ATOM   1340 C  CD  . GLN B 2 56  ? 14.754  -2.198  -8.850  1.00 57.41 ? 202 GLN B CD  1 
ATOM   1341 O  OE1 . GLN B 2 56  ? 15.005  -2.478  -7.679  1.00 57.41 ? 202 GLN B OE1 1 
ATOM   1342 N  NE2 . GLN B 2 56  ? 15.689  -1.823  -9.711  1.00 57.41 ? 202 GLN B NE2 1 
ATOM   1343 N  N   . LYS B 2 57  ? 13.129  2.187   -9.749  1.00 40.60 ? 203 LYS B N   1 
ATOM   1344 C  CA  . LYS B 2 57  ? 13.416  3.481   -10.358 1.00 40.60 ? 203 LYS B CA  1 
ATOM   1345 C  C   . LYS B 2 57  ? 14.906  3.764   -10.325 1.00 40.60 ? 203 LYS B C   1 
ATOM   1346 O  O   . LYS B 2 57  ? 15.436  4.297   -9.341  1.00 40.60 ? 203 LYS B O   1 
ATOM   1347 C  CB  . LYS B 2 57  ? 12.664  4.604   -9.637  1.00 40.60 ? 203 LYS B CB  1 
ATOM   1348 C  CG  . LYS B 2 57  ? 11.874  5.507   -10.576 1.00 55.27 ? 203 LYS B CG  1 
ATOM   1349 C  CD  . LYS B 2 57  ? 12.775  6.530   -11.248 1.00 55.27 ? 203 LYS B CD  1 
ATOM   1350 C  CE  . LYS B 2 57  ? 12.696  6.429   -12.764 1.00 55.27 ? 203 LYS B CE  1 
ATOM   1351 N  NZ  . LYS B 2 57  ? 11.320  6.100   -13.241 1.00 55.27 ? 203 LYS B NZ  1 
ATOM   1352 N  N   . ASP B 2 58  ? 15.578  3.401   -11.412 1.00 69.34 ? 204 ASP B N   1 
ATOM   1353 C  CA  . ASP B 2 58  ? 17.011  3.597   -11.527 1.00 69.34 ? 204 ASP B CA  1 
ATOM   1354 C  C   . ASP B 2 58  ? 17.734  2.867   -10.405 1.00 69.34 ? 204 ASP B C   1 
ATOM   1355 O  O   . ASP B 2 58  ? 18.864  3.203   -10.050 1.00 69.34 ? 204 ASP B O   1 
ATOM   1356 C  CB  . ASP B 2 58  ? 17.343  5.086   -11.497 1.00 69.34 ? 204 ASP B CB  1 
ATOM   1357 C  CG  . ASP B 2 58  ? 17.541  5.661   -12.886 1.00 52.46 ? 204 ASP B CG  1 
ATOM   1358 O  OD1 . ASP B 2 58  ? 18.183  4.983   -13.725 1.00 52.46 ? 204 ASP B OD1 1 
ATOM   1359 O  OD2 . ASP B 2 58  ? 17.050  6.787   -13.140 1.00 52.46 ? 204 ASP B OD2 1 
ATOM   1360 N  N   . GLY B 2 59  ? 17.073  1.862   -9.844  1.00 37.82 ? 205 GLY B N   1 
ATOM   1361 C  CA  . GLY B 2 59  ? 17.690  1.087   -8.788  1.00 37.82 ? 205 GLY B CA  1 
ATOM   1362 C  C   . GLY B 2 59  ? 17.018  1.197   -7.442  1.00 37.82 ? 205 GLY B C   1 
ATOM   1363 O  O   . GLY B 2 59  ? 17.503  0.638   -6.455  1.00 37.82 ? 205 GLY B O   1 
ATOM   1364 N  N   . VAL B 2 60  ? 15.903  1.910   -7.379  1.00 43.71 ? 206 VAL B N   1 
ATOM   1365 C  CA  . VAL B 2 60  ? 15.226  2.062   -6.102  1.00 43.71 ? 206 VAL B CA  1 
ATOM   1366 C  C   . VAL B 2 60  ? 13.763  1.654   -6.141  1.00 43.71 ? 206 VAL B C   1 
ATOM   1367 O  O   . VAL B 2 60  ? 13.034  1.974   -7.084  1.00 43.71 ? 206 VAL B O   1 
ATOM   1368 C  CB  . VAL B 2 60  ? 15.358  3.526   -5.573  1.00 43.71 ? 206 VAL B CB  1 
ATOM   1369 C  CG1 . VAL B 2 60  ? 14.703  4.492   -6.525  1.00 41.55 ? 206 VAL B CG1 1 
ATOM   1370 C  CG2 . VAL B 2 60  ? 14.743  3.636   -4.199  1.00 41.55 ? 206 VAL B CG2 1 
ATOM   1371 N  N   . TRP B 2 61  ? 13.350  0.930   -5.106  1.00 39.53 ? 207 TRP B N   1 
ATOM   1372 C  CA  . TRP B 2 61  ? 11.974  0.482   -4.982  1.00 39.53 ? 207 TRP B CA  1 
ATOM   1373 C  C   . TRP B 2 61  ? 11.148  1.708   -4.619  1.00 39.53 ? 207 TRP B C   1 
ATOM   1374 O  O   . TRP B 2 61  ? 11.252  2.220   -3.508  1.00 39.53 ? 207 TRP B O   1 
ATOM   1375 C  CB  . TRP B 2 61  ? 11.859  -0.581  -3.886  1.00 39.53 ? 207 TRP B CB  1 
ATOM   1376 C  CG  . TRP B 2 61  ? 12.322  -1.967  -4.310  1.00 45.09 ? 207 TRP B CG  1 
ATOM   1377 C  CD1 . TRP B 2 61  ? 13.307  -2.717  -3.725  1.00 45.09 ? 207 TRP B CD1 1 
ATOM   1378 C  CD2 . TRP B 2 61  ? 11.798  -2.768  -5.382  1.00 45.09 ? 207 TRP B CD2 1 
ATOM   1379 N  NE1 . TRP B 2 61  ? 13.428  -3.929  -4.363  1.00 45.09 ? 207 TRP B NE1 1 
ATOM   1380 C  CE2 . TRP B 2 61  ? 12.514  -3.990  -5.381  1.00 45.09 ? 207 TRP B CE2 1 
ATOM   1381 C  CE3 . TRP B 2 61  ? 10.793  -2.578  -6.340  1.00 45.09 ? 207 TRP B CE3 1 
ATOM   1382 C  CZ2 . TRP B 2 61  ? 12.257  -5.018  -6.308  1.00 45.09 ? 207 TRP B CZ2 1 
ATOM   1383 C  CZ3 . TRP B 2 61  ? 10.540  -3.606  -7.267  1.00 45.09 ? 207 TRP B CZ3 1 
ATOM   1384 C  CH2 . TRP B 2 61  ? 11.271  -4.807  -7.234  1.00 45.09 ? 207 TRP B CH2 1 
ATOM   1385 N  N   . THR B 2 62  ? 10.341  2.182   -5.566  1.00 34.15 ? 208 THR B N   1 
ATOM   1386 C  CA  . THR B 2 62  ? 9.508   3.361   -5.358  1.00 34.15 ? 208 THR B CA  1 
ATOM   1387 C  C   . THR B 2 62  ? 7.999   3.069   -5.350  1.00 34.15 ? 208 THR B C   1 
ATOM   1388 O  O   . THR B 2 62  ? 7.484   2.328   -6.188  1.00 34.15 ? 208 THR B O   1 
ATOM   1389 C  CB  . THR B 2 62  ? 9.796   4.414   -6.439  1.00 34.15 ? 208 THR B CB  1 
ATOM   1390 O  OG1 . THR B 2 62  ? 11.214  4.535   -6.621  1.00 42.54 ? 208 THR B OG1 1 
ATOM   1391 C  CG2 . THR B 2 62  ? 9.205   5.762   -6.045  1.00 42.54 ? 208 THR B CG2 1 
ATOM   1392 N  N   . LEU B 2 63  ? 7.298   3.683   -4.404  1.00 34.15 ? 209 LEU B N   1 
ATOM   1393 C  CA  . LEU B 2 63  ? 5.852   3.515   -4.242  1.00 34.15 ? 209 LEU B CA  1 
ATOM   1394 C  C   . LEU B 2 63  ? 5.058   4.057   -5.419  1.00 34.15 ? 209 LEU B C   1 
ATOM   1395 O  O   . LEU B 2 63  ? 4.792   5.258   -5.504  1.00 34.15 ? 209 LEU B O   1 
ATOM   1396 C  CB  . LEU B 2 63  ? 5.392   4.209   -2.959  1.00 34.15 ? 209 LEU B CB  1 
ATOM   1397 C  CG  . LEU B 2 63  ? 4.093   3.714   -2.326  1.00 19.53 ? 209 LEU B CG  1 
ATOM   1398 C  CD1 . LEU B 2 63  ? 4.234   2.271   -1.903  1.00 19.53 ? 209 LEU B CD1 1 
ATOM   1399 C  CD2 . LEU B 2 63  ? 3.745   4.597   -1.134  1.00 19.53 ? 209 LEU B CD2 1 
ATOM   1400 N  N   . ALA B 2 64  ? 4.666   3.156   -6.315  1.00 29.62 ? 210 ALA B N   1 
ATOM   1401 C  CA  . ALA B 2 64  ? 3.895   3.521   -7.505  1.00 29.62 ? 210 ALA B CA  1 
ATOM   1402 C  C   . ALA B 2 64  ? 2.402   3.601   -7.217  1.00 29.62 ? 210 ALA B C   1 
ATOM   1403 O  O   . ALA B 2 64  ? 1.656   4.252   -7.945  1.00 29.62 ? 210 ALA B O   1 
ATOM   1404 C  CB  . ALA B 2 64  ? 4.158   2.517   -8.626  1.00 29.62 ? 210 ALA B CB  1 
ATOM   1405 N  N   . GLY B 2 65  ? 1.958   2.949   -6.152  1.00 17.54 ? 211 GLY B N   1 
ATOM   1406 C  CA  . GLY B 2 65  ? 0.539   2.988   -5.848  1.00 17.54 ? 211 GLY B CA  1 
ATOM   1407 C  C   . GLY B 2 65  ? 0.177   2.438   -4.482  1.00 17.54 ? 211 GLY B C   1 
ATOM   1408 O  O   . GLY B 2 65  ? 1.039   1.973   -3.729  1.00 17.54 ? 211 GLY B O   1 
ATOM   1409 N  N   . ILE B 2 66  ? -1.112  2.509   -4.167  1.00 28.26 ? 212 ILE B N   1 
ATOM   1410 C  CA  . ILE B 2 66  ? -1.630  2.010   -2.902  1.00 28.26 ? 212 ILE B CA  1 
ATOM   1411 C  C   . ILE B 2 66  ? -2.825  1.122   -3.199  1.00 28.26 ? 212 ILE B C   1 
ATOM   1412 O  O   . ILE B 2 66  ? -3.676  1.456   -4.030  1.00 28.26 ? 212 ILE B O   1 
ATOM   1413 C  CB  . ILE B 2 66  ? -2.097  3.157   -1.983  1.00 28.26 ? 212 ILE B CB  1 
ATOM   1414 C  CG1 . ILE B 2 66  ? -0.936  4.107   -1.689  1.00 27.48 ? 212 ILE B CG1 1 
ATOM   1415 C  CG2 . ILE B 2 66  ? -2.663  2.593   -0.686  1.00 27.48 ? 212 ILE B CG2 1 
ATOM   1416 C  CD1 . ILE B 2 66  ? -1.400  5.512   -1.298  1.00 27.48 ? 212 ILE B CD1 1 
ATOM   1417 N  N   . VAL B 2 67  ? -2.895  -0.010  -2.514  1.00 25.75 ? 213 VAL B N   1 
ATOM   1418 C  CA  . VAL B 2 67  ? -3.987  -0.949  -2.715  1.00 25.75 ? 213 VAL B CA  1 
ATOM   1419 C  C   . VAL B 2 67  ? -5.307  -0.305  -2.352  1.00 25.75 ? 213 VAL B C   1 
ATOM   1420 O  O   . VAL B 2 67  ? -5.632  -0.172  -1.181  1.00 25.75 ? 213 VAL B O   1 
ATOM   1421 C  CB  . VAL B 2 67  ? -3.782  -2.198  -1.862  1.00 25.75 ? 213 VAL B CB  1 
ATOM   1422 C  CG1 . VAL B 2 67  ? -4.962  -3.138  -2.010  1.00 21.48 ? 213 VAL B CG1 1 
ATOM   1423 C  CG2 . VAL B 2 67  ? -2.496  -2.870  -2.273  1.00 21.48 ? 213 VAL B CG2 1 
ATOM   1424 N  N   . SER B 2 68  ? -6.063  0.088   -3.376  1.00 40.24 ? 214 SER B N   1 
ATOM   1425 C  CA  . SER B 2 68  ? -7.360  0.727   -3.202  1.00 40.24 ? 214 SER B CA  1 
ATOM   1426 C  C   . SER B 2 68  ? -8.518  -0.281  -3.216  1.00 40.24 ? 214 SER B C   1 
ATOM   1427 O  O   . SER B 2 68  ? -8.668  -1.094  -2.303  1.00 40.24 ? 214 SER B O   1 
ATOM   1428 C  CB  . SER B 2 68  ? -7.564  1.777   -4.301  1.00 40.24 ? 214 SER B CB  1 
ATOM   1429 O  OG  . SER B 2 68  ? -8.624  2.667   -3.992  1.00 16.22 ? 214 SER B OG  1 
ATOM   1430 N  N   . TRP B 2 69  ? -9.338  -0.229  -4.258  1.00 27.08 ? 215 TRP B N   1 
ATOM   1431 C  CA  . TRP B 2 69  ? -10.490 -1.122  -4.368  1.00 27.08 ? 215 TRP B CA  1 
ATOM   1432 C  C   . TRP B 2 69  ? -10.339 -2.101  -5.535  1.00 27.08 ? 215 TRP B C   1 
ATOM   1433 O  O   . TRP B 2 69  ? -9.539  -1.891  -6.451  1.00 27.08 ? 215 TRP B O   1 
ATOM   1434 C  CB  . TRP B 2 69  ? -11.782 -0.293  -4.541  1.00 27.08 ? 215 TRP B CB  1 
ATOM   1435 C  CG  . TRP B 2 69  ? -11.759 0.582   -5.769  1.00 31.09 ? 215 TRP B CG  1 
ATOM   1436 C  CD1 . TRP B 2 69  ? -11.299 1.859   -5.853  1.00 31.09 ? 215 TRP B CD1 1 
ATOM   1437 C  CD2 . TRP B 2 69  ? -12.165 0.216   -7.099  1.00 31.09 ? 215 TRP B CD2 1 
ATOM   1438 N  NE1 . TRP B 2 69  ? -11.380 2.315   -7.146  1.00 31.09 ? 215 TRP B NE1 1 
ATOM   1439 C  CE2 . TRP B 2 69  ? -11.910 1.327   -7.933  1.00 31.09 ? 215 TRP B CE2 1 
ATOM   1440 C  CE3 . TRP B 2 69  ? -12.715 -0.944  -7.665  1.00 31.09 ? 215 TRP B CE3 1 
ATOM   1441 C  CZ2 . TRP B 2 69  ? -12.184 1.317   -9.301  1.00 31.09 ? 215 TRP B CZ2 1 
ATOM   1442 C  CZ3 . TRP B 2 69  ? -12.987 -0.954  -9.025  1.00 31.09 ? 215 TRP B CZ3 1 
ATOM   1443 C  CH2 . TRP B 2 69  ? -12.720 0.167   -9.827  1.00 31.09 ? 215 TRP B CH2 1 
ATOM   1444 N  N   . GLY B 2 70  ? -11.120 -3.173  -5.496  1.00 40.58 ? 216 GLY B N   1 
ATOM   1445 C  CA  . GLY B 2 70  ? -11.059 -4.163  -6.556  1.00 40.58 ? 216 GLY B CA  1 
ATOM   1446 C  C   . GLY B 2 70  ? -9.736  -4.893  -6.611  1.00 40.58 ? 216 GLY B C   1 
ATOM   1447 O  O   . GLY B 2 70  ? -9.143  -4.996  -7.675  1.00 40.58 ? 216 GLY B O   1 
ATOM   1448 N  N   . SER B 2 71  ? -9.272  -5.397  -5.467  1.00 56.53 ? 217 SER B N   1 
ATOM   1449 C  CA  . SER B 2 71  ? -8.003  -6.120  -5.393  1.00 56.53 ? 217 SER B CA  1 
ATOM   1450 C  C   . SER B 2 71  ? -8.216  -7.576  -4.978  1.00 56.53 ? 217 SER B C   1 
ATOM   1451 O  O   . SER B 2 71  ? -7.505  -8.094  -4.117  1.00 56.53 ? 217 SER B O   1 
ATOM   1452 C  CB  . SER B 2 71  ? -7.067  -5.442  -4.385  1.00 56.53 ? 217 SER B CB  1 
ATOM   1453 O  OG  . SER B 2 71  ? -6.365  -4.354  -4.973  1.00 59.40 ? 217 SER B OG  1 
ATOM   1454 N  N   . GLY B 2 72  ? -9.189  -8.235  -5.603  1.00 58.02 ? 218 GLY B N   1 
ATOM   1455 C  CA  . GLY B 2 72  ? -9.486  -9.614  -5.257  1.00 58.02 ? 218 GLY B CA  1 
ATOM   1456 C  C   . GLY B 2 72  ? -8.991  -10.688 -6.205  1.00 58.02 ? 218 GLY B C   1 
ATOM   1457 O  O   . GLY B 2 72  ? -8.733  -11.807 -5.771  1.00 58.02 ? 218 GLY B O   1 
ATOM   1458 N  N   . VAL B 2 73  ? -8.846  -10.363 -7.487  1.00 49.39 ? 219 VAL B N   1 
ATOM   1459 C  CA  . VAL B 2 73  ? -8.396  -11.342 -8.483  1.00 49.39 ? 219 VAL B CA  1 
ATOM   1460 C  C   . VAL B 2 73  ? -6.939  -11.140 -8.914  1.00 49.39 ? 219 VAL B C   1 
ATOM   1461 O  O   . VAL B 2 73  ? -6.105  -12.032 -8.747  1.00 49.39 ? 219 VAL B O   1 
ATOM   1462 C  CB  . VAL B 2 73  ? -9.304  -11.297 -9.753  1.00 49.39 ? 219 VAL B CB  1 
ATOM   1463 C  CG1 . VAL B 2 73  ? -9.028  -12.497 -10.638 1.00 25.02 ? 219 VAL B CG1 1 
ATOM   1464 C  CG2 . VAL B 2 73  ? -10.775 -11.261 -9.351  1.00 25.02 ? 219 VAL B CG2 1 
ATOM   1465 N  N   . CYS B 2 74  ? -6.645  -9.974  -9.485  1.00 37.16 ? 220 CYS B N   1 
ATOM   1466 C  CA  . CYS B 2 74  ? -5.298  -9.631  -9.934  1.00 37.16 ? 220 CYS B CA  1 
ATOM   1467 C  C   . CYS B 2 74  ? -4.921  -10.233 -11.269 1.00 37.16 ? 220 CYS B C   1 
ATOM   1468 O  O   . CYS B 2 74  ? -3.750  -10.454 -11.554 1.00 37.16 ? 220 CYS B O   1 
ATOM   1469 C  CB  . CYS B 2 74  ? -4.264  -10.038 -8.885  1.00 37.16 ? 220 CYS B CB  1 
ATOM   1470 S  SG  . CYS B 2 74  ? -3.912  -8.731  -7.664  1.00 28.75 ? 220 CYS B SG  1 
ATOM   1471 N  N   . SER B 2 75  ? -5.924  -10.466 -12.101 1.00 36.72 ? 221 SER B N   1 
ATOM   1472 C  CA  . SER B 2 75  ? -5.728  -11.062 -13.418 1.00 36.72 ? 221 SER B CA  1 
ATOM   1473 C  C   . SER B 2 75  ? -5.729  -9.998  -14.515 1.00 36.72 ? 221 SER B C   1 
ATOM   1474 O  O   . SER B 2 75  ? -6.076  -8.840  -14.265 1.00 36.72 ? 221 SER B O   1 
ATOM   1475 C  CB  . SER B 2 75  ? -6.850  -12.066 -13.673 1.00 36.72 ? 221 SER B CB  1 
ATOM   1476 O  OG  . SER B 2 75  ? -8.124  -11.442 -13.516 1.00 28.30 ? 221 SER B OG  1 
ATOM   1477 N  N   . THR B 2 76  ? -5.343  -10.395 -15.727 1.00 40.64 ? 222 THR B N   1 
ATOM   1478 C  CA  . THR B 2 76  ? -5.313  -9.484  -16.873 1.00 40.64 ? 222 THR B CA  1 
ATOM   1479 C  C   . THR B 2 76  ? -6.735  -9.049  -17.259 1.00 40.64 ? 222 THR B C   1 
ATOM   1480 O  O   . THR B 2 76  ? -6.918  -8.057  -17.966 1.00 40.64 ? 222 THR B O   1 
ATOM   1481 C  CB  . THR B 2 76  ? -4.670  -10.162 -18.109 1.00 40.64 ? 222 THR B CB  1 
ATOM   1482 O  OG1 . THR B 2 76  ? -3.476  -10.845 -17.718 1.00 46.61 ? 222 THR B OG1 1 
ATOM   1483 C  CG2 . THR B 2 76  ? -4.317  -9.135  -19.172 1.00 46.61 ? 222 THR B CG2 1 
ATOM   1484 N  N   . SER B 2 77  ? -7.730  -9.808  -16.800 1.00 47.73 ? 223 SER B N   1 
ATOM   1485 C  CA  . SER B 2 77  ? -9.138  -9.531  -17.086 1.00 47.73 ? 223 SER B CA  1 
ATOM   1486 C  C   . SER B 2 77  ? -9.703  -8.642  -15.992 1.00 47.73 ? 223 SER B C   1 
ATOM   1487 O  O   . SER B 2 77  ? -10.457 -7.706  -16.254 1.00 47.73 ? 223 SER B O   1 
ATOM   1488 C  CB  . SER B 2 77  ? -9.940  -10.836 -17.118 1.00 47.73 ? 223 SER B CB  1 
ATOM   1489 O  OG  . SER B 2 77  ? -10.122 -11.303 -18.432 1.00 36.74 ? 223 SER B OG  1 
ATOM   1490 N  N   . THR B 2 78  ? -9.332  -8.967  -14.761 1.00 43.63 ? 224 THR B N   1 
ATOM   1491 C  CA  . THR B 2 78  ? -9.766  -8.238  -13.577 1.00 43.63 ? 224 THR B CA  1 
ATOM   1492 C  C   . THR B 2 78  ? -8.560  -7.681  -12.802 1.00 43.63 ? 224 THR B C   1 
ATOM   1493 O  O   . THR B 2 78  ? -8.328  -8.049  -11.652 1.00 43.63 ? 224 THR B O   1 
ATOM   1494 C  CB  . THR B 2 78  ? -10.566 -9.181  -12.675 1.00 43.63 ? 224 THR B CB  1 
ATOM   1495 O  OG1 . THR B 2 78  ? -11.392 -10.007 -13.504 1.00 49.23 ? 224 THR B OG1 1 
ATOM   1496 C  CG2 . THR B 2 78  ? -11.430 -8.408  -11.692 1.00 49.23 ? 224 THR B CG2 1 
ATOM   1497 N  N   . PRO B 2 79  ? -7.773  -6.792  -13.432 1.00 27.31 ? 225 PRO B N   1 
ATOM   1498 C  CA  . PRO B 2 79  ? -6.597  -6.207  -12.766 1.00 27.31 ? 225 PRO B CA  1 
ATOM   1499 C  C   . PRO B 2 79  ? -6.984  -5.416  -11.520 1.00 27.31 ? 225 PRO B C   1 
ATOM   1500 O  O   . PRO B 2 79  ? -8.037  -4.776  -11.495 1.00 27.31 ? 225 PRO B O   1 
ATOM   1501 C  CB  . PRO B 2 79  ? -5.969  -5.314  -13.843 1.00 27.31 ? 225 PRO B CB  1 
ATOM   1502 C  CG  . PRO B 2 79  ? -7.062  -5.065  -14.825 1.00 44.48 ? 225 PRO B CG  1 
ATOM   1503 C  CD  . PRO B 2 79  ? -7.942  -6.273  -14.802 1.00 44.48 ? 225 PRO B CD  1 
ATOM   1504 N  N   . ALA B 2 80  ? -6.144  -5.467  -10.484 1.00 23.35 ? 226 ALA B N   1 
ATOM   1505 C  CA  . ALA B 2 80  ? -6.439  -4.740  -9.248  1.00 23.35 ? 226 ALA B CA  1 
ATOM   1506 C  C   . ALA B 2 80  ? -6.347  -3.225  -9.456  1.00 23.35 ? 226 ALA B C   1 
ATOM   1507 O  O   . ALA B 2 80  ? -5.764  -2.767  -10.430 1.00 23.35 ? 226 ALA B O   1 
ATOM   1508 C  CB  . ALA B 2 80  ? -5.483  -5.170  -8.160  1.00 23.35 ? 226 ALA B CB  1 
ATOM   1509 N  N   . VAL B 2 81  ? -6.924  -2.444  -8.549  1.00 36.87 ? 227 VAL B N   1 
ATOM   1510 C  CA  . VAL B 2 81  ? -6.856  -0.987  -8.673  1.00 36.87 ? 227 VAL B CA  1 
ATOM   1511 C  C   . VAL B 2 81  ? -6.065  -0.329  -7.532  1.00 36.87 ? 227 VAL B C   1 
ATOM   1512 O  O   . VAL B 2 81  ? -6.233  -0.669  -6.362  1.00 36.87 ? 227 VAL B O   1 
ATOM   1513 C  CB  . VAL B 2 81  ? -8.262  -0.363  -8.731  1.00 36.87 ? 227 VAL B CB  1 
ATOM   1514 C  CG1 . VAL B 2 81  ? -8.141  1.138   -8.973  1.00 31.60 ? 227 VAL B CG1 1 
ATOM   1515 C  CG2 . VAL B 2 81  ? -9.088  -1.025  -9.847  1.00 31.60 ? 227 VAL B CG2 1 
ATOM   1516 N  N   . TYR B 2 82  ? -5.198  0.616   -7.890  1.00 23.72 ? 228 TYR B N   1 
ATOM   1517 C  CA  . TYR B 2 82  ? -4.363  1.316   -6.917  1.00 23.72 ? 228 TYR B CA  1 
ATOM   1518 C  C   . TYR B 2 82  ? -4.463  2.831   -7.085  1.00 23.72 ? 228 TYR B C   1 
ATOM   1519 O  O   . TYR B 2 82  ? -4.685  3.328   -8.184  1.00 23.72 ? 228 TYR B O   1 
ATOM   1520 C  CB  . TYR B 2 82  ? -2.881  0.913   -7.077  1.00 23.72 ? 228 TYR B CB  1 
ATOM   1521 C  CG  . TYR B 2 82  ? -2.588  -0.558  -6.864  1.00 34.86 ? 228 TYR B CG  1 
ATOM   1522 C  CD1 . TYR B 2 82  ? -2.297  -1.053  -5.592  1.00 34.86 ? 228 TYR B CD1 1 
ATOM   1523 C  CD2 . TYR B 2 82  ? -2.622  -1.459  -7.931  1.00 34.86 ? 228 TYR B CD2 1 
ATOM   1524 C  CE1 . TYR B 2 82  ? -2.048  -2.410  -5.384  1.00 34.86 ? 228 TYR B CE1 1 
ATOM   1525 C  CE2 . TYR B 2 82  ? -2.374  -2.818  -7.734  1.00 34.86 ? 228 TYR B CE2 1 
ATOM   1526 C  CZ  . TYR B 2 82  ? -2.088  -3.287  -6.459  1.00 34.86 ? 228 TYR B CZ  1 
ATOM   1527 O  OH  . TYR B 2 82  ? -1.832  -4.632  -6.263  1.00 34.86 ? 228 TYR B OH  1 
ATOM   1528 N  N   . SER B 2 83  ? -4.289  3.553   -5.981  1.00 22.74 ? 229 SER B N   1 
ATOM   1529 C  CA  . SER B 2 83  ? -4.310  5.010   -5.995  1.00 22.74 ? 229 SER B CA  1 
ATOM   1530 C  C   . SER B 2 83  ? -3.039  5.397   -6.721  1.00 22.74 ? 229 SER B C   1 
ATOM   1531 O  O   . SER B 2 83  ? -1.971  4.987   -6.310  1.00 22.74 ? 229 SER B O   1 
ATOM   1532 C  CB  . SER B 2 83  ? -4.262  5.547   -4.572  1.00 22.74 ? 229 SER B CB  1 
ATOM   1533 O  OG  . SER B 2 83  ? -5.083  4.782   -3.702  1.00 17.79 ? 229 SER B OG  1 
ATOM   1534 N  N   . ARG B 2 84  ? -3.124  6.161   -7.805  1.00 21.64 ? 230 ARG B N   1 
ATOM   1535 C  CA  . ARG B 2 84  ? -1.895  6.517   -8.479  1.00 21.64 ? 230 ARG B CA  1 
ATOM   1536 C  C   . ARG B 2 84  ? -1.209  7.524   -7.583  1.00 21.64 ? 230 ARG B C   1 
ATOM   1537 O  O   . ARG B 2 84  ? -1.622  8.685   -7.517  1.00 21.64 ? 230 ARG B O   1 
ATOM   1538 C  CB  . ARG B 2 84  ? -2.157  7.121   -9.857  1.00 21.64 ? 230 ARG B CB  1 
ATOM   1539 C  CG  . ARG B 2 84  ? -0.957  7.016   -10.785 1.00 25.52 ? 230 ARG B CG  1 
ATOM   1540 C  CD  . ARG B 2 84  ? -1.210  7.665   -12.118 1.00 25.52 ? 230 ARG B CD  1 
ATOM   1541 N  NE  . ARG B 2 84  ? -2.161  6.901   -12.914 1.00 25.52 ? 230 ARG B NE  1 
ATOM   1542 C  CZ  . ARG B 2 84  ? -1.823  6.013   -13.844 1.00 25.52 ? 230 ARG B CZ  1 
ATOM   1543 N  NH1 . ARG B 2 84  ? -0.538  5.767   -14.104 1.00 25.52 ? 230 ARG B NH1 1 
ATOM   1544 N  NH2 . ARG B 2 84  ? -2.777  5.372   -14.514 1.00 25.52 ? 230 ARG B NH2 1 
ATOM   1545 N  N   . VAL B 2 85  ? -0.178  7.064   -6.874  1.00 33.27 ? 231 VAL B N   1 
ATOM   1546 C  CA  . VAL B 2 85  ? 0.571   7.913   -5.955  1.00 33.27 ? 231 VAL B CA  1 
ATOM   1547 C  C   . VAL B 2 85  ? 1.189   9.102   -6.680  1.00 33.27 ? 231 VAL B C   1 
ATOM   1548 O  O   . VAL B 2 85  ? 1.102   10.239  -6.226  1.00 33.27 ? 231 VAL B O   1 
ATOM   1549 C  CB  . VAL B 2 85  ? 1.670   7.111   -5.256  1.00 33.27 ? 231 VAL B CB  1 
ATOM   1550 C  CG1 . VAL B 2 85  ? 2.776   8.044   -4.775  1.00 43.30 ? 231 VAL B CG1 1 
ATOM   1551 C  CG2 . VAL B 2 85  ? 1.071   6.342   -4.090  1.00 43.30 ? 231 VAL B CG2 1 
ATOM   1552 N  N   . THR B 2 86  ? 1.807   8.826   -7.817  1.00 43.46 ? 232 THR B N   1 
ATOM   1553 C  CA  . THR B 2 86  ? 2.432   9.856   -8.628  1.00 43.46 ? 232 THR B CA  1 
ATOM   1554 C  C   . THR B 2 86  ? 1.527   11.095  -8.731  1.00 43.46 ? 232 THR B C   1 
ATOM   1555 O  O   . THR B 2 86  ? 1.986   12.231  -8.582  1.00 43.46 ? 232 THR B O   1 
ATOM   1556 C  CB  . THR B 2 86  ? 2.741   9.275   -10.036 1.00 43.46 ? 232 THR B CB  1 
ATOM   1557 O  OG1 . THR B 2 86  ? 4.092   9.578   -10.398 1.00 39.49 ? 232 THR B OG1 1 
ATOM   1558 C  CG2 . THR B 2 86  ? 1.788   9.819   -11.084 1.00 39.49 ? 232 THR B CG2 1 
ATOM   1559 N  N   . ALA B 2 87  ? 0.238   10.859  -8.960  1.00 36.79 ? 233 ALA B N   1 
ATOM   1560 C  CA  . ALA B 2 87  ? -0.754  11.922  -9.114  1.00 36.79 ? 233 ALA B CA  1 
ATOM   1561 C  C   . ALA B 2 87  ? -1.247  12.476  -7.789  1.00 36.79 ? 233 ALA B C   1 
ATOM   1562 O  O   . ALA B 2 87  ? -1.987  13.460  -7.758  1.00 36.79 ? 233 ALA B O   1 
ATOM   1563 C  CB  . ALA B 2 87  ? -1.942  11.394  -9.932  1.00 36.79 ? 233 ALA B CB  1 
ATOM   1564 N  N   . LEU B 2 88  ? -0.847  11.845  -6.695  1.00 29.30 ? 234 LEU B N   1 
ATOM   1565 C  CA  . LEU B 2 88  ? -1.269  12.299  -5.373  1.00 29.30 ? 234 LEU B CA  1 
ATOM   1566 C  C   . LEU B 2 88  ? -0.110  12.922  -4.573  1.00 29.30 ? 234 LEU B C   1 
ATOM   1567 O  O   . LEU B 2 88  ? -0.217  13.161  -3.369  1.00 29.30 ? 234 LEU B O   1 
ATOM   1568 C  CB  . LEU B 2 88  ? -1.894  11.129  -4.609  1.00 29.30 ? 234 LEU B CB  1 
ATOM   1569 C  CG  . LEU B 2 88  ? -3.148  10.576  -5.307  1.00 32.84 ? 234 LEU B CG  1 
ATOM   1570 C  CD1 . LEU B 2 88  ? -3.349  9.100   -4.971  1.00 32.84 ? 234 LEU B CD1 1 
ATOM   1571 C  CD2 . LEU B 2 88  ? -4.365  11.393  -4.884  1.00 32.84 ? 234 LEU B CD2 1 
ATOM   1572 N  N   . MET B 2 89  ? 0.995   13.190  -5.258  1.00 32.96 ? 235 MET B N   1 
ATOM   1573 C  CA  . MET B 2 89  ? 2.168   13.780  -4.632  1.00 32.96 ? 235 MET B CA  1 
ATOM   1574 C  C   . MET B 2 89  ? 1.907   15.231  -4.204  1.00 32.96 ? 235 MET B C   1 
ATOM   1575 O  O   . MET B 2 89  ? 2.259   15.625  -3.087  1.00 32.96 ? 235 MET B O   1 
ATOM   1576 C  CB  . MET B 2 89  ? 3.365   13.713  -5.590  1.00 32.96 ? 235 MET B CB  1 
ATOM   1577 C  CG  . MET B 2 89  ? 4.267   12.507  -5.367  1.00 31.98 ? 235 MET B CG  1 
ATOM   1578 S  SD  . MET B 2 89  ? 3.897   11.631  -3.843  1.00 31.98 ? 235 MET B SD  1 
ATOM   1579 C  CE  . MET B 2 89  ? 5.224   12.151  -2.778  1.00 31.98 ? 235 MET B CE  1 
ATOM   1580 N  N   . PRO B 2 90  ? 1.288   16.045  -5.085  1.00 34.72 ? 236 PRO B N   1 
ATOM   1581 C  CA  . PRO B 2 90  ? 1.006   17.443  -4.739  1.00 34.72 ? 236 PRO B CA  1 
ATOM   1582 C  C   . PRO B 2 90  ? 0.242   17.611  -3.432  1.00 34.72 ? 236 PRO B C   1 
ATOM   1583 O  O   . PRO B 2 90  ? 0.352   18.645  -2.785  1.00 34.72 ? 236 PRO B O   1 
ATOM   1584 C  CB  . PRO B 2 90  ? 0.216   17.959  -5.934  1.00 34.72 ? 236 PRO B CB  1 
ATOM   1585 C  CG  . PRO B 2 90  ? 0.633   17.075  -7.071  1.00 29.63 ? 236 PRO B CG  1 
ATOM   1586 C  CD  . PRO B 2 90  ? 0.840   15.723  -6.453  1.00 29.63 ? 236 PRO B CD  1 
ATOM   1587 N  N   . TRP B 2 91  ? -0.520  16.599  -3.034  1.00 22.30 ? 237 TRP B N   1 
ATOM   1588 C  CA  . TRP B 2 91  ? -1.275  16.680  -1.792  1.00 22.30 ? 237 TRP B CA  1 
ATOM   1589 C  C   . TRP B 2 91  ? -0.469  16.224  -0.571  1.00 22.30 ? 237 TRP B C   1 
ATOM   1590 O  O   . TRP B 2 91  ? -0.682  16.705  0.549   1.00 22.30 ? 237 TRP B O   1 
ATOM   1591 C  CB  . TRP B 2 91  ? -2.549  15.836  -1.895  1.00 22.30 ? 237 TRP B CB  1 
ATOM   1592 C  CG  . TRP B 2 91  ? -3.276  15.702  -0.577  1.00 18.66 ? 237 TRP B CG  1 
ATOM   1593 C  CD1 . TRP B 2 91  ? -4.065  16.641  0.021   1.00 18.66 ? 237 TRP B CD1 1 
ATOM   1594 C  CD2 . TRP B 2 91  ? -3.225  14.588  0.325   1.00 18.66 ? 237 TRP B CD2 1 
ATOM   1595 N  NE1 . TRP B 2 91  ? -4.510  16.181  1.239   1.00 18.66 ? 237 TRP B NE1 1 
ATOM   1596 C  CE2 . TRP B 2 91  ? -4.009  14.923  1.448   1.00 18.66 ? 237 TRP B CE2 1 
ATOM   1597 C  CE3 . TRP B 2 91  ? -2.600  13.337  0.285   1.00 18.66 ? 237 TRP B CE3 1 
ATOM   1598 C  CZ2 . TRP B 2 91  ? -4.179  14.054  2.532   1.00 18.66 ? 237 TRP B CZ2 1 
ATOM   1599 C  CZ3 . TRP B 2 91  ? -2.769  12.470  1.363   1.00 18.66 ? 237 TRP B CZ3 1 
ATOM   1600 C  CH2 . TRP B 2 91  ? -3.553  12.833  2.472   1.00 18.66 ? 237 TRP B CH2 1 
ATOM   1601 N  N   . VAL B 2 92  ? 0.456   15.294  -0.795  1.00 27.38 ? 238 VAL B N   1 
ATOM   1602 C  CA  . VAL B 2 92  ? 1.281   14.741  0.270   1.00 27.38 ? 238 VAL B CA  1 
ATOM   1603 C  C   . VAL B 2 92  ? 2.329   15.753  0.737   1.00 27.38 ? 238 VAL B C   1 
ATOM   1604 O  O   . VAL B 2 92  ? 2.617   15.858  1.927   1.00 27.38 ? 238 VAL B O   1 
ATOM   1605 C  CB  . VAL B 2 92  ? 1.975   13.438  -0.214  1.00 27.38 ? 238 VAL B CB  1 
ATOM   1606 C  CG1 . VAL B 2 92  ? 2.975   12.940  0.831   1.00 33.21 ? 238 VAL B CG1 1 
ATOM   1607 C  CG2 . VAL B 2 92  ? 0.920   12.366  -0.493  1.00 33.21 ? 238 VAL B CG2 1 
ATOM   1608 N  N   . GLN B 2 93  ? 2.897   16.496  -0.205  1.00 30.25 ? 239 GLN B N   1 
ATOM   1609 C  CA  . GLN B 2 93  ? 3.896   17.497  0.139   1.00 30.25 ? 239 GLN B CA  1 
ATOM   1610 C  C   . GLN B 2 93  ? 3.229   18.567  0.996   1.00 30.25 ? 239 GLN B C   1 
ATOM   1611 O  O   . GLN B 2 93  ? 3.709   18.887  2.082   1.00 30.25 ? 239 GLN B O   1 
ATOM   1612 C  CB  . GLN B 2 93  ? 4.490   18.122  -1.123  1.00 30.25 ? 239 GLN B CB  1 
ATOM   1613 C  CG  . GLN B 2 93  ? 5.381   17.169  -1.884  1.00 59.93 ? 239 GLN B CG  1 
ATOM   1614 C  CD  . GLN B 2 93  ? 5.824   17.728  -3.214  1.00 59.93 ? 239 GLN B CD  1 
ATOM   1615 O  OE1 . GLN B 2 93  ? 6.336   16.999  -4.071  1.00 59.93 ? 239 GLN B OE1 1 
ATOM   1616 N  NE2 . GLN B 2 93  ? 5.636   19.031  -3.398  1.00 59.93 ? 239 GLN B NE2 1 
ATOM   1617 N  N   . GLN B 2 94  ? 2.115   19.101  0.502   1.00 25.85 ? 240 GLN B N   1 
ATOM   1618 C  CA  . GLN B 2 94  ? 1.357   20.106  1.224   1.00 25.85 ? 240 GLN B CA  1 
ATOM   1619 C  C   . GLN B 2 94  ? 1.233   19.785  2.707   1.00 25.85 ? 240 GLN B C   1 
ATOM   1620 O  O   . GLN B 2 94  ? 1.510   20.628  3.555   1.00 25.85 ? 240 GLN B O   1 
ATOM   1621 C  CB  . GLN B 2 94  ? -0.046  20.227  0.653   1.00 25.85 ? 240 GLN B CB  1 
ATOM   1622 C  CG  . GLN B 2 94  ? -0.149  21.070  -0.581  1.00 25.62 ? 240 GLN B CG  1 
ATOM   1623 C  CD  . GLN B 2 94  ? -1.551  21.042  -1.160  1.00 25.62 ? 240 GLN B CD  1 
ATOM   1624 O  OE1 . GLN B 2 94  ? -2.531  20.846  -0.437  1.00 25.62 ? 240 GLN B OE1 1 
ATOM   1625 N  NE2 . GLN B 2 94  ? -1.652  21.230  -2.473  1.00 25.62 ? 240 GLN B NE2 1 
ATOM   1626 N  N   . ILE B 2 95  ? 0.808   18.576  3.033   1.00 27.97 ? 241 ILE B N   1 
ATOM   1627 C  CA  . ILE B 2 95  ? 0.643   18.226  4.437   1.00 27.97 ? 241 ILE B CA  1 
ATOM   1628 C  C   . ILE B 2 95  ? 1.950   17.885  5.133   1.00 27.97 ? 241 ILE B C   1 
ATOM   1629 O  O   . ILE B 2 95  ? 2.080   18.078  6.345   1.00 27.97 ? 241 ILE B O   1 
ATOM   1630 C  CB  . ILE B 2 95  ? -0.370  17.059  4.627   1.00 27.97 ? 241 ILE B CB  1 
ATOM   1631 C  CG1 . ILE B 2 95  ? 0.348   15.819  5.144   1.00 36.22 ? 241 ILE B CG1 1 
ATOM   1632 C  CG2 . ILE B 2 95  ? -1.074  16.765  3.321   1.00 36.22 ? 241 ILE B CG2 1 
ATOM   1633 C  CD1 . ILE B 2 95  ? -0.537  14.956  5.988   1.00 36.22 ? 241 ILE B CD1 1 
ATOM   1634 N  N   . LEU B 2 96  ? 2.919   17.379  4.377   1.00 46.64 ? 242 LEU B N   1 
ATOM   1635 C  CA  . LEU B 2 96  ? 4.210   17.035  4.962   1.00 46.64 ? 242 LEU B CA  1 
ATOM   1636 C  C   . LEU B 2 96  ? 4.951   18.308  5.365   1.00 46.64 ? 242 LEU B C   1 
ATOM   1637 O  O   . LEU B 2 96  ? 5.854   18.266  6.202   1.00 46.64 ? 242 LEU B O   1 
ATOM   1638 C  CB  . LEU B 2 96  ? 5.064   16.210  3.982   1.00 46.64 ? 242 LEU B CB  1 
ATOM   1639 C  CG  . LEU B 2 96  ? 4.787   14.705  3.865   1.00 8.65  ? 242 LEU B CG  1 
ATOM   1640 C  CD1 . LEU B 2 96  ? 5.928   14.029  3.154   1.00 8.65  ? 242 LEU B CD1 1 
ATOM   1641 C  CD2 . LEU B 2 96  ? 4.564   14.093  5.206   1.00 8.65  ? 242 LEU B CD2 1 
ATOM   1642 N  N   . GLU B 2 97  ? 4.581   19.443  4.779   1.00 40.98 ? 243 GLU B N   1 
ATOM   1643 C  CA  . GLU B 2 97  ? 5.254   20.684  5.148   1.00 40.98 ? 243 GLU B CA  1 
ATOM   1644 C  C   . GLU B 2 97  ? 4.368   21.758  5.785   1.00 40.98 ? 243 GLU B C   1 
ATOM   1645 O  O   . GLU B 2 97  ? 4.816   22.887  5.993   1.00 40.98 ? 243 GLU B O   1 
ATOM   1646 C  CB  . GLU B 2 97  ? 6.000   21.283  3.958   1.00 40.98 ? 243 GLU B CB  1 
ATOM   1647 C  CG  . GLU B 2 97  ? 5.271   21.262  2.645   1.00 48.90 ? 243 GLU B CG  1 
ATOM   1648 C  CD  . GLU B 2 97  ? 6.020   22.055  1.595   1.00 48.90 ? 243 GLU B CD  1 
ATOM   1649 O  OE1 . GLU B 2 97  ? 6.296   23.246  1.849   1.00 48.90 ? 243 GLU B OE1 1 
ATOM   1650 O  OE2 . GLU B 2 97  ? 6.332   21.496  0.519   1.00 48.90 ? 243 GLU B OE2 1 
ATOM   1651 N  N   . ALA B 2 98  ? 3.128   21.413  6.119   1.00 28.00 ? 244 ALA B N   1 
ATOM   1652 C  CA  . ALA B 2 98  ? 2.249   22.388  6.730   1.00 28.00 ? 244 ALA B CA  1 
ATOM   1653 C  C   . ALA B 2 98  ? 1.782   21.954  8.105   1.00 28.00 ? 244 ALA B C   1 
ATOM   1654 O  O   . ALA B 2 98  ? 1.044   22.682  8.773   1.00 28.00 ? 244 ALA B O   1 
ATOM   1655 C  CB  . ALA B 2 98  ? 1.066   22.648  5.835   1.00 28.00 ? 244 ALA B CB  1 
ATOM   1656 N  N   . ASN B 2 99  ? 2.218   20.773  8.531   1.00 37.79 ? 245 ASN B N   1 
ATOM   1657 C  CA  . ASN B 2 99  ? 1.833   20.233  9.833   1.00 37.79 ? 245 ASN B CA  1 
ATOM   1658 C  C   . ASN B 2 99  ? 3.041   20.004  10.716  1.00 37.79 ? 245 ASN B C   1 
ATOM   1659 O  O   . ASN B 2 99  ? 4.177   20.208  10.234  1.00 37.79 ? 245 ASN B O   1 
ATOM   1660 C  CB  . ASN B 2 99  ? 1.097   18.903  9.669   1.00 37.79 ? 245 ASN B CB  1 
ATOM   1661 C  CG  . ASN B 2 99  ? 0.028   18.966  8.621   1.00 70.56 ? 245 ASN B CG  1 
ATOM   1662 O  OD1 . ASN B 2 99  ? -0.074  18.079  7.779   1.00 70.56 ? 245 ASN B OD1 1 
ATOM   1663 N  ND2 . ASN B 2 99  ? -0.780  20.016  8.657   1.00 70.56 ? 245 ASN B ND2 1 
HETATM 1664 CA CA  . CA  C 3 .   ? 5.447   -11.845 15.099  1.00 48.30 ? 246 CA  A CA  1 
HETATM 1665 O  O   . HOH D 4 .   ? 6.536   -4.078  -1.405  1.00 34.49 ? 302 HOH A O   1 
HETATM 1666 O  O   . HOH D 4 .   ? 3.573   -13.891 18.856  1.00 22.02 ? 303 HOH A O   1 
HETATM 1667 O  O   . HOH D 4 .   ? -13.797 10.099  -4.336  1.00 17.50 ? 304 HOH A O   1 
HETATM 1668 O  O   . HOH D 4 .   ? -19.250 2.741   -5.399  1.00 38.37 ? 306 HOH A O   1 
HETATM 1669 O  O   . HOH D 4 .   ? 7.957   -5.907  7.444   1.00 28.49 ? 308 HOH A O   1 
HETATM 1670 O  O   . HOH D 4 .   ? 8.696   -2.371  8.892   1.00 16.61 ? 309 HOH A O   1 
HETATM 1671 O  O   . HOH D 4 .   ? 9.436   12.931  -3.579  1.00 29.87 ? 310 HOH A O   1 
HETATM 1672 O  O   . HOH D 4 .   ? 10.624  -16.909 4.103   1.00 24.82 ? 311 HOH A O   1 
HETATM 1673 O  O   . HOH D 4 .   ? -5.627  15.083  -4.188  1.00 29.29 ? 312 HOH A O   1 
HETATM 1674 O  O   . HOH D 4 .   ? 16.430  -6.650  -0.106  1.00 34.08 ? 314 HOH A O   1 
HETATM 1675 O  O   . HOH D 4 .   ? 5.768   -10.285 17.592  1.00 38.92 ? 316 HOH A O   1 
HETATM 1676 O  O   . HOH E 4 .   ? -2.305  2.119   -15.670 1.00 19.10 ? 301 HOH B O   1 
HETATM 1677 O  O   . HOH E 4 .   ? -7.747  6.004   -6.174  1.00 22.95 ? 305 HOH B O   1 
HETATM 1678 O  O   . HOH E 4 .   ? -2.837  -6.335  -4.330  1.00 31.04 ? 307 HOH B O   1 
HETATM 1679 O  O   . HOH E 4 .   ? 1.121   4.137   -15.758 1.00 34.75 ? 313 HOH B O   1 
HETATM 1680 O  O   . HOH E 4 .   ? -0.591  -10.086 -5.758  1.00 23.09 ? 315 HOH B O   1 
# 
